data_5CVZ
# 
_entry.id   5CVZ 
# 
_audit_conform.dict_name       mmcif_pdbx.dic 
_audit_conform.dict_version    5.379 
_audit_conform.dict_location   http://mmcif.pdb.org/dictionaries/ascii/mmcif_pdbx.dic 
# 
loop_
_database_2.database_id 
_database_2.database_code 
_database_2.pdbx_database_accession 
_database_2.pdbx_DOI 
PDB   5CVZ         pdb_00005cvz 10.2210/pdb5cvz/pdb 
WWPDB D_1000212076 ?            ?                   
# 
loop_
_pdbx_database_related.db_name 
_pdbx_database_related.details 
_pdbx_database_related.db_id 
_pdbx_database_related.content_type 
PDB '1STM contains the same protein crystallized in a different space group' 1STM unspecified 
PDB .                                                                        5CW0 unspecified 
# 
_pdbx_database_status.status_code                     REL 
_pdbx_database_status.status_code_sf                  REL 
_pdbx_database_status.status_code_mr                  ? 
_pdbx_database_status.entry_id                        5CVZ 
_pdbx_database_status.recvd_initial_deposition_date   2015-07-27 
_pdbx_database_status.SG_entry                        N 
_pdbx_database_status.deposit_site                    RCSB 
_pdbx_database_status.process_site                    RCSB 
_pdbx_database_status.status_code_cs                  ? 
_pdbx_database_status.methods_development_category    ? 
_pdbx_database_status.pdb_format_compatible           Y 
_pdbx_database_status.status_code_nmr_data            ? 
# 
loop_
_audit_author.name 
_audit_author.pdbx_ordinal 
'Makino, D.L.'  1 
'Day, J.'       2 
'Larson, S.B.'  3 
'McPherson, A.' 4 
# 
_citation.abstract                  ? 
_citation.abstract_id_CAS           ? 
_citation.book_id_ISBN              ? 
_citation.book_publisher            ? 
_citation.book_publisher_city       ? 
_citation.book_title                ? 
_citation.coordinate_linkage        ? 
_citation.country                   US 
_citation.database_id_Medline       ? 
_citation.details                   ? 
_citation.id                        primary 
_citation.journal_abbrev            Virology 
_citation.journal_id_ASTM           VIRLAX 
_citation.journal_id_CSD            0922 
_citation.journal_id_ISSN           0042-6822 
_citation.journal_full              ? 
_citation.journal_issue             ? 
_citation.journal_volume            351 
_citation.language                  ? 
_citation.page_first                420 
_citation.page_last                 431 
_citation.title                     'Investigation of RNA structure in satellite panicum mosaic virus.' 
_citation.year                      2006 
_citation.database_id_CSD           ? 
_citation.pdbx_database_id_DOI      10.1016/j.virol.2006.03.028 
_citation.pdbx_database_id_PubMed   16677679 
_citation.unpublished_flag          ? 
# 
loop_
_citation_author.citation_id 
_citation_author.name 
_citation_author.ordinal 
_citation_author.identifier_ORCID 
primary 'Makino, D.L.'  1 ? 
primary 'Day, J.'       2 ? 
primary 'Larson, S.B.'  3 ? 
primary 'McPherson, A.' 4 ? 
# 
_cell.entry_id           5CVZ 
_cell.length_a           226.350 
_cell.length_b           226.350 
_cell.length_c           226.350 
_cell.angle_alpha        90.00 
_cell.angle_beta         90.00 
_cell.angle_gamma        90.00 
_cell.Z_PDB              240 
_cell.pdbx_unique_axis   ? 
# 
_symmetry.entry_id                         5CVZ 
_symmetry.space_group_name_H-M             'P 21 3' 
_symmetry.pdbx_full_space_group_name_H-M   ? 
_symmetry.cell_setting                     ? 
_symmetry.Int_Tables_number                198 
# 
_entity.id                         1 
_entity.type                       polymer 
_entity.src_method                 nat 
_entity.pdbx_description           'Coat protein' 
_entity.formula_weight             15107.958 
_entity.pdbx_number_of_molecules   1 
_entity.pdbx_ec                    ? 
_entity.pdbx_mutation              ? 
_entity.pdbx_fragment              'SPMV capsid protein' 
_entity.details                    ? 
# 
_entity_name_com.entity_id   1 
_entity_name_com.name        'Capsid protein' 
# 
_entity_poly.entity_id                      1 
_entity_poly.type                           'polypeptide(L)' 
_entity_poly.nstd_linkage                   no 
_entity_poly.nstd_monomer                   no 
_entity_poly.pdbx_seq_one_letter_code       
;AAATSLVYDTCYVTLTERATTSFQRQSFPTLKGMGDRAFQVVAFTIQGVSAAPLMYNARLYNPGDTDSVHATGVQLMGTV
PRTVRLTPRVGQNNWFFGNTEEAETILAIDGLVSTKGANAPSNTVIVTGCFRLAPSELQSS
;
_entity_poly.pdbx_seq_one_letter_code_can   
;AAATSLVYDTCYVTLTERATTSFQRQSFPTLKGMGDRAFQVVAFTIQGVSAAPLMYNARLYNPGDTDSVHATGVQLMGTV
PRTVRLTPRVGQNNWFFGNTEEAETILAIDGLVSTKGANAPSNTVIVTGCFRLAPSELQSS
;
_entity_poly.pdbx_strand_id                 A 
_entity_poly.pdbx_target_identifier         ? 
# 
loop_
_entity_poly_seq.entity_id 
_entity_poly_seq.num 
_entity_poly_seq.mon_id 
_entity_poly_seq.hetero 
1 1   ALA n 
1 2   ALA n 
1 3   ALA n 
1 4   THR n 
1 5   SER n 
1 6   LEU n 
1 7   VAL n 
1 8   TYR n 
1 9   ASP n 
1 10  THR n 
1 11  CYS n 
1 12  TYR n 
1 13  VAL n 
1 14  THR n 
1 15  LEU n 
1 16  THR n 
1 17  GLU n 
1 18  ARG n 
1 19  ALA n 
1 20  THR n 
1 21  THR n 
1 22  SER n 
1 23  PHE n 
1 24  GLN n 
1 25  ARG n 
1 26  GLN n 
1 27  SER n 
1 28  PHE n 
1 29  PRO n 
1 30  THR n 
1 31  LEU n 
1 32  LYS n 
1 33  GLY n 
1 34  MET n 
1 35  GLY n 
1 36  ASP n 
1 37  ARG n 
1 38  ALA n 
1 39  PHE n 
1 40  GLN n 
1 41  VAL n 
1 42  VAL n 
1 43  ALA n 
1 44  PHE n 
1 45  THR n 
1 46  ILE n 
1 47  GLN n 
1 48  GLY n 
1 49  VAL n 
1 50  SER n 
1 51  ALA n 
1 52  ALA n 
1 53  PRO n 
1 54  LEU n 
1 55  MET n 
1 56  TYR n 
1 57  ASN n 
1 58  ALA n 
1 59  ARG n 
1 60  LEU n 
1 61  TYR n 
1 62  ASN n 
1 63  PRO n 
1 64  GLY n 
1 65  ASP n 
1 66  THR n 
1 67  ASP n 
1 68  SER n 
1 69  VAL n 
1 70  HIS n 
1 71  ALA n 
1 72  THR n 
1 73  GLY n 
1 74  VAL n 
1 75  GLN n 
1 76  LEU n 
1 77  MET n 
1 78  GLY n 
1 79  THR n 
1 80  VAL n 
1 81  PRO n 
1 82  ARG n 
1 83  THR n 
1 84  VAL n 
1 85  ARG n 
1 86  LEU n 
1 87  THR n 
1 88  PRO n 
1 89  ARG n 
1 90  VAL n 
1 91  GLY n 
1 92  GLN n 
1 93  ASN n 
1 94  ASN n 
1 95  TRP n 
1 96  PHE n 
1 97  PHE n 
1 98  GLY n 
1 99  ASN n 
1 100 THR n 
1 101 GLU n 
1 102 GLU n 
1 103 ALA n 
1 104 GLU n 
1 105 THR n 
1 106 ILE n 
1 107 LEU n 
1 108 ALA n 
1 109 ILE n 
1 110 ASP n 
1 111 GLY n 
1 112 LEU n 
1 113 VAL n 
1 114 SER n 
1 115 THR n 
1 116 LYS n 
1 117 GLY n 
1 118 ALA n 
1 119 ASN n 
1 120 ALA n 
1 121 PRO n 
1 122 SER n 
1 123 ASN n 
1 124 THR n 
1 125 VAL n 
1 126 ILE n 
1 127 VAL n 
1 128 THR n 
1 129 GLY n 
1 130 CYS n 
1 131 PHE n 
1 132 ARG n 
1 133 LEU n 
1 134 ALA n 
1 135 PRO n 
1 136 SER n 
1 137 GLU n 
1 138 LEU n 
1 139 GLN n 
1 140 SER n 
1 141 SER n 
# 
_entity_src_nat.entity_id                  1 
_entity_src_nat.pdbx_src_id                1 
_entity_src_nat.pdbx_alt_source_flag       sample 
_entity_src_nat.pdbx_beg_seq_num           1 
_entity_src_nat.pdbx_end_seq_num           141 
_entity_src_nat.common_name                SPMV 
_entity_src_nat.pdbx_organism_scientific   'Panicum mosaic satellite virus' 
_entity_src_nat.pdbx_ncbi_taxonomy_id      154834 
_entity_src_nat.genus                      ? 
_entity_src_nat.species                    ? 
_entity_src_nat.strain                     ? 
_entity_src_nat.tissue                     'white perl millet leaves' 
_entity_src_nat.tissue_fraction            ? 
_entity_src_nat.pdbx_secretion             ? 
_entity_src_nat.pdbx_fragment              ? 
_entity_src_nat.pdbx_variant               ? 
_entity_src_nat.pdbx_cell_line             ? 
_entity_src_nat.pdbx_atcc                  ? 
_entity_src_nat.pdbx_cellular_location     ? 
_entity_src_nat.pdbx_organ                 ? 
_entity_src_nat.pdbx_organelle             ? 
_entity_src_nat.pdbx_cell                  ? 
_entity_src_nat.pdbx_plasmid_name          ? 
_entity_src_nat.pdbx_plasmid_details       'SPMV infected white perl millet leaves' 
_entity_src_nat.details                    'SPMV infected white perl millet leaves' 
# 
_struct_ref.db_code                    COAT_SPMV 
_struct_ref.db_name                    UNP 
_struct_ref.details                    ? 
_struct_ref.entity_id                  1 
_struct_ref.id                         1 
_struct_ref.seq_align                  ? 
_struct_ref.seq_dif                    ? 
_struct_ref.pdbx_db_accession          Q86993 
_struct_ref.pdbx_db_isoform            ? 
_struct_ref.pdbx_seq_one_letter_code   
;AAATSLVYDTCYVTLTERATTSFQRQSFPTLKGMGDRAFQVVAFTIQGVSAAPLMYNARLYNPGDTDSVHATGVQLMGTV
PRTVRLTPRVGQNNWFFGNTEEAETILAIDGLVSTKGANAPSNTVIVTGCFRLAPSELQSS
;
_struct_ref.pdbx_align_begin           17 
_struct_ref.pdbx_align_end             ? 
# 
_struct_ref_seq.align_id                      1 
_struct_ref_seq.ref_id                        1 
_struct_ref_seq.pdbx_PDB_id_code              5CVZ 
_struct_ref_seq.pdbx_strand_id                A 
_struct_ref_seq.seq_align_beg                 1 
_struct_ref_seq.pdbx_seq_align_beg_ins_code   ? 
_struct_ref_seq.seq_align_end                 141 
_struct_ref_seq.pdbx_seq_align_end_ins_code   ? 
_struct_ref_seq.pdbx_db_accession             Q86993 
_struct_ref_seq.db_align_beg                  17 
_struct_ref_seq.pdbx_db_align_beg_ins_code    ? 
_struct_ref_seq.db_align_end                  157 
_struct_ref_seq.pdbx_db_align_end_ins_code    ? 
_struct_ref_seq.pdbx_auth_seq_align_beg       17 
_struct_ref_seq.pdbx_auth_seq_align_end       157 
# 
loop_
_chem_comp.id 
_chem_comp.type 
_chem_comp.mon_nstd_flag 
_chem_comp.name 
_chem_comp.pdbx_synonyms 
_chem_comp.formula 
_chem_comp.formula_weight 
ALA 'L-peptide linking' y ALANINE         ? 'C3 H7 N O2'     89.093  
ARG 'L-peptide linking' y ARGININE        ? 'C6 H15 N4 O2 1' 175.209 
ASN 'L-peptide linking' y ASPARAGINE      ? 'C4 H8 N2 O3'    132.118 
ASP 'L-peptide linking' y 'ASPARTIC ACID' ? 'C4 H7 N O4'     133.103 
CYS 'L-peptide linking' y CYSTEINE        ? 'C3 H7 N O2 S'   121.158 
GLN 'L-peptide linking' y GLUTAMINE       ? 'C5 H10 N2 O3'   146.144 
GLU 'L-peptide linking' y 'GLUTAMIC ACID' ? 'C5 H9 N O4'     147.129 
GLY 'peptide linking'   y GLYCINE         ? 'C2 H5 N O2'     75.067  
HIS 'L-peptide linking' y HISTIDINE       ? 'C6 H10 N3 O2 1' 156.162 
ILE 'L-peptide linking' y ISOLEUCINE      ? 'C6 H13 N O2'    131.173 
LEU 'L-peptide linking' y LEUCINE         ? 'C6 H13 N O2'    131.173 
LYS 'L-peptide linking' y LYSINE          ? 'C6 H15 N2 O2 1' 147.195 
MET 'L-peptide linking' y METHIONINE      ? 'C5 H11 N O2 S'  149.211 
PHE 'L-peptide linking' y PHENYLALANINE   ? 'C9 H11 N O2'    165.189 
PRO 'L-peptide linking' y PROLINE         ? 'C5 H9 N O2'     115.130 
SER 'L-peptide linking' y SERINE          ? 'C3 H7 N O3'     105.093 
THR 'L-peptide linking' y THREONINE       ? 'C4 H9 N O3'     119.119 
TRP 'L-peptide linking' y TRYPTOPHAN      ? 'C11 H12 N2 O2'  204.225 
TYR 'L-peptide linking' y TYROSINE        ? 'C9 H11 N O3'    181.189 
VAL 'L-peptide linking' y VALINE          ? 'C5 H11 N O2'    117.146 
# 
_exptl.absorpt_coefficient_mu     ? 
_exptl.absorpt_correction_T_max   ? 
_exptl.absorpt_correction_T_min   ? 
_exptl.absorpt_correction_type    ? 
_exptl.absorpt_process_details    ? 
_exptl.entry_id                   5CVZ 
_exptl.crystals_number            1 
_exptl.details                    ? 
_exptl.method                     'X-RAY DIFFRACTION' 
_exptl.method_details             ? 
# 
_exptl_crystal.colour                      ? 
_exptl_crystal.density_diffrn              ? 
_exptl_crystal.density_Matthews            2.25 
_exptl_crystal.density_method              ? 
_exptl_crystal.density_percent_sol         45.43 
_exptl_crystal.description                 ? 
_exptl_crystal.F_000                       ? 
_exptl_crystal.id                          1 
_exptl_crystal.preparation                 
;Matthews' coeficient and solvent content include correction for disordered RNA
;
_exptl_crystal.size_max                    ? 
_exptl_crystal.size_mid                    ? 
_exptl_crystal.size_min                    ? 
_exptl_crystal.size_rad                    ? 
_exptl_crystal.colour_lustre               ? 
_exptl_crystal.colour_modifier             ? 
_exptl_crystal.colour_primary              ? 
_exptl_crystal.density_meas                ? 
_exptl_crystal.density_meas_esd            ? 
_exptl_crystal.density_meas_gt             ? 
_exptl_crystal.density_meas_lt             ? 
_exptl_crystal.density_meas_temp           ? 
_exptl_crystal.density_meas_temp_esd       ? 
_exptl_crystal.density_meas_temp_gt        ? 
_exptl_crystal.density_meas_temp_lt        ? 
_exptl_crystal.pdbx_crystal_image_url      ? 
_exptl_crystal.pdbx_crystal_image_format   ? 
_exptl_crystal.pdbx_mosaicity              ? 
_exptl_crystal.pdbx_mosaicity_esd          ? 
# 
_exptl_crystal_grow.apparatus       ? 
_exptl_crystal_grow.atmosphere      ? 
_exptl_crystal_grow.crystal_id      1 
_exptl_crystal_grow.details         ? 
_exptl_crystal_grow.method          'VAPOR DIFFUSION, SITTING DROP' 
_exptl_crystal_grow.method_ref      ? 
_exptl_crystal_grow.pH              ? 
_exptl_crystal_grow.pressure        ? 
_exptl_crystal_grow.pressure_esd    ? 
_exptl_crystal_grow.seeding         ? 
_exptl_crystal_grow.seeding_ref     ? 
_exptl_crystal_grow.temp            295 
_exptl_crystal_grow.temp_details    ? 
_exptl_crystal_grow.temp_esd        ? 
_exptl_crystal_grow.time            ? 
_exptl_crystal_grow.pdbx_details    '6%-14% PEG 3350, pH 5.0-7.0. Gluteraldehyde-treated before freezing' 
_exptl_crystal_grow.pdbx_pH_range   5.0-7.0 
# 
_diffrn.ambient_environment    ? 
_diffrn.ambient_temp           100 
_diffrn.ambient_temp_details   ? 
_diffrn.ambient_temp_esd       ? 
_diffrn.crystal_id             1 
_diffrn.crystal_support        ? 
_diffrn.crystal_treatment      ? 
_diffrn.details                ? 
_diffrn.id                     1 
_diffrn.ambient_pressure       ? 
_diffrn.ambient_pressure_esd   ? 
_diffrn.ambient_pressure_gt    ? 
_diffrn.ambient_pressure_lt    ? 
_diffrn.ambient_temp_gt        ? 
_diffrn.ambient_temp_lt        ? 
# 
_diffrn_detector.details                      ? 
_diffrn_detector.detector                     CCD 
_diffrn_detector.diffrn_id                    1 
_diffrn_detector.type                         'ADSC QUANTUM 4' 
_diffrn_detector.area_resol_mean              ? 
_diffrn_detector.dtime                        ? 
_diffrn_detector.pdbx_frames_total            ? 
_diffrn_detector.pdbx_collection_time_total   ? 
_diffrn_detector.pdbx_collection_date         2002-02 
# 
_diffrn_radiation.collimation                      ? 
_diffrn_radiation.diffrn_id                        1 
_diffrn_radiation.filter_edge                      ? 
_diffrn_radiation.inhomogeneity                    ? 
_diffrn_radiation.monochromator                    'Si(111)' 
_diffrn_radiation.polarisn_norm                    ? 
_diffrn_radiation.polarisn_ratio                   ? 
_diffrn_radiation.probe                            ? 
_diffrn_radiation.type                             ? 
_diffrn_radiation.xray_symbol                      ? 
_diffrn_radiation.wavelength_id                    1 
_diffrn_radiation.pdbx_monochromatic_or_laue_m_l   M 
_diffrn_radiation.pdbx_wavelength_list             ? 
_diffrn_radiation.pdbx_wavelength                  ? 
_diffrn_radiation.pdbx_diffrn_protocol             'SINGLE WAVELENGTH' 
_diffrn_radiation.pdbx_analyzer                    ? 
_diffrn_radiation.pdbx_scattering_type             x-ray 
# 
_diffrn_radiation_wavelength.id           1 
_diffrn_radiation_wavelength.wavelength   1.000 
_diffrn_radiation_wavelength.wt           1.0 
# 
_diffrn_source.current                     ? 
_diffrn_source.details                     ? 
_diffrn_source.diffrn_id                   1 
_diffrn_source.power                       ? 
_diffrn_source.size                        ? 
_diffrn_source.source                      SYNCHROTRON 
_diffrn_source.target                      ? 
_diffrn_source.type                        'ALS BEAMLINE 5.0.1' 
_diffrn_source.voltage                     ? 
_diffrn_source.take-off_angle              ? 
_diffrn_source.pdbx_wavelength_list        1.000 
_diffrn_source.pdbx_wavelength             ? 
_diffrn_source.pdbx_synchrotron_beamline   5.0.1 
_diffrn_source.pdbx_synchrotron_site       ALS 
# 
_reflns.pdbx_diffrn_id               1 
_reflns.pdbx_ordinal                 1 
_reflns.entry_id                     5CVZ 
_reflns.observed_criterion_sigma_I   ? 
_reflns.observed_criterion_sigma_F   ? 
_reflns.d_resolution_low             100.000 
_reflns.d_resolution_high            3.300 
_reflns.number_obs                   58624 
_reflns.number_all                   ? 
_reflns.percent_possible_obs         100.0 
_reflns.pdbx_Rmerge_I_obs            ? 
_reflns.pdbx_Rsym_value              0.12300 
_reflns.pdbx_netI_over_sigmaI        27.7250 
_reflns.B_iso_Wilson_estimate        ? 
_reflns.pdbx_redundancy              17.20 
# 
_reflns_shell.pdbx_diffrn_id         1 
_reflns_shell.pdbx_ordinal           1 
_reflns_shell.d_res_high             3.30 
_reflns_shell.d_res_low              3.36 
_reflns_shell.percent_possible_all   100.0 
_reflns_shell.Rmerge_I_obs           ? 
_reflns_shell.pdbx_Rsym_value        0.44000 
_reflns_shell.meanI_over_sigI_obs    6.480 
_reflns_shell.pdbx_redundancy        13.00 
# 
_refine.pdbx_refine_id                           'X-RAY DIFFRACTION' 
_refine.entry_id                                 5CVZ 
_refine.pdbx_diffrn_id                           1 
_refine.pdbx_TLS_residual_ADP_flag               ? 
_refine.ls_number_reflns_obs                     50688 
_refine.ls_number_reflns_all                     ? 
_refine.pdbx_ls_sigma_I                          ? 
_refine.pdbx_ls_sigma_F                          3.0 
_refine.pdbx_data_cutoff_high_absF               ? 
_refine.pdbx_data_cutoff_low_absF                ? 
_refine.pdbx_data_cutoff_high_rms_absF           ? 
_refine.ls_d_res_low                             20.00 
_refine.ls_d_res_high                            3.30 
_refine.ls_percent_reflns_obs                    87.6 
_refine.ls_R_factor_obs                          0.230 
_refine.ls_R_factor_all                          ? 
_refine.ls_R_factor_R_work                       0.230 
_refine.ls_R_factor_R_free                       0.231 
_refine.ls_R_factor_R_free_error                 ? 
_refine.ls_R_factor_R_free_error_details         ? 
_refine.ls_percent_reflns_R_free                 8.900 
_refine.ls_number_reflns_R_free                  5164 
_refine.ls_number_parameters                     ? 
_refine.ls_number_restraints                     ? 
_refine.occupancy_min                            ? 
_refine.occupancy_max                            ? 
_refine.correlation_coeff_Fo_to_Fc               ? 
_refine.correlation_coeff_Fo_to_Fc_free          ? 
_refine.B_iso_mean                               67.21 
_refine.aniso_B[1][1]                            0.00000 
_refine.aniso_B[2][2]                            0.00000 
_refine.aniso_B[3][3]                            0.00000 
_refine.aniso_B[1][2]                            0.00000 
_refine.aniso_B[1][3]                            0.00000 
_refine.aniso_B[2][3]                            0.00000 
_refine.solvent_model_details                    ? 
_refine.solvent_model_param_ksol                 0.35 
_refine.solvent_model_param_bsol                 45.45 
_refine.pdbx_solvent_vdw_probe_radii             ? 
_refine.pdbx_solvent_ion_probe_radii             ? 
_refine.pdbx_solvent_shrinkage_radii             ? 
_refine.pdbx_ls_cross_valid_method               THROUGHOUT 
_refine.details                                  ? 
_refine.pdbx_starting_model                      1STM 
_refine.pdbx_method_to_determine_struct          'MOLECULAR REPLACEMENT' 
_refine.pdbx_isotropic_thermal_model             ? 
_refine.pdbx_stereochemistry_target_values       RESIDUAL 
_refine.pdbx_stereochem_target_val_spec_case     ? 
_refine.pdbx_R_Free_selection_details            RANDOM 
_refine.pdbx_overall_ESU_R                       ? 
_refine.pdbx_overall_ESU_R_Free                  ? 
_refine.overall_SU_ML                            ? 
_refine.pdbx_overall_phase_error                 ? 
_refine.overall_SU_B                             ? 
_refine.overall_SU_R_Cruickshank_DPI             ? 
_refine.pdbx_overall_SU_R_free_Cruickshank_DPI   ? 
_refine.pdbx_overall_SU_R_Blow_DPI               ? 
_refine.pdbx_overall_SU_R_free_Blow_DPI          ? 
# 
_refine_hist.pdbx_refine_id                   'X-RAY DIFFRACTION' 
_refine_hist.cycle_id                         LAST 
_refine_hist.pdbx_number_atoms_protein        1061 
_refine_hist.pdbx_number_atoms_nucleic_acid   0 
_refine_hist.pdbx_number_atoms_ligand         0 
_refine_hist.number_atoms_solvent             0 
_refine_hist.number_atoms_total               1061 
_refine_hist.d_res_high                       3.30 
_refine_hist.d_res_low                        20.00 
# 
loop_
_refine_ls_restr.type 
_refine_ls_restr.dev_ideal 
_refine_ls_restr.dev_ideal_target 
_refine_ls_restr.weight 
_refine_ls_restr.number 
_refine_ls_restr.pdbx_refine_id 
_refine_ls_restr.pdbx_restraint_function 
c_bond_d                0.009 ? ? ? 'X-RAY DIFFRACTION' ? 
c_bond_d_na             ?     ? ? ? 'X-RAY DIFFRACTION' ? 
c_bond_d_prot           ?     ? ? ? 'X-RAY DIFFRACTION' ? 
c_angle_d               ?     ? ? ? 'X-RAY DIFFRACTION' ? 
c_angle_d_na            ?     ? ? ? 'X-RAY DIFFRACTION' ? 
c_angle_d_prot          ?     ? ? ? 'X-RAY DIFFRACTION' ? 
c_angle_deg             1.549 ? ? ? 'X-RAY DIFFRACTION' ? 
c_angle_deg_na          ?     ? ? ? 'X-RAY DIFFRACTION' ? 
c_angle_deg_prot        ?     ? ? ? 'X-RAY DIFFRACTION' ? 
c_dihedral_angle_d      ?     ? ? ? 'X-RAY DIFFRACTION' ? 
c_dihedral_angle_d_na   ?     ? ? ? 'X-RAY DIFFRACTION' ? 
c_dihedral_angle_d_prot ?     ? ? ? 'X-RAY DIFFRACTION' ? 
c_improper_angle_d      ?     ? ? ? 'X-RAY DIFFRACTION' ? 
c_improper_angle_d_na   ?     ? ? ? 'X-RAY DIFFRACTION' ? 
c_improper_angle_d_prot ?     ? ? ? 'X-RAY DIFFRACTION' ? 
c_mcbond_it             1.026 ? ? ? 'X-RAY DIFFRACTION' ? 
c_mcangle_it            1.805 ? ? ? 'X-RAY DIFFRACTION' ? 
c_scbond_it             1.859 ? ? ? 'X-RAY DIFFRACTION' ? 
c_scangle_it            3.041 ? ? ? 'X-RAY DIFFRACTION' ? 
# 
_refine_ls_shell.pdbx_refine_id                   'X-RAY DIFFRACTION' 
_refine_ls_shell.pdbx_total_number_of_bins_used   10 
_refine_ls_shell.d_res_high                       3.30 
_refine_ls_shell.d_res_low                        3.42 
_refine_ls_shell.number_reflns_R_work             3660 
_refine_ls_shell.R_factor_R_work                  0.2922 
_refine_ls_shell.percent_reflns_obs               70.70 
_refine_ls_shell.R_factor_R_free                  0.2971 
_refine_ls_shell.R_factor_R_free_error            ? 
_refine_ls_shell.percent_reflns_R_free            ? 
_refine_ls_shell.number_reflns_R_free             352 
_refine_ls_shell.number_reflns_all                ? 
_refine_ls_shell.R_factor_all                     ? 
# 
_pdbx_xplor_file.pdbx_refine_id   'X-RAY DIFFRACTION' 
_pdbx_xplor_file.serial_no        1 
_pdbx_xplor_file.param_file       CNS_TOPPAR:PROTEIN_REP.PARAM 
_pdbx_xplor_file.topol_file       CNS_TOPPAR:PROTEIN.TOP 
# 
loop_
_struct_ncs_oper.id 
_struct_ncs_oper.code 
_struct_ncs_oper.details 
_struct_ncs_oper.matrix[1][1] 
_struct_ncs_oper.matrix[1][2] 
_struct_ncs_oper.matrix[1][3] 
_struct_ncs_oper.matrix[2][1] 
_struct_ncs_oper.matrix[2][2] 
_struct_ncs_oper.matrix[2][3] 
_struct_ncs_oper.matrix[3][1] 
_struct_ncs_oper.matrix[3][2] 
_struct_ncs_oper.matrix[3][3] 
_struct_ncs_oper.vector[1] 
_struct_ncs_oper.vector[2] 
_struct_ncs_oper.vector[3] 
1  given    ? 1.000000    0.000000    0.000000    0.000000    1.000000    0.000000    0.000000    0.000000    1.000000    0.00000  0.00000   0.00000   
2  generate ? 0.30910482  -0.35485571 -0.88234422 0.34037957  0.90760050  -0.24577099 0.88802982  -0.22436312 0.40132968  25.33706 -6.02763  -16.12940 
3  generate ? -0.80878809 -0.23379133 -0.53963281 0.19588735  0.75809577  -0.62202875 0.55451802  -0.60879642 -0.56734168 49.53932 1.09001   1.25003   
4  generate ? -0.80878728 0.19588661  0.55451962  -0.23379153 0.75809574  -0.60879555 -0.53963356 -0.62202739 -0.56734145 39.16014 11.51650  28.12031  
5  generate ? 0.30910465  0.34037781  0.88802968  -0.35485670 0.90760065  -0.22436058 -0.88234375 -0.24577246 0.40132970  8.54317  10.84290  27.34773  
6  generate ? -0.98528211 0.16843176  0.02915457  0.16843229  0.92753500  0.33363022  0.02915223  0.33363072  -0.94225289 58.36636 -18.52944 77.58721  
7  generate ? -0.22133584 0.49596160  0.83966189  0.66405015  0.70720876  -0.24268087 -0.71417639 0.50386351  -0.48587492 31.91674 -25.23392 91.51277  
8  generate ? 0.84604308  0.34028963  0.41038180  0.23046980  0.46067021  -0.85712663 -0.48072232 0.81974734  0.31132071  9.77619  -8.75750  78.21727  
9  generate ? 0.74177419  -0.08345127 -0.66543739 -0.53311276 0.52862707  -0.66056359 0.40689272  0.84474255  0.34763274  22.54207 8.13012   56.07475  
10 generate ? -0.39004614 -0.18966535 -0.90104923 -0.57145502 0.81716585  0.07536293  0.72201312  0.54430401  -0.42711771 52.57252 2.09066   55.68529  
11 generate ? -0.25437701 0.86703602  0.42841582  0.86703639  0.00821999  0.49817772  0.42841670  0.49817743  -0.75384298 65.74746 -91.46410 70.67853  
12 generate ? 0.59693787  0.78106951  0.18329167  0.71319846  -0.41198437 -0.56711157 -0.36744068 0.46925413  -0.80298750 47.16613 -77.58077 90.68954  
13 generate ? 0.61314328  0.45594773  -0.64510964 -0.42339052 -0.49976288 -0.75563120 -0.66692973 0.73644358  -0.11338240 54.62643 -47.88004 91.50271  
14 generate ? -0.22815611 0.34097931  -0.91196310 -0.97200294 -0.13380743 0.19314728  -0.05616849 0.93049906  0.36196254  77.81844 -43.40732 71.99438  
15 generate ? -0.76431294 0.59504525  -0.24848898 -0.17447661 0.18014295  0.96804337  0.62079277  0.78324318  -0.03386401 84.69176 -70.34381 59.12433  
16 generate ? 0.40915783  0.90429469  -0.12182321 -0.83836764 0.31986687  -0.44139042 -0.36017939 0.28273076  0.88900730  68.07437 -2.35843  27.96408  
17 generate ? 0.32609411  0.70287747  -0.63215998 -0.54223489 0.68684367  0.48397029  0.77436737  0.18495945  0.60510022  74.95553 -18.40897 2.79497   
18 generate ? -0.22133710 0.66404989  -0.71417531 0.49596173  0.70720823  0.50386349  0.83966197  -0.24267997 -0.48587513 89.17726 -44.09379 11.54052  
19 generate ? -0.47659944 0.84146811  -0.25452818 0.84146735  0.35282179  -0.40920496 -0.25452994 -0.40920438 -0.87622235 91.08578 -43.91727 42.11462  
20 generate ? -0.08693088 0.98994756  0.11156620  0.01680671  0.11343191  -0.99340421 -0.99607262 -0.08448255 -0.02649903 78.04348 -18.12343 52.26495  
# 
_struct.entry_id                     5CVZ 
_struct.title                        'Investigation of RNA structure in satellite panicum mosaic virus - glutaraldehyde treated' 
_struct.pdbx_model_details           'SPMV capsid protein' 
_struct.pdbx_formula_weight          ? 
_struct.pdbx_formula_weight_method   ? 
_struct.pdbx_model_type_details      ? 
_struct.pdbx_CASP_flag               ? 
# 
_struct_keywords.entry_id        5CVZ 
_struct_keywords.text            'capsid protein, satellite virus, glutaraldehyde cross-linked, VIRUS' 
_struct_keywords.pdbx_keywords   VIRUS 
# 
_struct_asym.id                            A 
_struct_asym.pdbx_blank_PDB_chainid_flag   N 
_struct_asym.pdbx_modified                 N 
_struct_asym.entity_id                     1 
_struct_asym.details                       ? 
# 
_struct_conf.conf_type_id            HELX_P 
_struct_conf.id                      HELX_P1 
_struct_conf.pdbx_PDB_helix_id       AA1 
_struct_conf.beg_label_comp_id       PHE 
_struct_conf.beg_label_asym_id       A 
_struct_conf.beg_label_seq_id        28 
_struct_conf.pdbx_beg_PDB_ins_code   ? 
_struct_conf.end_label_comp_id       MET 
_struct_conf.end_label_asym_id       A 
_struct_conf.end_label_seq_id        34 
_struct_conf.pdbx_end_PDB_ins_code   ? 
_struct_conf.beg_auth_comp_id        PHE 
_struct_conf.beg_auth_asym_id        A 
_struct_conf.beg_auth_seq_id         44 
_struct_conf.end_auth_comp_id        MET 
_struct_conf.end_auth_asym_id        A 
_struct_conf.end_auth_seq_id         50 
_struct_conf.pdbx_PDB_helix_class    1 
_struct_conf.details                 ? 
_struct_conf.pdbx_PDB_helix_length   7 
# 
_struct_conf_type.id          HELX_P 
_struct_conf_type.criteria    ? 
_struct_conf_type.reference   ? 
# 
loop_
_struct_sheet.id 
_struct_sheet.type 
_struct_sheet.number_strands 
_struct_sheet.details 
AA1 ? 4 ? 
AA2 ? 4 ? 
AA3 ? 4 ? 
# 
loop_
_struct_sheet_order.sheet_id 
_struct_sheet_order.range_id_1 
_struct_sheet_order.range_id_2 
_struct_sheet_order.offset 
_struct_sheet_order.sense 
AA1 1 2 ? anti-parallel 
AA1 2 3 ? anti-parallel 
AA1 3 4 ? anti-parallel 
AA2 1 2 ? anti-parallel 
AA2 2 3 ? anti-parallel 
AA2 3 4 ? anti-parallel 
AA3 1 2 ? anti-parallel 
AA3 2 3 ? anti-parallel 
AA3 3 4 ? anti-parallel 
# 
loop_
_struct_sheet_range.sheet_id 
_struct_sheet_range.id 
_struct_sheet_range.beg_label_comp_id 
_struct_sheet_range.beg_label_asym_id 
_struct_sheet_range.beg_label_seq_id 
_struct_sheet_range.pdbx_beg_PDB_ins_code 
_struct_sheet_range.end_label_comp_id 
_struct_sheet_range.end_label_asym_id 
_struct_sheet_range.end_label_seq_id 
_struct_sheet_range.pdbx_end_PDB_ins_code 
_struct_sheet_range.beg_auth_comp_id 
_struct_sheet_range.beg_auth_asym_id 
_struct_sheet_range.beg_auth_seq_id 
_struct_sheet_range.end_auth_comp_id 
_struct_sheet_range.end_auth_asym_id 
_struct_sheet_range.end_auth_seq_id 
AA1 1 SER A 5   ? VAL A 13  ? SER A 21  VAL A 29  
AA1 2 ASN A 123 ? LEU A 133 ? ASN A 139 LEU A 149 
AA1 3 PHE A 39  ? SER A 50  ? PHE A 55  SER A 66  
AA1 4 ARG A 82  ? LEU A 86  ? ARG A 98  LEU A 102 
AA2 1 THR A 20  ? GLN A 24  ? THR A 36  GLN A 40  
AA2 2 THR A 105 ? LEU A 112 ? THR A 121 LEU A 128 
AA2 3 MET A 55  ? LEU A 60  ? MET A 71  LEU A 76  
AA2 4 HIS A 70  ? ALA A 71  ? HIS A 86  ALA A 87  
AA3 1 THR A 20  ? GLN A 24  ? THR A 36  GLN A 40  
AA3 2 THR A 105 ? LEU A 112 ? THR A 121 LEU A 128 
AA3 3 MET A 55  ? LEU A 60  ? MET A 71  LEU A 76  
AA3 4 GLN A 75  ? LEU A 76  ? GLN A 91  LEU A 92  
# 
loop_
_pdbx_struct_sheet_hbond.sheet_id 
_pdbx_struct_sheet_hbond.range_id_1 
_pdbx_struct_sheet_hbond.range_id_2 
_pdbx_struct_sheet_hbond.range_1_label_atom_id 
_pdbx_struct_sheet_hbond.range_1_label_comp_id 
_pdbx_struct_sheet_hbond.range_1_label_asym_id 
_pdbx_struct_sheet_hbond.range_1_label_seq_id 
_pdbx_struct_sheet_hbond.range_1_PDB_ins_code 
_pdbx_struct_sheet_hbond.range_1_auth_atom_id 
_pdbx_struct_sheet_hbond.range_1_auth_comp_id 
_pdbx_struct_sheet_hbond.range_1_auth_asym_id 
_pdbx_struct_sheet_hbond.range_1_auth_seq_id 
_pdbx_struct_sheet_hbond.range_2_label_atom_id 
_pdbx_struct_sheet_hbond.range_2_label_comp_id 
_pdbx_struct_sheet_hbond.range_2_label_asym_id 
_pdbx_struct_sheet_hbond.range_2_label_seq_id 
_pdbx_struct_sheet_hbond.range_2_PDB_ins_code 
_pdbx_struct_sheet_hbond.range_2_auth_atom_id 
_pdbx_struct_sheet_hbond.range_2_auth_comp_id 
_pdbx_struct_sheet_hbond.range_2_auth_asym_id 
_pdbx_struct_sheet_hbond.range_2_auth_seq_id 
AA1 1 2 N VAL A 7   ? N VAL A 23  O PHE A 131 ? O PHE A 147 
AA1 2 3 O CYS A 130 ? O CYS A 146 N VAL A 42  ? N VAL A 58  
AA1 3 4 N PHE A 44  ? N PHE A 60  O LEU A 86  ? O LEU A 102 
AA2 1 2 N PHE A 23  ? N PHE A 39  O LEU A 107 ? O LEU A 123 
AA2 2 3 O ALA A 108 ? O ALA A 124 N ARG A 59  ? N ARG A 75  
AA2 3 4 N LEU A 60  ? N LEU A 76  O HIS A 70  ? O HIS A 86  
AA3 1 2 N PHE A 23  ? N PHE A 39  O LEU A 107 ? O LEU A 123 
AA3 2 3 O ALA A 108 ? O ALA A 124 N ARG A 59  ? N ARG A 75  
AA3 3 4 N TYR A 56  ? N TYR A 72  O GLN A 75  ? O GLN A 91  
# 
_atom_sites.entry_id                    5CVZ 
_atom_sites.fract_transf_matrix[1][1]   0.00129210 
_atom_sites.fract_transf_matrix[1][2]   0.00388188 
_atom_sites.fract_transf_matrix[1][3]   -0.00166740 
_atom_sites.fract_transf_matrix[2][1]   -0.00278245 
_atom_sites.fract_transf_matrix[2][2]   -0.00053019 
_atom_sites.fract_transf_matrix[2][3]   -0.00339051 
_atom_sites.fract_transf_matrix[3][1]   -0.00317918 
_atom_sites.fract_transf_matrix[3][2]   0.00204172 
_atom_sites.fract_transf_matrix[3][3]   0.00228975 
_atom_sites.fract_transf_vector[1]      0.244248 
_atom_sites.fract_transf_vector[2]      0.159271 
_atom_sites.fract_transf_vector[3]      0.134036 
# 
loop_
_atom_type.symbol 
C 
N 
O 
S 
# 
loop_
_atom_site.group_PDB 
_atom_site.id 
_atom_site.type_symbol 
_atom_site.label_atom_id 
_atom_site.label_alt_id 
_atom_site.label_comp_id 
_atom_site.label_asym_id 
_atom_site.label_entity_id 
_atom_site.label_seq_id 
_atom_site.pdbx_PDB_ins_code 
_atom_site.Cartn_x 
_atom_site.Cartn_y 
_atom_site.Cartn_z 
_atom_site.occupancy 
_atom_site.B_iso_or_equiv 
_atom_site.pdbx_formal_charge 
_atom_site.auth_seq_id 
_atom_site.auth_comp_id 
_atom_site.auth_asym_id 
_atom_site.auth_atom_id 
_atom_site.pdbx_PDB_model_num 
ATOM 1    N N   . ALA A 1 1   ? -10.686 -28.070 -8.097  1.00 114.75 ? 17  ALA A N   1 
ATOM 2    C CA  . ALA A 1 1   ? -9.842  -27.303 -7.137  1.00 115.32 ? 17  ALA A CA  1 
ATOM 3    C C   . ALA A 1 1   ? -8.715  -26.558 -7.869  1.00 116.00 ? 17  ALA A C   1 
ATOM 4    O O   . ALA A 1 1   ? -7.939  -27.180 -8.600  1.00 117.54 ? 17  ALA A O   1 
ATOM 5    C CB  . ALA A 1 1   ? -9.251  -28.265 -6.096  1.00 114.21 ? 17  ALA A CB  1 
ATOM 6    N N   . ALA A 1 2   ? -8.636  -25.234 -7.681  1.00 115.41 ? 18  ALA A N   1 
ATOM 7    C CA  . ALA A 1 2   ? -7.594  -24.382 -8.301  1.00 113.87 ? 18  ALA A CA  1 
ATOM 8    C C   . ALA A 1 2   ? -6.803  -23.607 -7.211  1.00 113.05 ? 18  ALA A C   1 
ATOM 9    O O   . ALA A 1 2   ? -7.368  -22.748 -6.525  1.00 113.81 ? 18  ALA A O   1 
ATOM 10   C CB  . ALA A 1 2   ? -8.234  -23.399 -9.305  1.00 111.65 ? 18  ALA A CB  1 
ATOM 11   N N   . ALA A 1 3   ? -5.504  -23.912 -7.068  1.00 110.83 ? 19  ALA A N   1 
ATOM 12   C CA  . ALA A 1 3   ? -4.618  -23.299 -6.051  1.00 107.45 ? 19  ALA A CA  1 
ATOM 13   C C   . ALA A 1 3   ? -4.491  -21.768 -6.090  1.00 105.05 ? 19  ALA A C   1 
ATOM 14   O O   . ALA A 1 3   ? -4.562  -21.160 -7.167  1.00 106.30 ? 19  ALA A O   1 
ATOM 15   C CB  . ALA A 1 3   ? -3.215  -23.936 -6.131  1.00 106.09 ? 19  ALA A CB  1 
ATOM 16   N N   . THR A 1 4   ? -4.299  -21.145 -4.921  1.00 100.37 ? 20  THR A N   1 
ATOM 17   C CA  . THR A 1 4   ? -4.156  -19.688 -4.868  1.00 94.18  ? 20  THR A CA  1 
ATOM 18   C C   . THR A 1 4   ? -2.752  -19.257 -5.286  1.00 89.77  ? 20  THR A C   1 
ATOM 19   O O   . THR A 1 4   ? -1.743  -19.861 -4.894  1.00 87.90  ? 20  THR A O   1 
ATOM 20   C CB  . THR A 1 4   ? -4.481  -19.083 -3.458  1.00 93.75  ? 20  THR A CB  1 
ATOM 21   O OG1 . THR A 1 4   ? -3.688  -19.725 -2.454  1.00 93.27  ? 20  THR A OG1 1 
ATOM 22   C CG2 . THR A 1 4   ? -5.966  -19.230 -3.134  1.00 91.98  ? 20  THR A CG2 1 
ATOM 23   N N   . SER A 1 5   ? -2.717  -18.215 -6.108  1.00 84.28  ? 21  SER A N   1 
ATOM 24   C CA  . SER A 1 5   ? -1.480  -17.661 -6.619  1.00 78.13  ? 21  SER A CA  1 
ATOM 25   C C   . SER A 1 5   ? -0.998  -16.615 -5.625  1.00 74.60  ? 21  SER A C   1 
ATOM 26   O O   . SER A 1 5   ? -1.768  -16.132 -4.792  1.00 73.07  ? 21  SER A O   1 
ATOM 27   C CB  . SER A 1 5   ? -1.742  -17.013 -7.981  1.00 77.36  ? 21  SER A CB  1 
ATOM 28   O OG  . SER A 1 5   ? -2.659  -17.781 -8.745  1.00 75.22  ? 21  SER A OG  1 
ATOM 29   N N   . LEU A 1 6   ? 0.283   -16.281 -5.698  1.00 71.20  ? 22  LEU A N   1 
ATOM 30   C CA  . LEU A 1 6   ? 0.848   -15.274 -4.816  1.00 68.57  ? 22  LEU A CA  1 
ATOM 31   C C   . LEU A 1 6   ? 1.705   -14.318 -5.632  1.00 67.92  ? 22  LEU A C   1 
ATOM 32   O O   . LEU A 1 6   ? 2.617   -14.741 -6.344  1.00 66.98  ? 22  LEU A O   1 
ATOM 33   C CB  . LEU A 1 6   ? 1.707   -15.910 -3.738  1.00 66.81  ? 22  LEU A CB  1 
ATOM 34   C CG  . LEU A 1 6   ? 2.147   -14.846 -2.741  1.00 65.96  ? 22  LEU A CG  1 
ATOM 35   C CD1 . LEU A 1 6   ? 1.002   -14.567 -1.786  1.00 65.57  ? 22  LEU A CD1 1 
ATOM 36   C CD2 . LEU A 1 6   ? 3.367   -15.299 -1.990  1.00 65.37  ? 22  LEU A CD2 1 
ATOM 37   N N   . VAL A 1 7   ? 1.424   -13.026 -5.513  1.00 67.37  ? 23  VAL A N   1 
ATOM 38   C CA  . VAL A 1 7   ? 2.163   -12.051 -6.283  1.00 66.57  ? 23  VAL A CA  1 
ATOM 39   C C   . VAL A 1 7   ? 2.676   -10.854 -5.523  1.00 66.71  ? 23  VAL A C   1 
ATOM 40   O O   . VAL A 1 7   ? 2.071   -10.401 -4.547  1.00 65.72  ? 23  VAL A O   1 
ATOM 41   C CB  . VAL A 1 7   ? 1.315   -11.516 -7.424  1.00 66.16  ? 23  VAL A CB  1 
ATOM 42   C CG1 . VAL A 1 7   ? 2.179   -10.701 -8.365  1.00 67.45  ? 23  VAL A CG1 1 
ATOM 43   C CG2 . VAL A 1 7   ? 0.648   -12.660 -8.148  1.00 66.81  ? 23  VAL A CG2 1 
ATOM 44   N N   . TYR A 1 8   ? 3.806   -10.348 -6.008  1.00 67.66  ? 24  TYR A N   1 
ATOM 45   C CA  . TYR A 1 8   ? 4.445   -9.168  -5.457  1.00 69.05  ? 24  TYR A CA  1 
ATOM 46   C C   . TYR A 1 8   ? 4.347   -8.056  -6.492  1.00 69.61  ? 24  TYR A C   1 
ATOM 47   O O   . TYR A 1 8   ? 4.819   -8.200  -7.626  1.00 69.67  ? 24  TYR A O   1 
ATOM 48   C CB  . TYR A 1 8   ? 5.919   -9.427  -5.151  1.00 69.62  ? 24  TYR A CB  1 
ATOM 49   C CG  . TYR A 1 8   ? 6.159   -10.437 -4.059  1.00 71.23  ? 24  TYR A CG  1 
ATOM 50   C CD1 . TYR A 1 8   ? 6.329   -11.790 -4.357  1.00 71.91  ? 24  TYR A CD1 1 
ATOM 51   C CD2 . TYR A 1 8   ? 6.210   -10.042 -2.721  1.00 71.40  ? 24  TYR A CD2 1 
ATOM 52   C CE1 . TYR A 1 8   ? 6.550   -12.728 -3.348  1.00 72.53  ? 24  TYR A CE1 1 
ATOM 53   C CE2 . TYR A 1 8   ? 6.428   -10.970 -1.706  1.00 72.22  ? 24  TYR A CE2 1 
ATOM 54   C CZ  . TYR A 1 8   ? 6.597   -12.311 -2.026  1.00 72.71  ? 24  TYR A CZ  1 
ATOM 55   O OH  . TYR A 1 8   ? 6.813   -13.230 -1.023  1.00 73.34  ? 24  TYR A OH  1 
ATOM 56   N N   . ASP A 1 9   ? 3.703   -6.959  -6.104  1.00 70.23  ? 25  ASP A N   1 
ATOM 57   C CA  . ASP A 1 9   ? 3.567   -5.806  -6.981  1.00 70.28  ? 25  ASP A CA  1 
ATOM 58   C C   . ASP A 1 9   ? 4.231   -4.647  -6.280  1.00 69.94  ? 25  ASP A C   1 
ATOM 59   O O   . ASP A 1 9   ? 4.358   -4.640  -5.051  1.00 68.86  ? 25  ASP A O   1 
ATOM 60   C CB  . ASP A 1 9   ? 2.103   -5.478  -7.262  1.00 70.82  ? 25  ASP A CB  1 
ATOM 61   C CG  . ASP A 1 9   ? 1.728   -5.719  -8.709  1.00 70.93  ? 25  ASP A CG  1 
ATOM 62   O OD1 . ASP A 1 9   ? 2.659   -5.791  -9.551  1.00 70.84  ? 25  ASP A OD1 1 
ATOM 63   O OD2 . ASP A 1 9   ? 0.515   -5.827  -9.003  1.00 69.98  ? 25  ASP A OD2 1 
ATOM 64   N N   . THR A 1 10  ? 4.633   -3.646  -7.047  1.00 69.84  ? 26  THR A N   1 
ATOM 65   C CA  . THR A 1 10  ? 5.325   -2.542  -6.422  1.00 69.30  ? 26  THR A CA  1 
ATOM 66   C C   . THR A 1 10  ? 5.309   -1.194  -7.168  1.00 69.66  ? 26  THR A C   1 
ATOM 67   O O   . THR A 1 10  ? 5.658   -1.146  -8.339  1.00 70.77  ? 26  THR A O   1 
ATOM 68   C CB  . THR A 1 10  ? 6.800   -2.995  -6.145  1.00 67.25  ? 26  THR A CB  1 
ATOM 69   O OG1 . THR A 1 10  ? 7.560   -1.903  -5.628  1.00 67.22  ? 26  THR A OG1 1 
ATOM 70   C CG2 . THR A 1 10  ? 7.462   -3.484  -7.413  1.00 64.36  ? 26  THR A CG2 1 
ATOM 71   N N   . CYS A 1 11  ? 4.870   -0.119  -6.501  1.00 69.46  ? 27  CYS A N   1 
ATOM 72   C CA  . CYS A 1 11  ? 4.898   1.235   -7.081  1.00 69.47  ? 27  CYS A CA  1 
ATOM 73   C C   . CYS A 1 11  ? 5.759   2.019   -6.088  1.00 70.17  ? 27  CYS A C   1 
ATOM 74   O O   . CYS A 1 11  ? 6.282   1.452   -5.119  1.00 69.59  ? 27  CYS A O   1 
ATOM 75   C CB  . CYS A 1 11  ? 3.490   1.879   -7.215  1.00 67.97  ? 27  CYS A CB  1 
ATOM 76   S SG  . CYS A 1 11  ? 3.324   3.143   -8.591  1.00 66.61  ? 27  CYS A SG  1 
ATOM 77   N N   . TYR A 1 12  ? 5.925   3.311   -6.322  1.00 71.23  ? 28  TYR A N   1 
ATOM 78   C CA  . TYR A 1 12  ? 6.743   4.127   -5.429  1.00 72.39  ? 28  TYR A CA  1 
ATOM 79   C C   . TYR A 1 12  ? 6.189   5.536   -5.430  1.00 72.89  ? 28  TYR A C   1 
ATOM 80   O O   . TYR A 1 12  ? 5.135   5.782   -6.025  1.00 73.11  ? 28  TYR A O   1 
ATOM 81   C CB  . TYR A 1 12  ? 8.184   4.146   -5.920  1.00 72.83  ? 28  TYR A CB  1 
ATOM 82   C CG  . TYR A 1 12  ? 8.322   4.664   -7.336  1.00 74.26  ? 28  TYR A CG  1 
ATOM 83   C CD1 . TYR A 1 12  ? 8.349   6.031   -7.600  1.00 74.61  ? 28  TYR A CD1 1 
ATOM 84   C CD2 . TYR A 1 12  ? 8.393   3.783   -8.417  1.00 74.85  ? 28  TYR A CD2 1 
ATOM 85   C CE1 . TYR A 1 12  ? 8.441   6.510   -8.908  1.00 75.18  ? 28  TYR A CE1 1 
ATOM 86   C CE2 . TYR A 1 12  ? 8.485   4.251   -9.729  1.00 75.18  ? 28  TYR A CE2 1 
ATOM 87   C CZ  . TYR A 1 12  ? 8.510   5.613   -9.967  1.00 75.16  ? 28  TYR A CZ  1 
ATOM 88   O OH  . TYR A 1 12  ? 8.625   6.069   -11.262 1.00 74.98  ? 28  TYR A OH  1 
ATOM 89   N N   . VAL A 1 13  ? 6.894   6.463   -4.781  1.00 73.63  ? 29  VAL A N   1 
ATOM 90   C CA  . VAL A 1 13  ? 6.413   7.842   -4.742  1.00 74.71  ? 29  VAL A CA  1 
ATOM 91   C C   . VAL A 1 13  ? 7.254   8.806   -3.898  1.00 73.06  ? 29  VAL A C   1 
ATOM 92   O O   . VAL A 1 13  ? 8.156   8.393   -3.167  1.00 73.02  ? 29  VAL A O   1 
ATOM 93   C CB  . VAL A 1 13  ? 4.968   7.883   -4.182  1.00 77.50  ? 29  VAL A CB  1 
ATOM 94   C CG1 . VAL A 1 13  ? 4.998   7.513   -2.701  1.00 78.99  ? 29  VAL A CG1 1 
ATOM 95   C CG2 . VAL A 1 13  ? 4.314   9.272   -4.435  1.00 79.98  ? 29  VAL A CG2 1 
ATOM 96   N N   . THR A 1 14  ? 6.957   10.100  -4.035  1.00 71.03  ? 30  THR A N   1 
ATOM 97   C CA  . THR A 1 14  ? 7.592   11.154  -3.246  1.00 68.73  ? 30  THR A CA  1 
ATOM 98   C C   . THR A 1 14  ? 6.485   11.621  -2.315  1.00 68.33  ? 30  THR A C   1 
ATOM 99   O O   . THR A 1 14  ? 5.375   11.907  -2.757  1.00 68.03  ? 30  THR A O   1 
ATOM 100  C CB  . THR A 1 14  ? 8.032   12.344  -4.096  1.00 67.13  ? 30  THR A CB  1 
ATOM 101  O OG1 . THR A 1 14  ? 9.024   11.907  -5.020  1.00 67.72  ? 30  THR A OG1 1 
ATOM 102  C CG2 . THR A 1 14  ? 8.643   13.435  -3.228  1.00 65.85  ? 30  THR A CG2 1 
ATOM 103  N N   . LEU A 1 15  ? 6.766   11.694  -1.026  1.00 68.43  ? 31  LEU A N   1 
ATOM 104  C CA  . LEU A 1 15  ? 5.736   12.111  -0.089  1.00 68.93  ? 31  LEU A CA  1 
ATOM 105  C C   . LEU A 1 15  ? 5.675   13.633  0.050   1.00 69.19  ? 31  LEU A C   1 
ATOM 106  O O   . LEU A 1 15  ? 6.674   14.316  -0.202  1.00 68.85  ? 31  LEU A O   1 
ATOM 107  C CB  . LEU A 1 15  ? 5.997   11.468  1.272   1.00 68.90  ? 31  LEU A CB  1 
ATOM 108  C CG  . LEU A 1 15  ? 5.985   9.943   1.368   1.00 68.25  ? 31  LEU A CG  1 
ATOM 109  C CD1 . LEU A 1 15  ? 6.311   9.523   2.791   1.00 68.97  ? 31  LEU A CD1 1 
ATOM 110  C CD2 . LEU A 1 15  ? 4.623   9.424   0.966   1.00 67.36  ? 31  LEU A CD2 1 
ATOM 111  N N   . THR A 1 16  ? 4.503   14.149  0.445   1.00 69.34  ? 32  THR A N   1 
ATOM 112  C CA  . THR A 1 16  ? 4.284   15.594  0.642   1.00 69.38  ? 32  THR A CA  1 
ATOM 113  C C   . THR A 1 16  ? 3.880   15.919  2.079   1.00 68.76  ? 32  THR A C   1 
ATOM 114  O O   . THR A 1 16  ? 2.961   15.306  2.623   1.00 67.68  ? 32  THR A O   1 
ATOM 115  C CB  . THR A 1 16  ? 3.212   16.131  -0.282  1.00 69.79  ? 32  THR A CB  1 
ATOM 116  O OG1 . THR A 1 16  ? 3.660   16.020  -1.641  1.00 70.34  ? 32  THR A OG1 1 
ATOM 117  C CG2 . THR A 1 16  ? 2.934   17.585  0.052   1.00 69.64  ? 32  THR A CG2 1 
ATOM 118  N N   . GLU A 1 17  ? 4.536   16.931  2.650   1.00 69.06  ? 33  GLU A N   1 
ATOM 119  C CA  . GLU A 1 17  ? 4.360   17.287  4.055   1.00 70.23  ? 33  GLU A CA  1 
ATOM 120  C C   . GLU A 1 17  ? 3.020   17.137  4.729   1.00 70.20  ? 33  GLU A C   1 
ATOM 121  O O   . GLU A 1 17  ? 2.914   16.404  5.702   1.00 73.72  ? 33  GLU A O   1 
ATOM 122  C CB  . GLU A 1 17  ? 4.933   18.674  4.377   1.00 70.79  ? 33  GLU A CB  1 
ATOM 123  C CG  . GLU A 1 17  ? 4.342   19.810  3.624   1.00 74.13  ? 33  GLU A CG  1 
ATOM 124  C CD  . GLU A 1 17  ? 4.999   20.009  2.277   1.00 76.75  ? 33  GLU A CD  1 
ATOM 125  O OE1 . GLU A 1 17  ? 6.009   19.328  1.978   1.00 77.17  ? 33  GLU A OE1 1 
ATOM 126  O OE2 . GLU A 1 17  ? 4.505   20.862  1.513   1.00 78.87  ? 33  GLU A OE2 1 
ATOM 127  N N   . ARG A 1 18  ? 1.975   17.790  4.277   1.00 68.04  ? 34  ARG A N   1 
ATOM 128  C CA  . ARG A 1 18  ? 0.766   17.557  5.030   1.00 66.81  ? 34  ARG A CA  1 
ATOM 129  C C   . ARG A 1 18  ? -0.264  16.872  4.186   1.00 66.72  ? 34  ARG A C   1 
ATOM 130  O O   . ARG A 1 18  ? -1.444  17.203  4.224   1.00 67.05  ? 34  ARG A O   1 
ATOM 131  C CB  . ARG A 1 18  ? 0.262   18.868  5.616   1.00 67.07  ? 34  ARG A CB  1 
ATOM 132  C CG  . ARG A 1 18  ? 1.109   19.342  6.801   1.00 67.08  ? 34  ARG A CG  1 
ATOM 133  C CD  . ARG A 1 18  ? 0.968   20.846  7.056   1.00 68.34  ? 34  ARG A CD  1 
ATOM 134  N NE  . ARG A 1 18  ? 1.678   21.663  6.066   1.00 70.43  ? 34  ARG A NE  1 
ATOM 135  C CZ  . ARG A 1 18  ? 2.989   21.891  6.083   1.00 70.75  ? 34  ARG A CZ  1 
ATOM 136  N NH1 . ARG A 1 18  ? 3.734   21.372  7.049   1.00 70.86  ? 34  ARG A NH1 1 
ATOM 137  N NH2 . ARG A 1 18  ? 3.565   22.614  5.126   1.00 71.26  ? 34  ARG A NH2 1 
ATOM 138  N N   . ALA A 1 19  ? 0.201   15.877  3.439   1.00 66.69  ? 35  ALA A N   1 
ATOM 139  C CA  . ALA A 1 19  ? -0.667  15.129  2.549   1.00 66.85  ? 35  ALA A CA  1 
ATOM 140  C C   . ALA A 1 19  ? -0.553  13.622  2.700   1.00 66.67  ? 35  ALA A C   1 
ATOM 141  O O   . ALA A 1 19  ? 0.418   13.107  3.249   1.00 66.97  ? 35  ALA A O   1 
ATOM 142  C CB  . ALA A 1 19  ? -0.362  15.508  1.132   1.00 67.08  ? 35  ALA A CB  1 
ATOM 143  N N   . THR A 1 20  ? -1.554  12.922  2.182   1.00 66.08  ? 36  THR A N   1 
ATOM 144  C CA  . THR A 1 20  ? -1.594  11.470  2.230   1.00 65.65  ? 36  THR A CA  1 
ATOM 145  C C   . THR A 1 20  ? -1.559  10.923  0.811   1.00 66.24  ? 36  THR A C   1 
ATOM 146  O O   . THR A 1 20  ? -2.365  11.320  -0.029  1.00 67.28  ? 36  THR A O   1 
ATOM 147  C CB  . THR A 1 20  ? -2.881  10.978  2.896   1.00 65.13  ? 36  THR A CB  1 
ATOM 148  O OG1 . THR A 1 20  ? -2.913  11.433  4.252   1.00 66.07  ? 36  THR A OG1 1 
ATOM 149  C CG2 . THR A 1 20  ? -2.957  9.466   2.867   1.00 63.87  ? 36  THR A CG2 1 
ATOM 150  N N   . THR A 1 21  ? -0.625  10.014  0.550   1.00 66.41  ? 37  THR A N   1 
ATOM 151  C CA  . THR A 1 21  ? -0.482  9.399   -0.767  1.00 66.40  ? 37  THR A CA  1 
ATOM 152  C C   . THR A 1 21  ? -1.254  8.081   -0.784  1.00 67.17  ? 37  THR A C   1 
ATOM 153  O O   . THR A 1 21  ? -0.980  7.198   0.025   1.00 67.87  ? 37  THR A O   1 
ATOM 154  C CB  . THR A 1 21  ? 0.985   9.098   -1.067  1.00 65.50  ? 37  THR A CB  1 
ATOM 155  O OG1 . THR A 1 21  ? 1.755   10.307  -1.011  1.00 65.54  ? 37  THR A OG1 1 
ATOM 156  C CG2 . THR A 1 21  ? 1.109   8.480   -2.428  1.00 64.89  ? 37  THR A CG2 1 
ATOM 157  N N   . SER A 1 22  ? -2.208  7.935   -1.698  1.00 67.70  ? 38  SER A N   1 
ATOM 158  C CA  . SER A 1 22  ? -2.998  6.707   -1.747  1.00 69.20  ? 38  SER A CA  1 
ATOM 159  C C   . SER A 1 22  ? -2.496  5.720   -2.784  1.00 69.29  ? 38  SER A C   1 
ATOM 160  O O   . SER A 1 22  ? -2.197  6.100   -3.913  1.00 69.72  ? 38  SER A O   1 
ATOM 161  C CB  . SER A 1 22  ? -4.480  7.003   -2.051  1.00 69.91  ? 38  SER A CB  1 
ATOM 162  O OG  . SER A 1 22  ? -5.137  7.704   -1.005  1.00 73.31  ? 38  SER A OG  1 
ATOM 163  N N   . PHE A 1 23  ? -2.386  4.453   -2.386  1.00 69.57  ? 39  PHE A N   1 
ATOM 164  C CA  . PHE A 1 23  ? -1.983  3.385   -3.297  1.00 68.55  ? 39  PHE A CA  1 
ATOM 165  C C   . PHE A 1 23  ? -3.237  2.557   -3.482  1.00 69.10  ? 39  PHE A C   1 
ATOM 166  O O   . PHE A 1 23  ? -3.685  1.851   -2.568  1.00 69.31  ? 39  PHE A O   1 
ATOM 167  C CB  . PHE A 1 23  ? -0.876  2.527   -2.708  1.00 67.20  ? 39  PHE A CB  1 
ATOM 168  C CG  . PHE A 1 23  ? 0.412   3.255   -2.555  1.00 66.48  ? 39  PHE A CG  1 
ATOM 169  C CD1 . PHE A 1 23  ? 0.598   4.151   -1.506  1.00 67.03  ? 39  PHE A CD1 1 
ATOM 170  C CD2 . PHE A 1 23  ? 1.440   3.067   -3.477  1.00 66.00  ? 39  PHE A CD2 1 
ATOM 171  C CE1 . PHE A 1 23  ? 1.796   4.853   -1.375  1.00 67.08  ? 39  PHE A CE1 1 
ATOM 172  C CE2 . PHE A 1 23  ? 2.642   3.758   -3.364  1.00 65.33  ? 39  PHE A CE2 1 
ATOM 173  C CZ  . PHE A 1 23  ? 2.824   4.656   -2.309  1.00 66.17  ? 39  PHE A CZ  1 
ATOM 174  N N   . GLN A 1 24  ? -3.811  2.676   -4.671  1.00 69.25  ? 40  GLN A N   1 
ATOM 175  C CA  . GLN A 1 24  ? -5.038  1.991   -5.002  1.00 69.41  ? 40  GLN A CA  1 
ATOM 176  C C   . GLN A 1 24  ? -4.733  0.817   -5.885  1.00 68.29  ? 40  GLN A C   1 
ATOM 177  O O   . GLN A 1 24  ? -3.586  0.562   -6.231  1.00 67.90  ? 40  GLN A O   1 
ATOM 178  C CB  . GLN A 1 24  ? -5.979  2.961   -5.697  1.00 71.45  ? 40  GLN A CB  1 
ATOM 179  C CG  . GLN A 1 24  ? -5.982  4.315   -5.018  1.00 73.78  ? 40  GLN A CG  1 
ATOM 180  C CD  . GLN A 1 24  ? -6.518  5.396   -5.912  1.00 75.69  ? 40  GLN A CD  1 
ATOM 181  O OE1 . GLN A 1 24  ? -6.096  5.526   -7.060  1.00 77.60  ? 40  GLN A OE1 1 
ATOM 182  N NE2 . GLN A 1 24  ? -7.453  6.182   -5.398  1.00 77.23  ? 40  GLN A NE2 1 
ATOM 183  N N   . ARG A 1 25  ? -5.783  0.110   -6.267  1.00 66.91  ? 41  ARG A N   1 
ATOM 184  C CA  . ARG A 1 25  ? -5.630  -1.082  -7.063  1.00 66.71  ? 41  ARG A CA  1 
ATOM 185  C C   . ARG A 1 25  ? -4.832  -0.806  -8.305  1.00 68.05  ? 41  ARG A C   1 
ATOM 186  O O   . ARG A 1 25  ? -3.993  -1.613  -8.686  1.00 67.76  ? 41  ARG A O   1 
ATOM 187  C CB  . ARG A 1 25  ? -6.992  -1.696  -7.419  1.00 64.37  ? 41  ARG A CB  1 
ATOM 188  C CG  . ARG A 1 25  ? -6.866  -2.848  -8.377  1.00 62.62  ? 41  ARG A CG  1 
ATOM 189  C CD  . ARG A 1 25  ? -8.189  -3.482  -8.663  1.00 61.90  ? 41  ARG A CD  1 
ATOM 190  N NE  . ARG A 1 25  ? -7.982  -4.619  -9.539  1.00 62.45  ? 41  ARG A NE  1 
ATOM 191  C CZ  . ARG A 1 25  ? -8.912  -5.514  -9.841  1.00 63.25  ? 41  ARG A CZ  1 
ATOM 192  N NH1 . ARG A 1 25  ? -10.139 -5.407  -9.335  1.00 62.88  ? 41  ARG A NH1 1 
ATOM 193  N NH2 . ARG A 1 25  ? -8.598  -6.525  -10.640 1.00 63.22  ? 41  ARG A NH2 1 
ATOM 194  N N   . GLN A 1 26  ? -5.067  0.353   -8.908  1.00 69.95  ? 42  GLN A N   1 
ATOM 195  C CA  . GLN A 1 26  ? -4.385  0.726   -10.134 1.00 71.29  ? 42  GLN A CA  1 
ATOM 196  C C   . GLN A 1 26  ? -2.898  0.971   -9.964  1.00 69.84  ? 42  GLN A C   1 
ATOM 197  O O   . GLN A 1 26  ? -2.139  0.845   -10.925 1.00 69.35  ? 42  GLN A O   1 
ATOM 198  C CB  . GLN A 1 26  ? -5.049  1.957   -10.741 1.00 75.51  ? 42  GLN A CB  1 
ATOM 199  C CG  . GLN A 1 26  ? -5.071  3.167   -9.806  1.00 83.88  ? 42  GLN A CG  1 
ATOM 200  C CD  . GLN A 1 26  ? -5.684  4.434   -10.441 1.00 89.78  ? 42  GLN A CD  1 
ATOM 201  O OE1 . GLN A 1 26  ? -5.266  4.881   -11.522 1.00 93.43  ? 42  GLN A OE1 1 
ATOM 202  N NE2 . GLN A 1 26  ? -6.670  5.023   -9.758  1.00 92.80  ? 42  GLN A NE2 1 
ATOM 203  N N   . SER A 1 27  ? -2.499  1.326   -8.743  1.00 68.50  ? 43  SER A N   1 
ATOM 204  C CA  . SER A 1 27  ? -1.098  1.580   -8.405  1.00 67.38  ? 43  SER A CA  1 
ATOM 205  C C   . SER A 1 27  ? -0.186  0.355   -8.537  1.00 66.91  ? 43  SER A C   1 
ATOM 206  O O   . SER A 1 27  ? 1.022   0.522   -8.661  1.00 67.12  ? 43  SER A O   1 
ATOM 207  C CB  . SER A 1 27  ? -0.980  2.102   -6.969  1.00 67.19  ? 43  SER A CB  1 
ATOM 208  O OG  . SER A 1 27  ? -1.933  3.120   -6.706  1.00 67.92  ? 43  SER A OG  1 
ATOM 209  N N   . PHE A 1 28  ? -0.768  -0.851  -8.485  1.00 66.19  ? 44  PHE A N   1 
ATOM 210  C CA  . PHE A 1 28  ? -0.053  -2.133  -8.572  1.00 64.42  ? 44  PHE A CA  1 
ATOM 211  C C   . PHE A 1 28  ? -0.363  -2.773  -9.909  1.00 63.93  ? 44  PHE A C   1 
ATOM 212  O O   . PHE A 1 28  ? -1.475  -3.240  -10.175 1.00 62.90  ? 44  PHE A O   1 
ATOM 213  C CB  . PHE A 1 28  ? -0.462  -3.019  -7.401  1.00 64.10  ? 44  PHE A CB  1 
ATOM 214  C CG  . PHE A 1 28  ? -0.196  -2.380  -6.073  1.00 64.59  ? 44  PHE A CG  1 
ATOM 215  C CD1 . PHE A 1 28  ? 1.113   -2.249  -5.599  1.00 64.52  ? 44  PHE A CD1 1 
ATOM 216  C CD2 . PHE A 1 28  ? -1.243  -1.856  -5.314  1.00 64.63  ? 44  PHE A CD2 1 
ATOM 217  C CE1 . PHE A 1 28  ? 1.379   -1.602  -4.384  1.00 64.32  ? 44  PHE A CE1 1 
ATOM 218  C CE2 . PHE A 1 28  ? -0.991  -1.206  -4.099  1.00 64.43  ? 44  PHE A CE2 1 
ATOM 219  C CZ  . PHE A 1 28  ? 0.321   -1.080  -3.633  1.00 64.52  ? 44  PHE A CZ  1 
ATOM 220  N N   . PRO A 1 29  ? 0.635   -2.742  -10.790 1.00 63.99  ? 45  PRO A N   1 
ATOM 221  C CA  . PRO A 1 29  ? 0.656   -3.250  -12.160 1.00 64.03  ? 45  PRO A CA  1 
ATOM 222  C C   . PRO A 1 29  ? -0.183  -4.466  -12.453 1.00 64.11  ? 45  PRO A C   1 
ATOM 223  O O   . PRO A 1 29  ? -1.087  -4.436  -13.293 1.00 64.95  ? 45  PRO A O   1 
ATOM 224  C CB  . PRO A 1 29  ? 2.132   -3.510  -12.401 1.00 63.61  ? 45  PRO A CB  1 
ATOM 225  C CG  . PRO A 1 29  ? 2.772   -2.390  -11.645 1.00 64.65  ? 45  PRO A CG  1 
ATOM 226  C CD  . PRO A 1 29  ? 1.992   -2.347  -10.357 1.00 64.21  ? 45  PRO A CD  1 
ATOM 227  N N   . THR A 1 30  ? 0.139   -5.544  -11.759 1.00 64.07  ? 46  THR A N   1 
ATOM 228  C CA  . THR A 1 30  ? -0.548  -6.800  -11.954 1.00 63.93  ? 46  THR A CA  1 
ATOM 229  C C   . THR A 1 30  ? -2.012  -6.736  -11.529 1.00 63.90  ? 46  THR A C   1 
ATOM 230  O O   . THR A 1 30  ? -2.896  -7.175  -12.271 1.00 63.78  ? 46  THR A O   1 
ATOM 231  C CB  . THR A 1 30  ? 0.164   -7.928  -11.188 1.00 63.54  ? 46  THR A CB  1 
ATOM 232  O OG1 . THR A 1 30  ? 1.582   -7.859  -11.417 1.00 63.06  ? 46  THR A OG1 1 
ATOM 233  C CG2 . THR A 1 30  ? -0.348  -9.269  -11.662 1.00 63.27  ? 46  THR A CG2 1 
ATOM 234  N N   . LEU A 1 31  ? -2.260  -6.193  -10.340 1.00 63.61  ? 47  LEU A N   1 
ATOM 235  C CA  . LEU A 1 31  ? -3.618  -6.067  -9.825  1.00 63.91  ? 47  LEU A CA  1 
ATOM 236  C C   . LEU A 1 31  ? -4.443  -5.203  -10.761 1.00 65.47  ? 47  LEU A C   1 
ATOM 237  O O   . LEU A 1 31  ? -5.614  -5.505  -11.016 1.00 65.62  ? 47  LEU A O   1 
ATOM 238  C CB  . LEU A 1 31  ? -3.630  -5.416  -8.438  1.00 62.39  ? 47  LEU A CB  1 
ATOM 239  C CG  . LEU A 1 31  ? -2.945  -6.098  -7.260  1.00 60.31  ? 47  LEU A CG  1 
ATOM 240  C CD1 . LEU A 1 31  ? -3.191  -5.297  -6.003  1.00 59.74  ? 47  LEU A CD1 1 
ATOM 241  C CD2 . LEU A 1 31  ? -3.502  -7.484  -7.089  1.00 59.51  ? 47  LEU A CD2 1 
ATOM 242  N N   . LYS A 1 32  ? -3.828  -4.126  -11.262 1.00 66.57  ? 48  LYS A N   1 
ATOM 243  C CA  . LYS A 1 32  ? -4.516  -3.216  -12.166 1.00 67.55  ? 48  LYS A CA  1 
ATOM 244  C C   . LYS A 1 32  ? -5.032  -3.943  -13.393 1.00 68.26  ? 48  LYS A C   1 
ATOM 245  O O   . LYS A 1 32  ? -6.183  -3.760  -13.766 1.00 69.34  ? 48  LYS A O   1 
ATOM 246  C CB  . LYS A 1 32  ? -3.623  -2.062  -12.628 1.00 67.00  ? 48  LYS A CB  1 
ATOM 247  C CG  . LYS A 1 32  ? -4.350  -1.152  -13.594 1.00 66.33  ? 48  LYS A CG  1 
ATOM 248  C CD  . LYS A 1 32  ? -3.414  -0.140  -14.122 1.00 69.51  ? 48  LYS A CD  1 
ATOM 249  C CE  . LYS A 1 32  ? -4.117  0.766   -15.093 1.00 72.45  ? 48  LYS A CE  1 
ATOM 250  N NZ  . LYS A 1 32  ? -3.222  1.882   -15.540 1.00 77.68  ? 48  LYS A NZ  1 
ATOM 251  N N   . GLY A 1 33  ? -4.208  -4.790  -14.003 1.00 67.81  ? 49  GLY A N   1 
ATOM 252  C CA  . GLY A 1 33  ? -4.657  -5.470  -15.206 1.00 68.48  ? 49  GLY A CA  1 
ATOM 253  C C   . GLY A 1 33  ? -4.953  -6.954  -15.189 1.00 69.38  ? 49  GLY A C   1 
ATOM 254  O O   . GLY A 1 33  ? -5.029  -7.582  -16.248 1.00 70.42  ? 49  GLY A O   1 
ATOM 255  N N   . MET A 1 34  ? -5.143  -7.534  -14.014 1.00 69.78  ? 50  MET A N   1 
ATOM 256  C CA  . MET A 1 34  ? -5.416  -8.967  -13.945 1.00 69.52  ? 50  MET A CA  1 
ATOM 257  C C   . MET A 1 34  ? -6.880  -9.362  -14.164 1.00 68.62  ? 50  MET A C   1 
ATOM 258  O O   . MET A 1 34  ? -7.184  -10.554 -14.315 1.00 68.24  ? 50  MET A O   1 
ATOM 259  C CB  . MET A 1 34  ? -4.952  -9.512  -12.605 1.00 69.44  ? 50  MET A CB  1 
ATOM 260  C CG  . MET A 1 34  ? -5.701  -8.898  -11.441 1.00 69.41  ? 50  MET A CG  1 
ATOM 261  S SD  . MET A 1 34  ? -5.278  -9.700  -9.894  1.00 69.43  ? 50  MET A SD  1 
ATOM 262  C CE  . MET A 1 34  ? -6.345  -8.916  -8.755  1.00 69.59  ? 50  MET A CE  1 
ATOM 263  N N   . GLY A 1 35  ? -7.782  -8.382  -14.147 1.00 67.08  ? 51  GLY A N   1 
ATOM 264  C CA  . GLY A 1 35  ? -9.183  -8.678  -14.381 1.00 66.35  ? 51  GLY A CA  1 
ATOM 265  C C   . GLY A 1 35  ? -10.035 -9.003  -13.175 1.00 66.25  ? 51  GLY A C   1 
ATOM 266  O O   . GLY A 1 35  ? -9.733  -8.604  -12.055 1.00 66.66  ? 51  GLY A O   1 
ATOM 267  N N   . ASP A 1 36  ? -11.103 -9.756  -13.403 1.00 66.04  ? 52  ASP A N   1 
ATOM 268  C CA  . ASP A 1 36  ? -12.021 -10.087 -12.328 1.00 66.28  ? 52  ASP A CA  1 
ATOM 269  C C   . ASP A 1 36  ? -11.619 -11.289 -11.497 1.00 67.25  ? 52  ASP A C   1 
ATOM 270  O O   . ASP A 1 36  ? -12.117 -12.382 -11.727 1.00 68.72  ? 52  ASP A O   1 
ATOM 271  C CB  . ASP A 1 36  ? -13.410 -10.343 -12.898 1.00 65.94  ? 52  ASP A CB  1 
ATOM 272  C CG  . ASP A 1 36  ? -14.479 -10.431 -11.825 1.00 66.03  ? 52  ASP A CG  1 
ATOM 273  O OD1 . ASP A 1 36  ? -14.167 -10.217 -10.636 1.00 66.42  ? 52  ASP A OD1 1 
ATOM 274  O OD2 . ASP A 1 36  ? -15.645 -10.705 -12.178 1.00 65.98  ? 52  ASP A OD2 1 
ATOM 275  N N   . ARG A 1 37  ? -10.725 -11.088 -10.534 1.00 66.82  ? 53  ARG A N   1 
ATOM 276  C CA  . ARG A 1 37  ? -10.297 -12.150 -9.628  1.00 66.26  ? 53  ARG A CA  1 
ATOM 277  C C   . ARG A 1 37  ? -9.907  -11.496 -8.309  1.00 66.01  ? 53  ARG A C   1 
ATOM 278  O O   . ARG A 1 37  ? -9.100  -10.556 -8.269  1.00 64.76  ? 53  ARG A O   1 
ATOM 279  C CB  . ARG A 1 37  ? -9.145  -12.975 -10.223 1.00 65.80  ? 53  ARG A CB  1 
ATOM 280  C CG  . ARG A 1 37  ? -7.794  -12.303 -10.339 1.00 64.90  ? 53  ARG A CG  1 
ATOM 281  C CD  . ARG A 1 37  ? -6.785  -13.228 -11.036 1.00 64.76  ? 53  ARG A CD  1 
ATOM 282  N NE  . ARG A 1 37  ? -6.471  -14.442 -10.276 1.00 63.38  ? 53  ARG A NE  1 
ATOM 283  C CZ  . ARG A 1 37  ? -5.656  -15.409 -10.701 1.00 63.32  ? 53  ARG A CZ  1 
ATOM 284  N NH1 . ARG A 1 37  ? -5.060  -15.319 -11.887 1.00 62.02  ? 53  ARG A NH1 1 
ATOM 285  N NH2 . ARG A 1 37  ? -5.434  -16.476 -9.938  1.00 63.28  ? 53  ARG A NH2 1 
ATOM 286  N N   . ALA A 1 38  ? -10.537 -11.977 -7.239  1.00 65.91  ? 54  ALA A N   1 
ATOM 287  C CA  . ALA A 1 38  ? -10.321 -11.449 -5.899  1.00 64.86  ? 54  ALA A CA  1 
ATOM 288  C C   . ALA A 1 38  ? -8.885  -11.592 -5.416  1.00 64.33  ? 54  ALA A C   1 
ATOM 289  O O   . ALA A 1 38  ? -8.110  -12.399 -5.938  1.00 64.86  ? 54  ALA A O   1 
ATOM 290  C CB  . ALA A 1 38  ? -11.264 -12.131 -4.934  1.00 64.64  ? 54  ALA A CB  1 
ATOM 291  N N   . PHE A 1 39  ? -8.530  -10.798 -4.414  1.00 63.04  ? 55  PHE A N   1 
ATOM 292  C CA  . PHE A 1 39  ? -7.185  -10.850 -3.862  1.00 62.07  ? 55  PHE A CA  1 
ATOM 293  C C   . PHE A 1 39  ? -7.140  -10.422 -2.400  1.00 61.19  ? 55  PHE A C   1 
ATOM 294  O O   . PHE A 1 39  ? -8.089  -9.835  -1.880  1.00 60.70  ? 55  PHE A O   1 
ATOM 295  C CB  . PHE A 1 39  ? -6.239  -9.967  -4.675  1.00 63.06  ? 55  PHE A CB  1 
ATOM 296  C CG  . PHE A 1 39  ? -6.666  -8.527  -4.748  1.00 64.63  ? 55  PHE A CG  1 
ATOM 297  C CD1 . PHE A 1 39  ? -7.656  -8.120  -5.641  1.00 64.76  ? 55  PHE A CD1 1 
ATOM 298  C CD2 . PHE A 1 39  ? -6.095  -7.578  -3.903  1.00 64.53  ? 55  PHE A CD2 1 
ATOM 299  C CE1 . PHE A 1 39  ? -8.071  -6.786  -5.692  1.00 63.89  ? 55  PHE A CE1 1 
ATOM 300  C CE2 . PHE A 1 39  ? -6.505  -6.242  -3.947  1.00 64.02  ? 55  PHE A CE2 1 
ATOM 301  C CZ  . PHE A 1 39  ? -7.494  -5.849  -4.842  1.00 63.35  ? 55  PHE A CZ  1 
ATOM 302  N N   . GLN A 1 40  ? -6.022  -10.715 -1.743  1.00 60.35  ? 56  GLN A N   1 
ATOM 303  C CA  . GLN A 1 40  ? -5.849  -10.363 -0.339  1.00 58.98  ? 56  GLN A CA  1 
ATOM 304  C C   . GLN A 1 40  ? -4.441  -9.882  -0.026  1.00 57.91  ? 56  GLN A C   1 
ATOM 305  O O   . GLN A 1 40  ? -3.468  -10.369 -0.608  1.00 56.72  ? 56  GLN A O   1 
ATOM 306  C CB  . GLN A 1 40  ? -6.160  -11.568 0.537   1.00 58.93  ? 56  GLN A CB  1 
ATOM 307  C CG  . GLN A 1 40  ? -5.777  -11.390 1.983   1.00 59.55  ? 56  GLN A CG  1 
ATOM 308  C CD  . GLN A 1 40  ? -6.111  -12.609 2.804   1.00 60.54  ? 56  GLN A CD  1 
ATOM 309  O OE1 . GLN A 1 40  ? -5.641  -13.713 2.522   1.00 60.57  ? 56  GLN A OE1 1 
ATOM 310  N NE2 . GLN A 1 40  ? -6.936  -12.423 3.823   1.00 61.77  ? 56  GLN A NE2 1 
ATOM 311  N N   . VAL A 1 41  ? -4.342  -8.926  0.895   1.00 56.98  ? 57  VAL A N   1 
ATOM 312  C CA  . VAL A 1 41  ? -3.046  -8.408  1.304   1.00 56.12  ? 57  VAL A CA  1 
ATOM 313  C C   . VAL A 1 41  ? -2.383  -9.350  2.304   1.00 55.96  ? 57  VAL A C   1 
ATOM 314  O O   . VAL A 1 41  ? -2.936  -9.672  3.372   1.00 56.69  ? 57  VAL A O   1 
ATOM 315  C CB  . VAL A 1 41  ? -3.163  -7.041  1.961   1.00 55.77  ? 57  VAL A CB  1 
ATOM 316  C CG1 . VAL A 1 41  ? -1.811  -6.608  2.485   1.00 54.71  ? 57  VAL A CG1 1 
ATOM 317  C CG2 . VAL A 1 41  ? -3.681  -6.042  0.966   1.00 55.73  ? 57  VAL A CG2 1 
ATOM 318  N N   . VAL A 1 42  ? -1.188  -9.787  1.943   1.00 54.76  ? 58  VAL A N   1 
ATOM 319  C CA  . VAL A 1 42  ? -0.423  -10.676 2.782   1.00 53.29  ? 58  VAL A CA  1 
ATOM 320  C C   . VAL A 1 42  ? 0.529   -9.821  3.615   1.00 54.12  ? 58  VAL A C   1 
ATOM 321  O O   . VAL A 1 42  ? 0.478   -9.841  4.843   1.00 53.96  ? 58  VAL A O   1 
ATOM 322  C CB  . VAL A 1 42  ? 0.370   -11.676 1.928   1.00 51.69  ? 58  VAL A CB  1 
ATOM 323  C CG1 . VAL A 1 42  ? 1.230   -12.508 2.812   1.00 49.64  ? 58  VAL A CG1 1 
ATOM 324  C CG2 . VAL A 1 42  ? -0.580  -12.565 1.132   1.00 49.77  ? 58  VAL A CG2 1 
ATOM 325  N N   . ALA A 1 43  ? 1.372   -9.044  2.945   1.00 54.45  ? 59  ALA A N   1 
ATOM 326  C CA  . ALA A 1 43  ? 2.326   -8.198  3.636   1.00 54.42  ? 59  ALA A CA  1 
ATOM 327  C C   . ALA A 1 43  ? 2.698   -7.046  2.746   1.00 55.83  ? 59  ALA A C   1 
ATOM 328  O O   . ALA A 1 43  ? 2.539   -7.110  1.529   1.00 56.20  ? 59  ALA A O   1 
ATOM 329  C CB  . ALA A 1 43  ? 3.562   -8.980  3.961   1.00 50.93  ? 59  ALA A CB  1 
ATOM 330  N N   . PHE A 1 44  ? 3.215   -5.995  3.362   1.00 56.87  ? 60  PHE A N   1 
ATOM 331  C CA  . PHE A 1 44  ? 3.649   -4.825  2.621   1.00 57.93  ? 60  PHE A CA  1 
ATOM 332  C C   . PHE A 1 44  ? 5.015   -4.434  3.113   1.00 58.18  ? 60  PHE A C   1 
ATOM 333  O O   . PHE A 1 44  ? 5.259   -4.385  4.313   1.00 57.60  ? 60  PHE A O   1 
ATOM 334  C CB  . PHE A 1 44  ? 2.709   -3.638  2.842   1.00 58.58  ? 60  PHE A CB  1 
ATOM 335  C CG  . PHE A 1 44  ? 1.726   -3.412  1.720   1.00 59.90  ? 60  PHE A CG  1 
ATOM 336  C CD1 . PHE A 1 44  ? 2.163   -3.047  0.448   1.00 60.58  ? 60  PHE A CD1 1 
ATOM 337  C CD2 . PHE A 1 44  ? 0.356   -3.581  1.931   1.00 60.34  ? 60  PHE A CD2 1 
ATOM 338  C CE1 . PHE A 1 44  ? 1.247   -2.856  -0.602  1.00 61.10  ? 60  PHE A CE1 1 
ATOM 339  C CE2 . PHE A 1 44  ? -0.571  -3.393  0.890   1.00 60.76  ? 60  PHE A CE2 1 
ATOM 340  C CZ  . PHE A 1 44  ? -0.124  -3.031  -0.379  1.00 61.10  ? 60  PHE A CZ  1 
ATOM 341  N N   . THR A 1 45  ? 5.906   -4.144  2.179   1.00 59.12  ? 61  THR A N   1 
ATOM 342  C CA  . THR A 1 45  ? 7.239   -3.713  2.536   1.00 59.96  ? 61  THR A CA  1 
ATOM 343  C C   . THR A 1 45  ? 7.440   -2.276  2.082   1.00 60.45  ? 61  THR A C   1 
ATOM 344  O O   . THR A 1 45  ? 7.226   -1.946  0.910   1.00 60.29  ? 61  THR A O   1 
ATOM 345  C CB  . THR A 1 45  ? 8.270   -4.585  1.880   1.00 60.08  ? 61  THR A CB  1 
ATOM 346  O OG1 . THR A 1 45  ? 8.053   -5.936  2.295   1.00 61.45  ? 61  THR A OG1 1 
ATOM 347  C CG2 . THR A 1 45  ? 9.661   -4.130  2.272   1.00 60.13  ? 61  THR A CG2 1 
ATOM 348  N N   . ILE A 1 46  ? 7.857   -1.423  3.012   1.00 60.22  ? 62  ILE A N   1 
ATOM 349  C CA  . ILE A 1 46  ? 8.067   -0.016  2.703   1.00 60.36  ? 62  ILE A CA  1 
ATOM 350  C C   . ILE A 1 46  ? 9.512   0.448   2.927   1.00 61.49  ? 62  ILE A C   1 
ATOM 351  O O   . ILE A 1 46  ? 10.013  0.428   4.054   1.00 61.23  ? 62  ILE A O   1 
ATOM 352  C CB  . ILE A 1 46  ? 7.138   0.875   3.547   1.00 59.07  ? 62  ILE A CB  1 
ATOM 353  C CG1 . ILE A 1 46  ? 5.676   0.495   3.314   1.00 57.80  ? 62  ILE A CG1 1 
ATOM 354  C CG2 . ILE A 1 46  ? 7.353   2.304   3.181   1.00 58.39  ? 62  ILE A CG2 1 
ATOM 355  C CD1 . ILE A 1 46  ? 5.141   -0.484  4.335   1.00 57.98  ? 62  ILE A CD1 1 
ATOM 356  N N   . GLN A 1 47  ? 10.175  0.873   1.857   1.00 63.20  ? 63  GLN A N   1 
ATOM 357  C CA  . GLN A 1 47  ? 11.545  1.351   1.969   1.00 64.52  ? 63  GLN A CA  1 
ATOM 358  C C   . GLN A 1 47  ? 11.490  2.862   1.864   1.00 64.37  ? 63  GLN A C   1 
ATOM 359  O O   . GLN A 1 47  ? 10.680  3.382   1.096   1.00 63.76  ? 63  GLN A O   1 
ATOM 360  C CB  . GLN A 1 47  ? 12.381  0.860   0.809   1.00 66.75  ? 63  GLN A CB  1 
ATOM 361  C CG  . GLN A 1 47  ? 12.659  -0.614  0.715   1.00 69.66  ? 63  GLN A CG  1 
ATOM 362  C CD  . GLN A 1 47  ? 13.572  -0.915  -0.480  1.00 73.53  ? 63  GLN A CD  1 
ATOM 363  O OE1 . GLN A 1 47  ? 14.714  -0.433  -0.552  1.00 74.20  ? 63  GLN A OE1 1 
ATOM 364  N NE2 . GLN A 1 47  ? 13.067  -1.704  -1.430  1.00 75.15  ? 63  GLN A NE2 1 
ATOM 365  N N   . GLY A 1 48  ? 12.361  3.568   2.583   1.00 63.96  ? 64  GLY A N   1 
ATOM 366  C CA  . GLY A 1 48  ? 12.333  5.016   2.499   1.00 64.32  ? 64  GLY A CA  1 
ATOM 367  C C   . GLY A 1 48  ? 13.607  5.808   2.749   1.00 65.21  ? 64  GLY A C   1 
ATOM 368  O O   . GLY A 1 48  ? 14.333  5.590   3.730   1.00 65.17  ? 64  GLY A O   1 
ATOM 369  N N   . VAL A 1 49  ? 13.863  6.754   1.844   1.00 65.67  ? 65  VAL A N   1 
ATOM 370  C CA  . VAL A 1 49  ? 15.014  7.644   1.942   1.00 65.30  ? 65  VAL A CA  1 
ATOM 371  C C   . VAL A 1 49  ? 14.530  9.084   1.921   1.00 65.29  ? 65  VAL A C   1 
ATOM 372  O O   . VAL A 1 49  ? 13.596  9.428   1.195   1.00 65.41  ? 65  VAL A O   1 
ATOM 373  C CB  . VAL A 1 49  ? 15.977  7.496   0.761   1.00 64.87  ? 65  VAL A CB  1 
ATOM 374  C CG1 . VAL A 1 49  ? 17.212  8.336   1.002   1.00 65.06  ? 65  VAL A CG1 1 
ATOM 375  C CG2 . VAL A 1 49  ? 16.373  6.082   0.596   1.00 66.61  ? 65  VAL A CG2 1 
ATOM 376  N N   . SER A 1 50  ? 15.170  9.923   2.722   1.00 64.72  ? 66  SER A N   1 
ATOM 377  C CA  . SER A 1 50  ? 14.824  11.331  2.764   1.00 64.18  ? 66  SER A CA  1 
ATOM 378  C C   . SER A 1 50  ? 16.120  12.108  2.838   1.00 64.07  ? 66  SER A C   1 
ATOM 379  O O   . SER A 1 50  ? 17.036  11.716  3.558   1.00 64.99  ? 66  SER A O   1 
ATOM 380  C CB  . SER A 1 50  ? 13.973  11.648  3.987   1.00 64.66  ? 66  SER A CB  1 
ATOM 381  O OG  . SER A 1 50  ? 13.673  13.031  4.037   1.00 65.09  ? 66  SER A OG  1 
ATOM 382  N N   . ALA A 1 51  ? 16.198  13.204  2.090   1.00 63.21  ? 67  ALA A N   1 
ATOM 383  C CA  . ALA A 1 51  ? 17.394  14.040  2.077   1.00 61.51  ? 67  ALA A CA  1 
ATOM 384  C C   . ALA A 1 51  ? 17.604  14.749  3.422   1.00 60.39  ? 67  ALA A C   1 
ATOM 385  O O   . ALA A 1 51  ? 18.726  15.116  3.773   1.00 58.95  ? 67  ALA A O   1 
ATOM 386  C CB  . ALA A 1 51  ? 17.292  15.057  0.957   1.00 61.55  ? 67  ALA A CB  1 
ATOM 387  N N   . ALA A 1 52  ? 16.522  14.929  4.174   1.00 59.85  ? 68  ALA A N   1 
ATOM 388  C CA  . ALA A 1 52  ? 16.586  15.582  5.476   1.00 59.55  ? 68  ALA A CA  1 
ATOM 389  C C   . ALA A 1 52  ? 15.588  14.918  6.412   1.00 60.00  ? 68  ALA A C   1 
ATOM 390  O O   . ALA A 1 52  ? 14.799  14.072  5.981   1.00 59.49  ? 68  ALA A O   1 
ATOM 391  C CB  . ALA A 1 52  ? 16.251  17.047  5.333   1.00 59.87  ? 68  ALA A CB  1 
ATOM 392  N N   . PRO A 1 53  ? 15.612  15.282  7.710   1.00 59.98  ? 69  PRO A N   1 
ATOM 393  C CA  . PRO A 1 53  ? 14.661  14.670  8.645   1.00 59.49  ? 69  PRO A CA  1 
ATOM 394  C C   . PRO A 1 53  ? 13.239  14.723  8.072   1.00 59.54  ? 69  PRO A C   1 
ATOM 395  O O   . PRO A 1 53  ? 12.842  15.731  7.491   1.00 60.37  ? 69  PRO A O   1 
ATOM 396  C CB  . PRO A 1 53  ? 14.838  15.511  9.903   1.00 58.20  ? 69  PRO A CB  1 
ATOM 397  C CG  . PRO A 1 53  ? 16.311  15.788  9.884   1.00 58.10  ? 69  PRO A CG  1 
ATOM 398  C CD  . PRO A 1 53  ? 16.565  16.152  8.429   1.00 59.33  ? 69  PRO A CD  1 
ATOM 399  N N   . LEU A 1 54  ? 12.491  13.632  8.223   1.00 59.16  ? 70  LEU A N   1 
ATOM 400  C CA  . LEU A 1 54  ? 11.127  13.535  7.701   1.00 57.97  ? 70  LEU A CA  1 
ATOM 401  C C   . LEU A 1 54  ? 10.452  12.241  8.163   1.00 58.70  ? 70  LEU A C   1 
ATOM 402  O O   . LEU A 1 54  ? 11.090  11.195  8.236   1.00 59.15  ? 70  LEU A O   1 
ATOM 403  C CB  . LEU A 1 54  ? 11.165  13.567  6.175   1.00 55.30  ? 70  LEU A CB  1 
ATOM 404  C CG  . LEU A 1 54  ? 9.835   13.384  5.451   1.00 52.85  ? 70  LEU A CG  1 
ATOM 405  C CD1 . LEU A 1 54  ? 8.895   14.504  5.834   1.00 51.26  ? 70  LEU A CD1 1 
ATOM 406  C CD2 . LEU A 1 54  ? 10.068  13.371  3.954   1.00 52.06  ? 70  LEU A CD2 1 
ATOM 407  N N   . MET A 1 55  ? 9.160   12.306  8.462   1.00 59.59  ? 71  MET A N   1 
ATOM 408  C CA  . MET A 1 55  ? 8.436   11.125  8.917   1.00 61.16  ? 71  MET A CA  1 
ATOM 409  C C   . MET A 1 55  ? 7.350   10.694  7.952   1.00 61.70  ? 71  MET A C   1 
ATOM 410  O O   . MET A 1 55  ? 6.963   11.449  7.073   1.00 62.58  ? 71  MET A O   1 
ATOM 411  C CB  . MET A 1 55  ? 7.771   11.392  10.260  1.00 61.57  ? 71  MET A CB  1 
ATOM 412  C CG  . MET A 1 55  ? 8.697   11.853  11.349  1.00 63.35  ? 71  MET A CG  1 
ATOM 413  S SD  . MET A 1 55  ? 7.705   12.346  12.764  1.00 65.37  ? 71  MET A SD  1 
ATOM 414  C CE  . MET A 1 55  ? 6.933   13.813  12.127  1.00 64.12  ? 71  MET A CE  1 
ATOM 415  N N   . TYR A 1 56  ? 6.861   9.471   8.135   1.00 62.50  ? 72  TYR A N   1 
ATOM 416  C CA  . TYR A 1 56  ? 5.778   8.937   7.321   1.00 62.92  ? 72  TYR A CA  1 
ATOM 417  C C   . TYR A 1 56  ? 5.036   7.900   8.147   1.00 62.40  ? 72  TYR A C   1 
ATOM 418  O O   . TYR A 1 56  ? 5.480   7.514   9.229   1.00 62.12  ? 72  TYR A O   1 
ATOM 419  C CB  . TYR A 1 56  ? 6.305   8.313   6.021   1.00 64.28  ? 72  TYR A CB  1 
ATOM 420  C CG  . TYR A 1 56  ? 6.926   6.940   6.155   1.00 67.02  ? 72  TYR A CG  1 
ATOM 421  C CD1 . TYR A 1 56  ? 6.135   5.791   6.282   1.00 67.78  ? 72  TYR A CD1 1 
ATOM 422  C CD2 . TYR A 1 56  ? 8.309   6.782   6.125   1.00 68.64  ? 72  TYR A CD2 1 
ATOM 423  C CE1 . TYR A 1 56  ? 6.716   4.510   6.370   1.00 68.13  ? 72  TYR A CE1 1 
ATOM 424  C CE2 . TYR A 1 56  ? 8.900   5.513   6.212   1.00 69.71  ? 72  TYR A CE2 1 
ATOM 425  C CZ  . TYR A 1 56  ? 8.103   4.383   6.333   1.00 68.91  ? 72  TYR A CZ  1 
ATOM 426  O OH  . TYR A 1 56  ? 8.712   3.145   6.401   1.00 68.56  ? 72  TYR A OH  1 
ATOM 427  N N   . ASN A 1 57  ? 3.905   7.448   7.638   1.00 61.91  ? 73  ASN A N   1 
ATOM 428  C CA  . ASN A 1 57  ? 3.120   6.470   8.356   1.00 61.99  ? 73  ASN A CA  1 
ATOM 429  C C   . ASN A 1 57  ? 2.269   5.710   7.344   1.00 62.33  ? 73  ASN A C   1 
ATOM 430  O O   . ASN A 1 57  ? 1.336   6.263   6.763   1.00 61.88  ? 73  ASN A O   1 
ATOM 431  C CB  . ASN A 1 57  ? 2.266   7.202   9.395   1.00 62.43  ? 73  ASN A CB  1 
ATOM 432  C CG  . ASN A 1 57  ? 1.449   6.265   10.255  1.00 63.80  ? 73  ASN A CG  1 
ATOM 433  O OD1 . ASN A 1 57  ? 1.803   5.101   10.433  1.00 64.83  ? 73  ASN A OD1 1 
ATOM 434  N ND2 . ASN A 1 57  ? 0.352   6.778   10.813  1.00 63.73  ? 73  ASN A ND2 1 
ATOM 435  N N   . ALA A 1 58  ? 2.618   4.449   7.109   1.00 62.48  ? 74  ALA A N   1 
ATOM 436  C CA  . ALA A 1 58  ? 1.884   3.618   6.160   1.00 62.47  ? 74  ALA A CA  1 
ATOM 437  C C   . ALA A 1 58  ? 0.680   2.987   6.852   1.00 62.67  ? 74  ALA A C   1 
ATOM 438  O O   . ALA A 1 58  ? 0.811   2.424   7.941   1.00 62.78  ? 74  ALA A O   1 
ATOM 439  C CB  . ALA A 1 58  ? 2.798   2.538   5.599   1.00 61.81  ? 74  ALA A CB  1 
ATOM 440  N N   . ARG A 1 59  ? -0.491  3.081   6.225   1.00 62.57  ? 75  ARG A N   1 
ATOM 441  C CA  . ARG A 1 59  ? -1.705  2.518   6.809   1.00 62.32  ? 75  ARG A CA  1 
ATOM 442  C C   . ARG A 1 59  ? -2.493  1.641   5.838   1.00 62.26  ? 75  ARG A C   1 
ATOM 443  O O   . ARG A 1 59  ? -2.855  2.065   4.738   1.00 61.30  ? 75  ARG A O   1 
ATOM 444  C CB  . ARG A 1 59  ? -2.603  3.635   7.323   1.00 62.95  ? 75  ARG A CB  1 
ATOM 445  C CG  . ARG A 1 59  ? -1.902  4.625   8.233   1.00 63.58  ? 75  ARG A CG  1 
ATOM 446  C CD  . ARG A 1 59  ? -2.753  5.858   8.351   1.00 65.31  ? 75  ARG A CD  1 
ATOM 447  N NE  . ARG A 1 59  ? -3.331  6.166   7.047   1.00 67.46  ? 75  ARG A NE  1 
ATOM 448  C CZ  . ARG A 1 59  ? -4.225  7.119   6.824   1.00 67.72  ? 75  ARG A CZ  1 
ATOM 449  N NH1 . ARG A 1 59  ? -4.653  7.875   7.822   1.00 70.23  ? 75  ARG A NH1 1 
ATOM 450  N NH2 . ARG A 1 59  ? -4.695  7.308   5.601   1.00 67.54  ? 75  ARG A NH2 1 
ATOM 451  N N   . LEU A 1 60  ? -2.762  0.417   6.286   1.00 62.55  ? 76  LEU A N   1 
ATOM 452  C CA  . LEU A 1 60  ? -3.492  -0.587  5.521   1.00 61.96  ? 76  LEU A CA  1 
ATOM 453  C C   . LEU A 1 60  ? -5.001  -0.415  5.695   1.00 62.20  ? 76  LEU A C   1 
ATOM 454  O O   . LEU A 1 60  ? -5.501  -0.225  6.809   1.00 61.15  ? 76  LEU A O   1 
ATOM 455  C CB  . LEU A 1 60  ? -3.045  -1.981  5.987   1.00 61.48  ? 76  LEU A CB  1 
ATOM 456  C CG  . LEU A 1 60  ? -3.315  -3.268  5.195   1.00 61.20  ? 76  LEU A CG  1 
ATOM 457  C CD1 . LEU A 1 60  ? -4.587  -3.923  5.665   1.00 63.37  ? 76  LEU A CD1 1 
ATOM 458  C CD2 . LEU A 1 60  ? -3.364  -2.962  3.716   1.00 61.09  ? 76  LEU A CD2 1 
ATOM 459  N N   . TYR A 1 61  ? -5.714  -0.473  4.576   1.00 63.16  ? 77  TYR A N   1 
ATOM 460  C CA  . TYR A 1 61  ? -7.162  -0.329  4.568   1.00 63.94  ? 77  TYR A CA  1 
ATOM 461  C C   . TYR A 1 61  ? -7.821  -1.662  4.302   1.00 63.87  ? 77  TYR A C   1 
ATOM 462  O O   . TYR A 1 61  ? -7.255  -2.520  3.622   1.00 62.73  ? 77  TYR A O   1 
ATOM 463  C CB  . TYR A 1 61  ? -7.605  0.635   3.459   1.00 64.75  ? 77  TYR A CB  1 
ATOM 464  C CG  . TYR A 1 61  ? -7.529  2.094   3.823   1.00 66.10  ? 77  TYR A CG  1 
ATOM 465  C CD1 . TYR A 1 61  ? -6.301  2.763   3.885   1.00 66.89  ? 77  TYR A CD1 1 
ATOM 466  C CD2 . TYR A 1 61  ? -8.685  2.801   4.144   1.00 66.82  ? 77  TYR A CD2 1 
ATOM 467  C CE1 . TYR A 1 61  ? -6.232  4.105   4.269   1.00 68.66  ? 77  TYR A CE1 1 
ATOM 468  C CE2 . TYR A 1 61  ? -8.631  4.138   4.525   1.00 69.05  ? 77  TYR A CE2 1 
ATOM 469  C CZ  . TYR A 1 61  ? -7.405  4.787   4.590   1.00 70.06  ? 77  TYR A CZ  1 
ATOM 470  O OH  . TYR A 1 61  ? -7.371  6.110   4.998   1.00 72.09  ? 77  TYR A OH  1 
ATOM 471  N N   . ASN A 1 62  ? -9.010  -1.853  4.851   1.00 64.61  ? 78  ASN A N   1 
ATOM 472  C CA  . ASN A 1 62  ? -9.737  -3.077  4.547   1.00 65.88  ? 78  ASN A CA  1 
ATOM 473  C C   . ASN A 1 62  ? -10.574 -2.680  3.322   1.00 66.84  ? 78  ASN A C   1 
ATOM 474  O O   . ASN A 1 62  ? -10.703 -1.491  3.013   1.00 68.16  ? 78  ASN A O   1 
ATOM 475  C CB  . ASN A 1 62  ? -10.661 -3.485  5.696   1.00 65.70  ? 78  ASN A CB  1 
ATOM 476  C CG  . ASN A 1 62  ? -10.275 -4.817  6.319   1.00 64.31  ? 78  ASN A CG  1 
ATOM 477  O OD1 . ASN A 1 62  ? -9.685  -5.676  5.669   1.00 64.11  ? 78  ASN A OD1 1 
ATOM 478  N ND2 . ASN A 1 62  ? -10.627 -4.998  7.584   1.00 64.03  ? 78  ASN A ND2 1 
ATOM 479  N N   . PRO A 1 63  ? -11.147 -3.653  2.598   1.00 67.01  ? 79  PRO A N   1 
ATOM 480  C CA  . PRO A 1 63  ? -11.928 -3.190  1.447   1.00 67.23  ? 79  PRO A CA  1 
ATOM 481  C C   . PRO A 1 63  ? -13.156 -2.340  1.816   1.00 67.63  ? 79  PRO A C   1 
ATOM 482  O O   . PRO A 1 63  ? -13.955 -2.722  2.678   1.00 67.44  ? 79  PRO A O   1 
ATOM 483  C CB  . PRO A 1 63  ? -12.292 -4.494  0.728   1.00 66.27  ? 79  PRO A CB  1 
ATOM 484  C CG  . PRO A 1 63  ? -12.324 -5.490  1.827   1.00 66.71  ? 79  PRO A CG  1 
ATOM 485  C CD  . PRO A 1 63  ? -11.128 -5.124  2.671   1.00 66.35  ? 79  PRO A CD  1 
ATOM 486  N N   . GLY A 1 64  ? -13.273 -1.175  1.176   1.00 67.96  ? 80  GLY A N   1 
ATOM 487  C CA  . GLY A 1 64  ? -14.403 -0.287  1.402   1.00 68.52  ? 80  GLY A CA  1 
ATOM 488  C C   . GLY A 1 64  ? -14.458 0.514   2.690   1.00 69.45  ? 80  GLY A C   1 
ATOM 489  O O   . GLY A 1 64  ? -15.488 1.110   2.998   1.00 69.87  ? 80  GLY A O   1 
ATOM 490  N N   . ASP A 1 65  ? -13.373 0.524   3.454   1.00 70.49  ? 81  ASP A N   1 
ATOM 491  C CA  . ASP A 1 65  ? -13.336 1.289   4.701   1.00 70.69  ? 81  ASP A CA  1 
ATOM 492  C C   . ASP A 1 65  ? -13.030 2.736   4.381   1.00 69.45  ? 81  ASP A C   1 
ATOM 493  O O   . ASP A 1 65  ? -12.384 3.030   3.379   1.00 68.64  ? 81  ASP A O   1 
ATOM 494  C CB  . ASP A 1 65  ? -12.241 0.785   5.644   1.00 73.50  ? 81  ASP A CB  1 
ATOM 495  C CG  . ASP A 1 65  ? -12.678 -0.389  6.477   1.00 74.89  ? 81  ASP A CG  1 
ATOM 496  O OD1 . ASP A 1 65  ? -13.899 -0.688  6.503   1.00 74.23  ? 81  ASP A OD1 1 
ATOM 497  O OD2 . ASP A 1 65  ? -11.785 -0.998  7.115   1.00 76.10  ? 81  ASP A OD2 1 
ATOM 498  N N   . THR A 1 66  ? -13.479 3.629   5.253   1.00 68.37  ? 82  THR A N   1 
ATOM 499  C CA  . THR A 1 66  ? -13.250 5.057   5.081   1.00 66.96  ? 82  THR A CA  1 
ATOM 500  C C   . THR A 1 66  ? -11.918 5.422   5.767   1.00 67.09  ? 82  THR A C   1 
ATOM 501  O O   . THR A 1 66  ? -11.344 6.491   5.526   1.00 67.10  ? 82  THR A O   1 
ATOM 502  C CB  . THR A 1 66  ? -14.411 5.858   5.703   1.00 65.80  ? 82  THR A CB  1 
ATOM 503  O OG1 . THR A 1 66  ? -14.118 6.145   7.076   1.00 68.31  ? 82  THR A OG1 1 
ATOM 504  C CG2 . THR A 1 66  ? -15.706 5.047   5.650   1.00 63.17  ? 82  THR A CG2 1 
ATOM 505  N N   . ASP A 1 67  ? -11.437 4.515   6.618   1.00 66.39  ? 83  ASP A N   1 
ATOM 506  C CA  . ASP A 1 67  ? -10.182 4.701   7.333   1.00 65.29  ? 83  ASP A CA  1 
ATOM 507  C C   . ASP A 1 67  ? -9.415  3.374   7.489   1.00 65.46  ? 83  ASP A C   1 
ATOM 508  O O   . ASP A 1 67  ? -9.980  2.277   7.350   1.00 64.56  ? 83  ASP A O   1 
ATOM 509  C CB  . ASP A 1 67  ? -10.441 5.354   8.697   1.00 64.59  ? 83  ASP A CB  1 
ATOM 510  C CG  . ASP A 1 67  ? -9.165  5.880   9.342   1.00 65.22  ? 83  ASP A CG  1 
ATOM 511  O OD1 . ASP A 1 67  ? -8.325  6.459   8.616   1.00 64.34  ? 83  ASP A OD1 1 
ATOM 512  O OD2 . ASP A 1 67  ? -9.004  5.724   10.572  1.00 65.58  ? 83  ASP A OD2 1 
ATOM 513  N N   . SER A 1 68  ? -8.116  3.488   7.757   1.00 65.56  ? 84  SER A N   1 
ATOM 514  C CA  . SER A 1 68  ? -7.242  2.330   7.898   1.00 65.30  ? 84  SER A CA  1 
ATOM 515  C C   . SER A 1 68  ? -7.418  1.544   9.197   1.00 66.32  ? 84  SER A C   1 
ATOM 516  O O   . SER A 1 68  ? -7.540  2.125   10.285  1.00 66.49  ? 84  SER A O   1 
ATOM 517  C CB  . SER A 1 68  ? -5.781  2.770   7.745   1.00 63.53  ? 84  SER A CB  1 
ATOM 518  O OG  . SER A 1 68  ? -5.467  3.837   8.621   1.00 61.96  ? 84  SER A OG  1 
ATOM 519  N N   . VAL A 1 69  ? -7.427  0.215   9.064   1.00 67.07  ? 85  VAL A N   1 
ATOM 520  C CA  . VAL A 1 69  ? -7.566  -0.694  10.206  1.00 66.73  ? 85  VAL A CA  1 
ATOM 521  C C   . VAL A 1 69  ? -6.201  -1.107  10.780  1.00 66.56  ? 85  VAL A C   1 
ATOM 522  O O   . VAL A 1 69  ? -6.126  -1.704  11.856  1.00 67.17  ? 85  VAL A O   1 
ATOM 523  C CB  . VAL A 1 69  ? -8.350  -1.981  9.829   1.00 65.86  ? 85  VAL A CB  1 
ATOM 524  C CG1 . VAL A 1 69  ? -9.823  -1.671  9.672   1.00 65.85  ? 85  VAL A CG1 1 
ATOM 525  C CG2 . VAL A 1 69  ? -7.805  -2.561  8.540   1.00 66.27  ? 85  VAL A CG2 1 
ATOM 526  N N   . HIS A 1 70  ? -5.127  -0.792  10.060  1.00 65.52  ? 86  HIS A N   1 
ATOM 527  C CA  . HIS A 1 70  ? -3.783  -1.117  10.522  1.00 64.75  ? 86  HIS A CA  1 
ATOM 528  C C   . HIS A 1 70  ? -2.809  -0.042  10.057  1.00 64.24  ? 86  HIS A C   1 
ATOM 529  O O   . HIS A 1 70  ? -3.084  0.680   9.102   1.00 65.08  ? 86  HIS A O   1 
ATOM 530  C CB  . HIS A 1 70  ? -3.351  -2.487  9.996   1.00 65.62  ? 86  HIS A CB  1 
ATOM 531  C CG  . HIS A 1 70  ? -2.125  -3.031  10.660  1.00 66.42  ? 86  HIS A CG  1 
ATOM 532  N ND1 . HIS A 1 70  ? -1.875  -2.870  12.012  1.00 66.68  ? 86  HIS A ND1 1 
ATOM 533  C CD2 . HIS A 1 70  ? -1.092  -3.758  10.177  1.00 65.82  ? 86  HIS A CD2 1 
ATOM 534  C CE1 . HIS A 1 70  ? -0.746  -3.473  12.323  1.00 65.72  ? 86  HIS A CE1 1 
ATOM 535  N NE2 . HIS A 1 70  ? -0.247  -4.022  11.227  1.00 65.29  ? 86  HIS A NE2 1 
ATOM 536  N N   . ALA A 1 71  ? -1.674  0.071   10.735  1.00 63.30  ? 87  ALA A N   1 
ATOM 537  C CA  . ALA A 1 71  ? -0.687  1.081   10.379  1.00 62.38  ? 87  ALA A CA  1 
ATOM 538  C C   . ALA A 1 71  ? 0.673   0.724   10.949  1.00 61.36  ? 87  ALA A C   1 
ATOM 539  O O   . ALA A 1 71  ? 0.772   -0.113  11.837  1.00 61.73  ? 87  ALA A O   1 
ATOM 540  C CB  . ALA A 1 71  ? -1.131  2.437   10.908  1.00 63.40  ? 87  ALA A CB  1 
ATOM 541  N N   . THR A 1 72  ? 1.719   1.364   10.442  1.00 60.43  ? 88  THR A N   1 
ATOM 542  C CA  . THR A 1 72  ? 3.068   1.099   10.923  1.00 59.79  ? 88  THR A CA  1 
ATOM 543  C C   . THR A 1 72  ? 3.425   2.036   12.067  1.00 60.84  ? 88  THR A C   1 
ATOM 544  O O   . THR A 1 72  ? 4.288   1.729   12.889  1.00 61.52  ? 88  THR A O   1 
ATOM 545  C CB  . THR A 1 72  ? 4.121   1.303   9.810   1.00 58.32  ? 88  THR A CB  1 
ATOM 546  O OG1 . THR A 1 72  ? 4.142   2.679   9.417   1.00 56.51  ? 88  THR A OG1 1 
ATOM 547  C CG2 . THR A 1 72  ? 3.798   0.451   8.603   1.00 57.88  ? 88  THR A CG2 1 
ATOM 548  N N   . GLY A 1 73  ? 2.738   3.171   12.131  1.00 61.95  ? 89  GLY A N   1 
ATOM 549  C CA  . GLY A 1 73  ? 3.043   4.162   13.146  1.00 62.62  ? 89  GLY A CA  1 
ATOM 550  C C   . GLY A 1 73  ? 4.098   5.044   12.500  1.00 63.36  ? 89  GLY A C   1 
ATOM 551  O O   . GLY A 1 73  ? 4.779   4.607   11.566  1.00 63.65  ? 89  GLY A O   1 
ATOM 552  N N   . VAL A 1 74  ? 4.254   6.275   12.967  1.00 63.60  ? 90  VAL A N   1 
ATOM 553  C CA  . VAL A 1 74  ? 5.244   7.155   12.357  1.00 63.86  ? 90  VAL A CA  1 
ATOM 554  C C   . VAL A 1 74  ? 6.644   6.543   12.299  1.00 63.60  ? 90  VAL A C   1 
ATOM 555  O O   . VAL A 1 74  ? 7.110   5.907   13.247  1.00 62.70  ? 90  VAL A O   1 
ATOM 556  C CB  . VAL A 1 74  ? 5.312   8.514   13.082  1.00 63.83  ? 90  VAL A CB  1 
ATOM 557  C CG1 . VAL A 1 74  ? 3.978   9.217   12.967  1.00 62.28  ? 90  VAL A CG1 1 
ATOM 558  C CG2 . VAL A 1 74  ? 5.687   8.315   14.538  1.00 63.86  ? 90  VAL A CG2 1 
ATOM 559  N N   . GLN A 1 75  ? 7.306   6.745   11.168  1.00 63.80  ? 91  GLN A N   1 
ATOM 560  C CA  . GLN A 1 75  ? 8.648   6.226   10.956  1.00 64.67  ? 91  GLN A CA  1 
ATOM 561  C C   . GLN A 1 75  ? 9.574   7.374   10.585  1.00 64.50  ? 91  GLN A C   1 
ATOM 562  O O   . GLN A 1 75  ? 9.174   8.264   9.843   1.00 65.06  ? 91  GLN A O   1 
ATOM 563  C CB  . GLN A 1 75  ? 8.639   5.225   9.799   1.00 65.16  ? 91  GLN A CB  1 
ATOM 564  C CG  . GLN A 1 75  ? 7.678   4.066   9.941   1.00 65.62  ? 91  GLN A CG  1 
ATOM 565  C CD  . GLN A 1 75  ? 8.010   3.189   11.121  1.00 66.53  ? 91  GLN A CD  1 
ATOM 566  O OE1 . GLN A 1 75  ? 9.180   2.972   11.439  1.00 67.22  ? 91  GLN A OE1 1 
ATOM 567  N NE2 . GLN A 1 75  ? 6.983   2.665   11.773  1.00 67.17  ? 91  GLN A NE2 1 
ATOM 568  N N   . LEU A 1 76  ? 10.805  7.359   11.086  1.00 64.30  ? 92  LEU A N   1 
ATOM 569  C CA  . LEU A 1 76  ? 11.757  8.410   10.732  1.00 64.29  ? 92  LEU A CA  1 
ATOM 570  C C   . LEU A 1 76  ? 12.390  8.097   9.371   1.00 64.58  ? 92  LEU A C   1 
ATOM 571  O O   . LEU A 1 76  ? 12.415  6.944   8.948   1.00 64.91  ? 92  LEU A O   1 
ATOM 572  C CB  . LEU A 1 76  ? 12.842  8.530   11.802  1.00 63.66  ? 92  LEU A CB  1 
ATOM 573  C CG  . LEU A 1 76  ? 12.483  9.478   12.945  1.00 63.99  ? 92  LEU A CG  1 
ATOM 574  C CD1 . LEU A 1 76  ? 13.577  9.478   13.989  1.00 64.20  ? 92  LEU A CD1 1 
ATOM 575  C CD2 . LEU A 1 76  ? 12.290  10.877  12.390  1.00 63.64  ? 92  LEU A CD2 1 
ATOM 576  N N   . MET A 1 77  ? 12.888  9.118   8.676   1.00 64.65  ? 93  MET A N   1 
ATOM 577  C CA  . MET A 1 77  ? 13.517  8.913   7.371   1.00 64.23  ? 93  MET A CA  1 
ATOM 578  C C   . MET A 1 77  ? 14.913  9.516   7.320   1.00 64.38  ? 93  MET A C   1 
ATOM 579  O O   . MET A 1 77  ? 15.100  10.713  7.522   1.00 63.92  ? 93  MET A O   1 
ATOM 580  C CB  . MET A 1 77  ? 12.659  9.515   6.264   1.00 63.59  ? 93  MET A CB  1 
ATOM 581  C CG  . MET A 1 77  ? 11.293  8.883   6.158   1.00 64.58  ? 93  MET A CG  1 
ATOM 582  S SD  . MET A 1 77  ? 10.304  9.612   4.847   1.00 66.48  ? 93  MET A SD  1 
ATOM 583  C CE  . MET A 1 77  ? 10.981  8.790   3.382   1.00 65.04  ? 93  MET A CE  1 
ATOM 584  N N   . GLY A 1 78  ? 15.897  8.671   7.050   1.00 65.01  ? 94  GLY A N   1 
ATOM 585  C CA  . GLY A 1 78  ? 17.261  9.146   6.990   1.00 64.10  ? 94  GLY A CA  1 
ATOM 586  C C   . GLY A 1 78  ? 17.741  9.220   5.564   1.00 63.91  ? 94  GLY A C   1 
ATOM 587  O O   . GLY A 1 78  ? 17.004  8.908   4.624   1.00 64.06  ? 94  GLY A O   1 
ATOM 588  N N   . THR A 1 79  ? 18.993  9.626   5.412   1.00 63.62  ? 95  THR A N   1 
ATOM 589  C CA  . THR A 1 79  ? 19.620  9.764   4.106   1.00 63.83  ? 95  THR A CA  1 
ATOM 590  C C   . THR A 1 79  ? 20.025  8.406   3.534   1.00 64.30  ? 95  THR A C   1 
ATOM 591  O O   . THR A 1 79  ? 20.777  8.315   2.556   1.00 64.16  ? 95  THR A O   1 
ATOM 592  C CB  . THR A 1 79  ? 20.849  10.648  4.224   1.00 63.03  ? 95  THR A CB  1 
ATOM 593  O OG1 . THR A 1 79  ? 21.853  9.972   4.988   1.00 61.60  ? 95  THR A OG1 1 
ATOM 594  C CG2 . THR A 1 79  ? 20.481  11.927  4.948   1.00 62.99  ? 95  THR A CG2 1 
ATOM 595  N N   . VAL A 1 80  ? 19.515  7.356   4.163   1.00 64.93  ? 96  VAL A N   1 
ATOM 596  C CA  . VAL A 1 80  ? 19.786  5.987   3.754   1.00 64.26  ? 96  VAL A CA  1 
ATOM 597  C C   . VAL A 1 80  ? 18.497  5.173   3.809   1.00 65.39  ? 96  VAL A C   1 
ATOM 598  O O   . VAL A 1 80  ? 17.672  5.350   4.721   1.00 66.14  ? 96  VAL A O   1 
ATOM 599  C CB  . VAL A 1 80  ? 20.843  5.344   4.658   1.00 61.52  ? 96  VAL A CB  1 
ATOM 600  C CG1 . VAL A 1 80  ? 20.850  3.857   4.462   1.00 61.54  ? 96  VAL A CG1 1 
ATOM 601  C CG2 . VAL A 1 80  ? 22.204  5.897   4.315   1.00 59.75  ? 96  VAL A CG2 1 
ATOM 602  N N   . PRO A 1 81  ? 18.302  4.270   2.828   1.00 65.53  ? 97  PRO A N   1 
ATOM 603  C CA  . PRO A 1 81  ? 17.100  3.435   2.774   1.00 66.23  ? 97  PRO A CA  1 
ATOM 604  C C   . PRO A 1 81  ? 16.901  2.666   4.070   1.00 67.65  ? 97  PRO A C   1 
ATOM 605  O O   . PRO A 1 81  ? 17.849  2.103   4.614   1.00 68.64  ? 97  PRO A O   1 
ATOM 606  C CB  . PRO A 1 81  ? 17.373  2.502   1.595   1.00 65.32  ? 97  PRO A CB  1 
ATOM 607  C CG  . PRO A 1 81  ? 18.303  3.288   0.737   1.00 64.61  ? 97  PRO A CG  1 
ATOM 608  C CD  . PRO A 1 81  ? 19.228  3.922   1.737   1.00 64.32  ? 97  PRO A CD  1 
ATOM 609  N N   . ARG A 1 82  ? 15.674  2.657   4.571   1.00 68.66  ? 98  ARG A N   1 
ATOM 610  C CA  . ARG A 1 82  ? 15.364  1.930   5.794   1.00 69.15  ? 98  ARG A CA  1 
ATOM 611  C C   . ARG A 1 82  ? 14.020  1.258   5.538   1.00 67.75  ? 98  ARG A C   1 
ATOM 612  O O   . ARG A 1 82  ? 13.036  1.917   5.187   1.00 67.89  ? 98  ARG A O   1 
ATOM 613  C CB  . ARG A 1 82  ? 15.273  2.886   6.985   1.00 73.00  ? 98  ARG A CB  1 
ATOM 614  C CG  . ARG A 1 82  ? 15.766  2.291   8.304   1.00 79.12  ? 98  ARG A CG  1 
ATOM 615  C CD  . ARG A 1 82  ? 15.217  3.059   9.516   1.00 86.04  ? 98  ARG A CD  1 
ATOM 616  N NE  . ARG A 1 82  ? 13.752  2.953   9.620   1.00 92.52  ? 98  ARG A NE  1 
ATOM 617  C CZ  . ARG A 1 82  ? 12.990  3.602   10.507  1.00 94.79  ? 98  ARG A CZ  1 
ATOM 618  N NH1 . ARG A 1 82  ? 13.537  4.427   11.398  1.00 96.49  ? 98  ARG A NH1 1 
ATOM 619  N NH2 . ARG A 1 82  ? 11.669  3.429   10.502  1.00 95.05  ? 98  ARG A NH2 1 
ATOM 620  N N   . THR A 1 83  ? 13.980  -0.059  5.709   1.00 65.89  ? 99  THR A N   1 
ATOM 621  C CA  . THR A 1 83  ? 12.760  -0.812  5.451   1.00 63.33  ? 99  THR A CA  1 
ATOM 622  C C   . THR A 1 83  ? 11.906  -1.177  6.662   1.00 62.90  ? 99  THR A C   1 
ATOM 623  O O   . THR A 1 83  ? 12.419  -1.470  7.741   1.00 63.23  ? 99  THR A O   1 
ATOM 624  C CB  . THR A 1 83  ? 13.088  -2.089  4.698   1.00 61.02  ? 99  THR A CB  1 
ATOM 625  O OG1 . THR A 1 83  ? 13.980  -1.780  3.624   1.00 61.25  ? 99  THR A OG1 1 
ATOM 626  C CG2 . THR A 1 83  ? 11.830  -2.697  4.134   1.00 59.75  ? 99  THR A CG2 1 
ATOM 627  N N   . VAL A 1 84  ? 10.590  -1.146  6.462   1.00 62.66  ? 100 VAL A N   1 
ATOM 628  C CA  . VAL A 1 84  ? 9.622   -1.493  7.496   1.00 61.98  ? 100 VAL A CA  1 
ATOM 629  C C   . VAL A 1 84  ? 8.625   -2.423  6.840   1.00 62.35  ? 100 VAL A C   1 
ATOM 630  O O   . VAL A 1 84  ? 8.274   -2.238  5.670   1.00 62.16  ? 100 VAL A O   1 
ATOM 631  C CB  . VAL A 1 84  ? 8.850   -0.270  8.006   1.00 61.98  ? 100 VAL A CB  1 
ATOM 632  C CG1 . VAL A 1 84  ? 7.831   -0.710  9.048   1.00 60.92  ? 100 VAL A CG1 1 
ATOM 633  C CG2 . VAL A 1 84  ? 9.820   0.764   8.580   1.00 62.57  ? 100 VAL A CG2 1 
ATOM 634  N N   . ARG A 1 85  ? 8.172   -3.427  7.576   1.00 62.94  ? 101 ARG A N   1 
ATOM 635  C CA  . ARG A 1 85  ? 7.220   -4.358  7.003   1.00 64.17  ? 101 ARG A CA  1 
ATOM 636  C C   . ARG A 1 85  ? 5.900   -4.287  7.745   1.00 61.95  ? 101 ARG A C   1 
ATOM 637  O O   . ARG A 1 85  ? 5.858   -4.342  8.968   1.00 61.39  ? 101 ARG A O   1 
ATOM 638  C CB  . ARG A 1 85  ? 7.781   -5.782  7.040   1.00 68.20  ? 101 ARG A CB  1 
ATOM 639  C CG  . ARG A 1 85  ? 7.201   -6.712  5.968   1.00 76.45  ? 101 ARG A CG  1 
ATOM 640  C CD  . ARG A 1 85  ? 7.957   -8.034  5.912   1.00 83.32  ? 101 ARG A CD  1 
ATOM 641  N NE  . ARG A 1 85  ? 9.399   -7.810  5.809   1.00 91.22  ? 101 ARG A NE  1 
ATOM 642  C CZ  . ARG A 1 85  ? 10.323  -8.763  5.920   1.00 95.66  ? 101 ARG A CZ  1 
ATOM 643  N NH1 . ARG A 1 85  ? 9.955   -10.024 6.136   1.00 98.30  ? 101 ARG A NH1 1 
ATOM 644  N NH2 . ARG A 1 85  ? 11.619  -8.456  5.828   1.00 96.98  ? 101 ARG A NH2 1 
ATOM 645  N N   . LEU A 1 86  ? 4.817   -4.134  6.998   1.00 60.87  ? 102 LEU A N   1 
ATOM 646  C CA  . LEU A 1 86  ? 3.500   -4.068  7.598   1.00 59.47  ? 102 LEU A CA  1 
ATOM 647  C C   . LEU A 1 86  ? 2.797   -5.381  7.297   1.00 59.27  ? 102 LEU A C   1 
ATOM 648  O O   . LEU A 1 86  ? 2.750   -5.829  6.140   1.00 58.71  ? 102 LEU A O   1 
ATOM 649  C CB  . LEU A 1 86  ? 2.703   -2.892  7.027   1.00 58.39  ? 102 LEU A CB  1 
ATOM 650  C CG  . LEU A 1 86  ? 1.433   -2.554  7.808   1.00 56.89  ? 102 LEU A CG  1 
ATOM 651  C CD1 . LEU A 1 86  ? 1.772   -2.410  9.281   1.00 58.13  ? 102 LEU A CD1 1 
ATOM 652  C CD2 . LEU A 1 86  ? 0.818   -1.279  7.274   1.00 56.28  ? 102 LEU A CD2 1 
ATOM 653  N N   . THR A 1 87  ? 2.275   -6.009  8.343   1.00 58.81  ? 103 THR A N   1 
ATOM 654  C CA  . THR A 1 87  ? 1.582   -7.277  8.172   1.00 58.59  ? 103 THR A CA  1 
ATOM 655  C C   . THR A 1 87  ? 0.237   -7.281  8.865   1.00 59.09  ? 103 THR A C   1 
ATOM 656  O O   . THR A 1 87  ? 0.146   -7.043  10.070  1.00 58.66  ? 103 THR A O   1 
ATOM 657  C CB  . THR A 1 87  ? 2.395   -8.441  8.715   1.00 57.25  ? 103 THR A CB  1 
ATOM 658  O OG1 . THR A 1 87  ? 3.644   -8.521  8.018   1.00 55.24  ? 103 THR A OG1 1 
ATOM 659  C CG2 . THR A 1 87  ? 1.630   -9.729  8.519   1.00 56.37  ? 103 THR A CG2 1 
ATOM 660  N N   . PRO A 1 88  ? -0.831  -7.571  8.106   1.00 60.11  ? 104 PRO A N   1 
ATOM 661  C CA  . PRO A 1 88  ? -2.173  -7.591  8.686   1.00 61.13  ? 104 PRO A CA  1 
ATOM 662  C C   . PRO A 1 88  ? -2.419  -8.866  9.460   1.00 61.98  ? 104 PRO A C   1 
ATOM 663  O O   . PRO A 1 88  ? -1.934  -9.930  9.074   1.00 62.49  ? 104 PRO A O   1 
ATOM 664  C CB  . PRO A 1 88  ? -3.069  -7.480  7.457   1.00 60.82  ? 104 PRO A CB  1 
ATOM 665  C CG  . PRO A 1 88  ? -2.318  -8.329  6.441   1.00 60.05  ? 104 PRO A CG  1 
ATOM 666  C CD  . PRO A 1 88  ? -0.864  -7.910  6.666   1.00 59.79  ? 104 PRO A CD  1 
ATOM 667  N N   . ARG A 1 89  ? -3.146  -8.759  10.565  1.00 62.76  ? 105 ARG A N   1 
ATOM 668  C CA  . ARG A 1 89  ? -3.476  -9.948  11.328  1.00 64.49  ? 105 ARG A CA  1 
ATOM 669  C C   . ARG A 1 89  ? -4.949  -10.192 11.024  1.00 63.59  ? 105 ARG A C   1 
ATOM 670  O O   . ARG A 1 89  ? -5.535  -9.480  10.217  1.00 63.48  ? 105 ARG A O   1 
ATOM 671  C CB  . ARG A 1 89  ? -3.270  -9.738  12.822  1.00 68.41  ? 105 ARG A CB  1 
ATOM 672  C CG  . ARG A 1 89  ? -4.392  -8.987  13.514  1.00 76.69  ? 105 ARG A CG  1 
ATOM 673  C CD  . ARG A 1 89  ? -4.398  -9.281  15.014  1.00 82.88  ? 105 ARG A CD  1 
ATOM 674  N NE  . ARG A 1 89  ? -3.165  -8.837  15.668  1.00 88.10  ? 105 ARG A NE  1 
ATOM 675  C CZ  . ARG A 1 89  ? -2.513  -9.536  16.596  1.00 89.93  ? 105 ARG A CZ  1 
ATOM 676  N NH1 . ARG A 1 89  ? -2.967  -10.727 16.987  1.00 90.21  ? 105 ARG A NH1 1 
ATOM 677  N NH2 . ARG A 1 89  ? -1.404  -9.039  17.136  1.00 90.45  ? 105 ARG A NH2 1 
ATOM 678  N N   . VAL A 1 90  ? -5.556  -11.178 11.665  1.00 62.93  ? 106 VAL A N   1 
ATOM 679  C CA  . VAL A 1 90  ? -6.955  -11.475 11.387  1.00 62.53  ? 106 VAL A CA  1 
ATOM 680  C C   . VAL A 1 90  ? -7.859  -10.287 11.642  1.00 62.83  ? 106 VAL A C   1 
ATOM 681  O O   . VAL A 1 90  ? -7.785  -9.670  12.702  1.00 62.65  ? 106 VAL A O   1 
ATOM 682  C CB  . VAL A 1 90  ? -7.453  -12.635 12.245  1.00 61.64  ? 106 VAL A CB  1 
ATOM 683  C CG1 . VAL A 1 90  ? -8.936  -12.868 12.040  1.00 61.13  ? 106 VAL A CG1 1 
ATOM 684  C CG2 . VAL A 1 90  ? -6.694  -13.875 11.897  1.00 62.75  ? 106 VAL A CG2 1 
ATOM 685  N N   . GLY A 1 91  ? -8.730  -9.997  10.674  1.00 62.81  ? 107 GLY A N   1 
ATOM 686  C CA  . GLY A 1 91  ? -9.662  -8.882  10.779  1.00 62.49  ? 107 GLY A CA  1 
ATOM 687  C C   . GLY A 1 91  ? -9.124  -7.634  10.101  1.00 62.30  ? 107 GLY A C   1 
ATOM 688  O O   . GLY A 1 91  ? -9.830  -6.632  9.977   1.00 62.90  ? 107 GLY A O   1 
ATOM 689  N N   . GLN A 1 92  ? -7.859  -7.683  9.683   1.00 61.84  ? 108 GLN A N   1 
ATOM 690  C CA  . GLN A 1 92  ? -7.237  -6.549  8.990   1.00 61.07  ? 108 GLN A CA  1 
ATOM 691  C C   . GLN A 1 92  ? -6.913  -6.945  7.565   1.00 61.77  ? 108 GLN A C   1 
ATOM 692  O O   . GLN A 1 92  ? -6.329  -6.165  6.814   1.00 61.27  ? 108 GLN A O   1 
ATOM 693  C CB  . GLN A 1 92  ? -5.936  -6.109  9.655   1.00 59.23  ? 108 GLN A CB  1 
ATOM 694  C CG  . GLN A 1 92  ? -6.056  -5.793  11.115  1.00 58.59  ? 108 GLN A CG  1 
ATOM 695  C CD  . GLN A 1 92  ? -4.715  -5.462  11.732  1.00 58.54  ? 108 GLN A CD  1 
ATOM 696  O OE1 . GLN A 1 92  ? -3.739  -6.194  11.557  1.00 58.51  ? 108 GLN A OE1 1 
ATOM 697  N NE2 . GLN A 1 92  ? -4.659  -4.355  12.463  1.00 58.49  ? 108 GLN A NE2 1 
ATOM 698  N N   . ASN A 1 93  ? -7.297  -8.159  7.191   1.00 63.41  ? 109 ASN A N   1 
ATOM 699  C CA  . ASN A 1 93  ? -7.021  -8.650  5.851   1.00 64.84  ? 109 ASN A CA  1 
ATOM 700  C C   . ASN A 1 93  ? -8.210  -9.276  5.124   1.00 64.93  ? 109 ASN A C   1 
ATOM 701  O O   . ASN A 1 93  ? -8.094  -10.374 4.589   1.00 66.04  ? 109 ASN A O   1 
ATOM 702  C CB  . ASN A 1 93  ? -5.881  -9.661  5.910   1.00 65.08  ? 109 ASN A CB  1 
ATOM 703  C CG  . ASN A 1 93  ? -6.150  -10.768 6.904   1.00 66.41  ? 109 ASN A CG  1 
ATOM 704  O OD1 . ASN A 1 93  ? -7.225  -10.829 7.528   1.00 66.86  ? 109 ASN A OD1 1 
ATOM 705  N ND2 . ASN A 1 93  ? -5.179  -11.656 7.059   1.00 66.14  ? 109 ASN A ND2 1 
ATOM 706  N N   . ASN A 1 94  ? -9.352  -8.602  5.097   1.00 64.53  ? 110 ASN A N   1 
ATOM 707  C CA  . ASN A 1 94  ? -10.484 -9.158  4.375   1.00 64.11  ? 110 ASN A CA  1 
ATOM 708  C C   . ASN A 1 94  ? -10.147 -9.116  2.894   1.00 64.60  ? 110 ASN A C   1 
ATOM 709  O O   . ASN A 1 94  ? -9.411  -8.241  2.448   1.00 64.72  ? 110 ASN A O   1 
ATOM 710  C CB  . ASN A 1 94  ? -11.743 -8.349  4.646   1.00 63.58  ? 110 ASN A CB  1 
ATOM 711  C CG  . ASN A 1 94  ? -12.258 -8.556  6.037   1.00 63.47  ? 110 ASN A CG  1 
ATOM 712  O OD1 . ASN A 1 94  ? -11.962 -9.565  6.666   1.00 65.35  ? 110 ASN A OD1 1 
ATOM 713  N ND2 . ASN A 1 94  ? -13.043 -7.614  6.526   1.00 63.94  ? 110 ASN A ND2 1 
ATOM 714  N N   . TRP A 1 95  ? -10.667 -10.074 2.139   1.00 65.09  ? 111 TRP A N   1 
ATOM 715  C CA  . TRP A 1 95  ? -10.410 -10.139 0.707   1.00 65.91  ? 111 TRP A CA  1 
ATOM 716  C C   . TRP A 1 95  ? -11.153 -9.072  -0.100  1.00 67.31  ? 111 TRP A C   1 
ATOM 717  O O   . TRP A 1 95  ? -12.295 -8.722  0.208   1.00 68.03  ? 111 TRP A O   1 
ATOM 718  C CB  . TRP A 1 95  ? -10.802 -11.515 0.165   1.00 65.02  ? 111 TRP A CB  1 
ATOM 719  C CG  . TRP A 1 95  ? -9.837  -12.600 0.483   1.00 64.79  ? 111 TRP A CG  1 
ATOM 720  C CD1 . TRP A 1 95  ? -9.502  -13.068 1.721   1.00 64.67  ? 111 TRP A CD1 1 
ATOM 721  C CD2 . TRP A 1 95  ? -9.052  -13.342 -0.457  1.00 64.93  ? 111 TRP A CD2 1 
ATOM 722  N NE1 . TRP A 1 95  ? -8.553  -14.059 1.609   1.00 64.81  ? 111 TRP A NE1 1 
ATOM 723  C CE2 . TRP A 1 95  ? -8.263  -14.249 0.284   1.00 65.17  ? 111 TRP A CE2 1 
ATOM 724  C CE3 . TRP A 1 95  ? -8.945  -13.336 -1.857  1.00 64.50  ? 111 TRP A CE3 1 
ATOM 725  C CZ2 . TRP A 1 95  ? -7.364  -15.132 -0.331  1.00 65.58  ? 111 TRP A CZ2 1 
ATOM 726  C CZ3 . TRP A 1 95  ? -8.052  -14.215 -2.468  1.00 63.92  ? 111 TRP A CZ3 1 
ATOM 727  C CH2 . TRP A 1 95  ? -7.278  -15.104 -1.703  1.00 65.13  ? 111 TRP A CH2 1 
ATOM 728  N N   . PHE A 1 96  ? -10.492 -8.561  -1.133  1.00 68.09  ? 112 PHE A N   1 
ATOM 729  C CA  . PHE A 1 96  ? -11.094 -7.578  -2.029  1.00 68.70  ? 112 PHE A CA  1 
ATOM 730  C C   . PHE A 1 96  ? -11.689 -8.401  -3.164  1.00 69.26  ? 112 PHE A C   1 
ATOM 731  O O   . PHE A 1 96  ? -10.957 -9.142  -3.825  1.00 69.19  ? 112 PHE A O   1 
ATOM 732  C CB  . PHE A 1 96  ? -10.030 -6.655  -2.610  1.00 69.21  ? 112 PHE A CB  1 
ATOM 733  C CG  . PHE A 1 96  ? -9.434  -5.711  -1.617  1.00 70.40  ? 112 PHE A CG  1 
ATOM 734  C CD1 . PHE A 1 96  ? -8.505  -6.144  -0.686  1.00 71.30  ? 112 PHE A CD1 1 
ATOM 735  C CD2 . PHE A 1 96  ? -9.795  -4.368  -1.625  1.00 71.37  ? 112 PHE A CD2 1 
ATOM 736  C CE1 . PHE A 1 96  ? -7.940  -5.241  0.226   1.00 72.08  ? 112 PHE A CE1 1 
ATOM 737  C CE2 . PHE A 1 96  ? -9.239  -3.460  -0.719  1.00 71.15  ? 112 PHE A CE2 1 
ATOM 738  C CZ  . PHE A 1 96  ? -8.310  -3.895  0.206   1.00 71.16  ? 112 PHE A CZ  1 
ATOM 739  N N   . PHE A 1 97  ? -12.993 -8.284  -3.411  1.00 69.73  ? 113 PHE A N   1 
ATOM 740  C CA  . PHE A 1 97  ? -13.588 -9.087  -4.478  1.00 70.07  ? 113 PHE A CA  1 
ATOM 741  C C   . PHE A 1 97  ? -13.058 -8.747  -5.863  1.00 70.52  ? 113 PHE A C   1 
ATOM 742  O O   . PHE A 1 97  ? -12.518 -7.663  -6.087  1.00 70.43  ? 113 PHE A O   1 
ATOM 743  C CB  . PHE A 1 97  ? -15.123 -9.019  -4.451  1.00 69.78  ? 113 PHE A CB  1 
ATOM 744  C CG  . PHE A 1 97  ? -15.683 -7.629  -4.416  1.00 70.40  ? 113 PHE A CG  1 
ATOM 745  C CD1 . PHE A 1 97  ? -15.562 -6.780  -5.510  1.00 70.15  ? 113 PHE A CD1 1 
ATOM 746  C CD2 . PHE A 1 97  ? -16.381 -7.188  -3.292  1.00 70.05  ? 113 PHE A CD2 1 
ATOM 747  C CE1 . PHE A 1 97  ? -16.127 -5.514  -5.486  1.00 70.23  ? 113 PHE A CE1 1 
ATOM 748  C CE2 . PHE A 1 97  ? -16.950 -5.926  -3.257  1.00 69.81  ? 113 PHE A CE2 1 
ATOM 749  C CZ  . PHE A 1 97  ? -16.827 -5.087  -4.356  1.00 70.27  ? 113 PHE A CZ  1 
ATOM 750  N N   . GLY A 1 98  ? -13.209 -9.698  -6.784  1.00 70.92  ? 114 GLY A N   1 
ATOM 751  C CA  . GLY A 1 98  ? -12.721 -9.537  -8.144  1.00 71.01  ? 114 GLY A CA  1 
ATOM 752  C C   . GLY A 1 98  ? -12.973 -8.224  -8.861  1.00 71.18  ? 114 GLY A C   1 
ATOM 753  O O   . GLY A 1 98  ? -12.103 -7.715  -9.570  1.00 69.41  ? 114 GLY A O   1 
ATOM 754  N N   . ASN A 1 99  ? -14.165 -7.668  -8.684  1.00 72.48  ? 115 ASN A N   1 
ATOM 755  C CA  . ASN A 1 99  ? -14.517 -6.422  -9.343  1.00 73.14  ? 115 ASN A CA  1 
ATOM 756  C C   . ASN A 1 99  ? -14.192 -5.159  -8.586  1.00 73.54  ? 115 ASN A C   1 
ATOM 757  O O   . ASN A 1 99  ? -14.788 -4.118  -8.844  1.00 73.97  ? 115 ASN A O   1 
ATOM 758  C CB  . ASN A 1 99  ? -15.994 -6.419  -9.682  1.00 73.68  ? 115 ASN A CB  1 
ATOM 759  C CG  . ASN A 1 99  ? -16.316 -7.391  -10.764 1.00 75.58  ? 115 ASN A CG  1 
ATOM 760  O OD1 . ASN A 1 99  ? -15.542 -7.553  -11.712 1.00 76.73  ? 115 ASN A OD1 1 
ATOM 761  N ND2 . ASN A 1 99  ? -17.462 -8.049  -10.650 1.00 77.59  ? 115 ASN A ND2 1 
ATOM 762  N N   . THR A 1 100 ? -13.255 -5.239  -7.654  1.00 73.96  ? 116 THR A N   1 
ATOM 763  C CA  . THR A 1 100 ? -12.873 -4.066  -6.888  1.00 74.17  ? 116 THR A CA  1 
ATOM 764  C C   . THR A 1 100 ? -12.471 -2.948  -7.851  1.00 75.80  ? 116 THR A C   1 
ATOM 765  O O   . THR A 1 100 ? -11.675 -3.175  -8.761  1.00 76.06  ? 116 THR A O   1 
ATOM 766  C CB  . THR A 1 100 ? -11.707 -4.397  -5.960  1.00 72.69  ? 116 THR A CB  1 
ATOM 767  O OG1 . THR A 1 100 ? -12.162 -5.273  -4.925  1.00 71.72  ? 116 THR A OG1 1 
ATOM 768  C CG2 . THR A 1 100 ? -11.159 -3.148  -5.340  1.00 71.57  ? 116 THR A CG2 1 
ATOM 769  N N   . GLU A 1 101 ? -13.025 -1.750  -7.656  1.00 77.29  ? 117 GLU A N   1 
ATOM 770  C CA  . GLU A 1 101 ? -12.723 -0.615  -8.528  1.00 78.73  ? 117 GLU A CA  1 
ATOM 771  C C   . GLU A 1 101 ? -11.269 -0.240  -8.493  1.00 77.05  ? 117 GLU A C   1 
ATOM 772  O O   . GLU A 1 101 ? -10.622 -0.312  -7.457  1.00 76.62  ? 117 GLU A O   1 
ATOM 773  C CB  . GLU A 1 101 ? -13.548 0.607   -8.149  1.00 82.80  ? 117 GLU A CB  1 
ATOM 774  C CG  . GLU A 1 101 ? -15.033 0.414   -8.373  1.00 90.60  ? 117 GLU A CG  1 
ATOM 775  C CD  . GLU A 1 101 ? -15.846 1.620   -7.946  1.00 95.48  ? 117 GLU A CD  1 
ATOM 776  O OE1 . GLU A 1 101 ? -15.289 2.463   -7.202  1.00 98.24  ? 117 GLU A OE1 1 
ATOM 777  O OE2 . GLU A 1 101 ? -17.037 1.718   -8.342  1.00 97.68  ? 117 GLU A OE2 1 
ATOM 778  N N   . GLU A 1 102 ? -10.768 0.182   -9.642  1.00 75.76  ? 118 GLU A N   1 
ATOM 779  C CA  . GLU A 1 102 ? -9.379  0.568   -9.779  1.00 75.06  ? 118 GLU A CA  1 
ATOM 780  C C   . GLU A 1 102 ? -8.928  1.640   -8.805  1.00 73.83  ? 118 GLU A C   1 
ATOM 781  O O   . GLU A 1 102 ? -7.766  1.690   -8.412  1.00 72.55  ? 118 GLU A O   1 
ATOM 782  C CB  . GLU A 1 102 ? -9.136  1.048   -11.199 1.00 76.57  ? 118 GLU A CB  1 
ATOM 783  C CG  . GLU A 1 102 ? -9.255  -0.059  -12.223 1.00 81.00  ? 118 GLU A CG  1 
ATOM 784  C CD  . GLU A 1 102 ? -8.033  -0.982  -12.240 1.00 83.32  ? 118 GLU A CD  1 
ATOM 785  O OE1 . GLU A 1 102 ? -7.174  -0.880  -11.343 1.00 84.47  ? 118 GLU A OE1 1 
ATOM 786  O OE2 . GLU A 1 102 ? -7.926  -1.821  -13.159 1.00 85.51  ? 118 GLU A OE2 1 
ATOM 787  N N   . ALA A 1 103 ? -9.854  2.501   -8.412  1.00 73.65  ? 119 ALA A N   1 
ATOM 788  C CA  . ALA A 1 103 ? -9.518  3.591   -7.516  1.00 72.97  ? 119 ALA A CA  1 
ATOM 789  C C   . ALA A 1 103 ? -9.623  3.239   -6.041  1.00 73.28  ? 119 ALA A C   1 
ATOM 790  O O   . ALA A 1 103 ? -9.388  4.091   -5.181  1.00 73.63  ? 119 ALA A O   1 
ATOM 791  C CB  . ALA A 1 103 ? -10.394 4.773   -7.826  1.00 73.04  ? 119 ALA A CB  1 
ATOM 792  N N   . GLU A 1 104 ? -9.972  1.989   -5.741  1.00 73.15  ? 120 GLU A N   1 
ATOM 793  C CA  . GLU A 1 104 ? -10.105 1.559   -4.352  1.00 72.05  ? 120 GLU A CA  1 
ATOM 794  C C   . GLU A 1 104 ? -8.769  1.684   -3.625  1.00 70.66  ? 120 GLU A C   1 
ATOM 795  O O   . GLU A 1 104 ? -7.729  1.284   -4.153  1.00 69.61  ? 120 GLU A O   1 
ATOM 796  C CB  . GLU A 1 104 ? -10.599 0.110   -4.285  1.00 72.52  ? 120 GLU A CB  1 
ATOM 797  C CG  . GLU A 1 104 ? -10.755 -0.424  -2.869  1.00 76.04  ? 120 GLU A CG  1 
ATOM 798  C CD  . GLU A 1 104 ? -12.080 -0.057  -2.223  1.00 78.97  ? 120 GLU A CD  1 
ATOM 799  O OE1 . GLU A 1 104 ? -12.400 1.151   -2.147  1.00 81.25  ? 120 GLU A OE1 1 
ATOM 800  O OE2 . GLU A 1 104 ? -12.798 -0.982  -1.782  1.00 80.79  ? 120 GLU A OE2 1 
ATOM 801  N N   . THR A 1 105 ? -8.794  2.244   -2.418  1.00 69.77  ? 121 THR A N   1 
ATOM 802  C CA  . THR A 1 105 ? -7.567  2.401   -1.638  1.00 69.12  ? 121 THR A CA  1 
ATOM 803  C C   . THR A 1 105 ? -7.159  1.141   -0.869  1.00 68.24  ? 121 THR A C   1 
ATOM 804  O O   . THR A 1 105 ? -7.994  0.479   -0.225  1.00 68.56  ? 121 THR A O   1 
ATOM 805  C CB  . THR A 1 105 ? -7.674  3.565   -0.643  1.00 69.45  ? 121 THR A CB  1 
ATOM 806  O OG1 . THR A 1 105 ? -7.875  4.788   -1.366  1.00 71.66  ? 121 THR A OG1 1 
ATOM 807  C CG2 . THR A 1 105 ? -6.391  3.657   0.191   1.00 68.35  ? 121 THR A CG2 1 
ATOM 808  N N   . ILE A 1 106 ? -5.867  0.821   -0.941  1.00 66.12  ? 122 ILE A N   1 
ATOM 809  C CA  . ILE A 1 106 ? -5.336  -0.355  -0.265  1.00 63.09  ? 122 ILE A CA  1 
ATOM 810  C C   . ILE A 1 106 ? -4.405  0.113   0.840   1.00 62.95  ? 122 ILE A C   1 
ATOM 811  O O   . ILE A 1 106 ? -4.600  -0.204  2.013   1.00 62.75  ? 122 ILE A O   1 
ATOM 812  C CB  . ILE A 1 106 ? -4.550  -1.244  -1.248  1.00 60.65  ? 122 ILE A CB  1 
ATOM 813  C CG1 . ILE A 1 106 ? -5.479  -1.749  -2.350  1.00 58.24  ? 122 ILE A CG1 1 
ATOM 814  C CG2 . ILE A 1 106 ? -3.901  -2.410  -0.511  1.00 59.71  ? 122 ILE A CG2 1 
ATOM 815  C CD1 . ILE A 1 106 ? -4.757  -2.548  -3.411  1.00 57.23  ? 122 ILE A CD1 1 
ATOM 816  N N   . LEU A 1 107 ? -3.389  0.875   0.457   1.00 62.18  ? 123 LEU A N   1 
ATOM 817  C CA  . LEU A 1 107 ? -2.436  1.401   1.424   1.00 61.58  ? 123 LEU A CA  1 
ATOM 818  C C   . LEU A 1 107 ? -2.304  2.901   1.232   1.00 61.89  ? 123 LEU A C   1 
ATOM 819  O O   . LEU A 1 107 ? -2.196  3.375   0.105   1.00 61.98  ? 123 LEU A O   1 
ATOM 820  C CB  . LEU A 1 107 ? -1.057  0.768   1.243   1.00 60.51  ? 123 LEU A CB  1 
ATOM 821  C CG  . LEU A 1 107 ? 0.007   1.218   2.258   1.00 59.57  ? 123 LEU A CG  1 
ATOM 822  C CD1 . LEU A 1 107 ? -0.230  0.522   3.593   1.00 58.12  ? 123 LEU A CD1 1 
ATOM 823  C CD2 . LEU A 1 107 ? 1.400   0.896   1.737   1.00 59.22  ? 123 LEU A CD2 1 
ATOM 824  N N   . ALA A 1 108 ? -2.310  3.646   2.332   1.00 61.75  ? 124 ALA A N   1 
ATOM 825  C CA  . ALA A 1 108 ? -2.167  5.095   2.264   1.00 60.88  ? 124 ALA A CA  1 
ATOM 826  C C   . ALA A 1 108 ? -0.983  5.460   3.133   1.00 60.69  ? 124 ALA A C   1 
ATOM 827  O O   . ALA A 1 108 ? -0.837  4.934   4.234   1.00 60.38  ? 124 ALA A O   1 
ATOM 828  C CB  . ALA A 1 108 ? -3.423  5.775   2.782   1.00 60.56  ? 124 ALA A CB  1 
ATOM 829  N N   . ILE A 1 109 ? -0.129  6.347   2.639   1.00 60.80  ? 125 ILE A N   1 
ATOM 830  C CA  . ILE A 1 109 ? 1.037   6.762   3.406   1.00 61.34  ? 125 ILE A CA  1 
ATOM 831  C C   . ILE A 1 109 ? 1.009   8.263   3.658   1.00 61.69  ? 125 ILE A C   1 
ATOM 832  O O   . ILE A 1 109 ? 1.063   9.061   2.720   1.00 62.18  ? 125 ILE A O   1 
ATOM 833  C CB  . ILE A 1 109 ? 2.347   6.388   2.685   1.00 60.87  ? 125 ILE A CB  1 
ATOM 834  C CG1 . ILE A 1 109 ? 2.343   4.890   2.370   1.00 59.96  ? 125 ILE A CG1 1 
ATOM 835  C CG2 . ILE A 1 109 ? 3.551   6.753   3.560   1.00 59.50  ? 125 ILE A CG2 1 
ATOM 836  C CD1 . ILE A 1 109 ? 3.578   4.404   1.665   1.00 59.27  ? 125 ILE A CD1 1 
ATOM 837  N N   . ASP A 1 110 ? 0.908   8.631   4.933   1.00 61.85  ? 126 ASP A N   1 
ATOM 838  C CA  . ASP A 1 110 ? 0.873   10.030  5.333   1.00 61.66  ? 126 ASP A CA  1 
ATOM 839  C C   . ASP A 1 110 ? 2.302   10.549  5.423   1.00 62.22  ? 126 ASP A C   1 
ATOM 840  O O   . ASP A 1 110 ? 3.224   9.805   5.766   1.00 62.68  ? 126 ASP A O   1 
ATOM 841  C CB  . ASP A 1 110 ? 0.207   10.198  6.707   1.00 61.75  ? 126 ASP A CB  1 
ATOM 842  C CG  . ASP A 1 110 ? -1.096  9.412   6.841   1.00 63.40  ? 126 ASP A CG  1 
ATOM 843  O OD1 . ASP A 1 110 ? -1.853  9.340   5.848   1.00 63.78  ? 126 ASP A OD1 1 
ATOM 844  O OD2 . ASP A 1 110 ? -1.370  8.881   7.949   1.00 63.61  ? 126 ASP A OD2 1 
ATOM 845  N N   . GLY A 1 111 ? 2.479   11.824  5.092   1.00 62.52  ? 127 GLY A N   1 
ATOM 846  C CA  . GLY A 1 111 ? 3.786   12.446  5.185   1.00 61.30  ? 127 GLY A CA  1 
ATOM 847  C C   . GLY A 1 111 ? 3.700   13.368  6.388   1.00 61.43  ? 127 GLY A C   1 
ATOM 848  O O   . GLY A 1 111 ? 2.672   14.026  6.565   1.00 62.52  ? 127 GLY A O   1 
ATOM 849  N N   . LEU A 1 112 ? 4.733   13.414  7.229   1.00 60.80  ? 128 LEU A N   1 
ATOM 850  C CA  . LEU A 1 112 ? 4.697   14.282  8.409   1.00 61.10  ? 128 LEU A CA  1 
ATOM 851  C C   . LEU A 1 112 ? 5.984   15.040  8.678   1.00 62.11  ? 128 LEU A C   1 
ATOM 852  O O   . LEU A 1 112 ? 7.076   14.558  8.381   1.00 62.53  ? 128 LEU A O   1 
ATOM 853  C CB  . LEU A 1 112 ? 4.357   13.485  9.668   1.00 60.04  ? 128 LEU A CB  1 
ATOM 854  C CG  . LEU A 1 112 ? 3.026   12.744  9.726   1.00 58.72  ? 128 LEU A CG  1 
ATOM 855  C CD1 . LEU A 1 112 ? 3.160   11.388  9.041   1.00 57.84  ? 128 LEU A CD1 1 
ATOM 856  C CD2 . LEU A 1 112 ? 2.619   12.579  11.181  1.00 57.54  ? 128 LEU A CD2 1 
ATOM 857  N N   . VAL A 1 113 ? 5.837   16.226  9.261   1.00 63.36  ? 129 VAL A N   1 
ATOM 858  C CA  . VAL A 1 113 ? 6.975   17.068  9.609   1.00 64.27  ? 129 VAL A CA  1 
ATOM 859  C C   . VAL A 1 113 ? 6.869   17.427  11.093  1.00 65.63  ? 129 VAL A C   1 
ATOM 860  O O   . VAL A 1 113 ? 5.768   17.623  11.617  1.00 64.62  ? 129 VAL A O   1 
ATOM 861  C CB  . VAL A 1 113 ? 7.013   18.355  8.743   1.00 63.29  ? 129 VAL A CB  1 
ATOM 862  C CG1 . VAL A 1 113 ? 7.133   17.983  7.274   1.00 61.18  ? 129 VAL A CG1 1 
ATOM 863  C CG2 . VAL A 1 113 ? 5.762   19.191  8.976   1.00 63.00  ? 129 VAL A CG2 1 
ATOM 864  N N   . SER A 1 114 ? 8.014   17.498  11.767  1.00 67.47  ? 130 SER A N   1 
ATOM 865  C CA  . SER A 1 114 ? 8.045   17.801  13.196  1.00 69.02  ? 130 SER A CA  1 
ATOM 866  C C   . SER A 1 114 ? 8.034   19.293  13.543  1.00 70.28  ? 130 SER A C   1 
ATOM 867  O O   . SER A 1 114 ? 7.812   19.656  14.701  1.00 70.59  ? 130 SER A O   1 
ATOM 868  C CB  . SER A 1 114 ? 9.260   17.121  13.841  1.00 68.77  ? 130 SER A CB  1 
ATOM 869  O OG  . SER A 1 114 ? 10.459  17.463  13.168  1.00 70.40  ? 130 SER A OG  1 
ATOM 870  N N   . THR A 1 115 ? 8.287   20.152  12.552  1.00 71.66  ? 131 THR A N   1 
ATOM 871  C CA  . THR A 1 115 ? 8.281   21.603  12.773  1.00 71.55  ? 131 THR A CA  1 
ATOM 872  C C   . THR A 1 115 ? 7.083   22.171  12.024  1.00 71.44  ? 131 THR A C   1 
ATOM 873  O O   . THR A 1 115 ? 6.950   21.974  10.812  1.00 71.34  ? 131 THR A O   1 
ATOM 874  C CB  . THR A 1 115 ? 9.558   22.298  12.238  1.00 71.52  ? 131 THR A CB  1 
ATOM 875  O OG1 . THR A 1 115 ? 10.727  21.553  12.609  1.00 73.51  ? 131 THR A OG1 1 
ATOM 876  C CG2 . THR A 1 115 ? 9.669   23.683  12.836  1.00 71.14  ? 131 THR A CG2 1 
ATOM 877  N N   . LYS A 1 116 ? 6.223   22.883  12.748  1.00 71.26  ? 132 LYS A N   1 
ATOM 878  C CA  . LYS A 1 116 ? 5.009   23.448  12.169  1.00 70.99  ? 132 LYS A CA  1 
ATOM 879  C C   . LYS A 1 116 ? 5.206   24.189  10.851  1.00 70.16  ? 132 LYS A C   1 
ATOM 880  O O   . LYS A 1 116 ? 6.061   25.065  10.735  1.00 69.78  ? 132 LYS A O   1 
ATOM 881  C CB  . LYS A 1 116 ? 4.320   24.370  13.178  1.00 71.69  ? 132 LYS A CB  1 
ATOM 882  C CG  . LYS A 1 116 ? 2.865   24.678  12.829  1.00 74.43  ? 132 LYS A CG  1 
ATOM 883  C CD  . LYS A 1 116 ? 2.160   25.417  13.964  1.00 77.52  ? 132 LYS A CD  1 
ATOM 884  C CE  . LYS A 1 116 ? 0.681   25.664  13.661  1.00 79.85  ? 132 LYS A CE  1 
ATOM 885  N NZ  . LYS A 1 116 ? -0.002  26.429  14.759  1.00 81.51  ? 132 LYS A NZ  1 
ATOM 886  N N   . GLY A 1 117 ? 4.408   23.810  9.858   1.00 69.49  ? 133 GLY A N   1 
ATOM 887  C CA  . GLY A 1 117 ? 4.464   24.441  8.554   1.00 68.95  ? 133 GLY A CA  1 
ATOM 888  C C   . GLY A 1 117 ? 5.632   24.101  7.650   1.00 69.23  ? 133 GLY A C   1 
ATOM 889  O O   . GLY A 1 117 ? 5.642   24.511  6.490   1.00 70.12  ? 133 GLY A O   1 
ATOM 890  N N   . ALA A 1 118 ? 6.612   23.357  8.152   1.00 69.10  ? 134 ALA A N   1 
ATOM 891  C CA  . ALA A 1 118 ? 7.772   23.003  7.340   1.00 69.03  ? 134 ALA A CA  1 
ATOM 892  C C   . ALA A 1 118 ? 7.376   22.199  6.102   1.00 69.52  ? 134 ALA A C   1 
ATOM 893  O O   . ALA A 1 118 ? 6.269   21.658  6.031   1.00 69.99  ? 134 ALA A O   1 
ATOM 894  C CB  . ALA A 1 118 ? 8.764   22.218  8.176   1.00 68.74  ? 134 ALA A CB  1 
ATOM 895  N N   . ASN A 1 119 ? 8.279   22.127  5.125   1.00 69.90  ? 135 ASN A N   1 
ATOM 896  C CA  . ASN A 1 119 ? 8.019   21.372  3.897   1.00 70.68  ? 135 ASN A CA  1 
ATOM 897  C C   . ASN A 1 119 ? 8.934   20.156  3.801   1.00 69.76  ? 135 ASN A C   1 
ATOM 898  O O   . ASN A 1 119 ? 10.071  20.180  4.275   1.00 70.02  ? 135 ASN A O   1 
ATOM 899  C CB  . ASN A 1 119 ? 8.214   22.258  2.665   1.00 72.71  ? 135 ASN A CB  1 
ATOM 900  C CG  . ASN A 1 119 ? 7.376   23.512  2.719   1.00 74.50  ? 135 ASN A CG  1 
ATOM 901  O OD1 . ASN A 1 119 ? 6.142   23.454  2.800   1.00 75.46  ? 135 ASN A OD1 1 
ATOM 902  N ND2 . ASN A 1 119 ? 8.041   24.664  2.682   1.00 75.88  ? 135 ASN A ND2 1 
ATOM 903  N N   . ALA A 1 120 ? 8.437   19.097  3.176   1.00 68.32  ? 136 ALA A N   1 
ATOM 904  C CA  . ALA A 1 120 ? 9.196   17.859  3.045   1.00 66.78  ? 136 ALA A CA  1 
ATOM 905  C C   . ALA A 1 120 ? 10.384  17.957  2.099   1.00 65.79  ? 136 ALA A C   1 
ATOM 906  O O   . ALA A 1 120 ? 10.247  18.460  0.982   1.00 66.51  ? 136 ALA A O   1 
ATOM 907  C CB  . ALA A 1 120 ? 8.275   16.751  2.585   1.00 66.27  ? 136 ALA A CB  1 
ATOM 908  N N   . PRO A 1 121 ? 11.570  17.479  2.537   1.00 64.42  ? 137 PRO A N   1 
ATOM 909  C CA  . PRO A 1 121 ? 12.771  17.517  1.693   1.00 64.08  ? 137 PRO A CA  1 
ATOM 910  C C   . PRO A 1 121 ? 12.643  16.445  0.613   1.00 64.61  ? 137 PRO A C   1 
ATOM 911  O O   . PRO A 1 121 ? 11.641  15.729  0.564   1.00 64.55  ? 137 PRO A O   1 
ATOM 912  C CB  . PRO A 1 121 ? 13.894  17.215  2.680   1.00 62.61  ? 137 PRO A CB  1 
ATOM 913  C CG  . PRO A 1 121 ? 13.236  16.306  3.656   1.00 61.94  ? 137 PRO A CG  1 
ATOM 914  C CD  . PRO A 1 121 ? 11.902  16.981  3.884   1.00 62.79  ? 137 PRO A CD  1 
ATOM 915  N N   . SER A 1 122 ? 13.634  16.331  -0.264  1.00 65.44  ? 138 SER A N   1 
ATOM 916  C CA  . SER A 1 122 ? 13.547  15.307  -1.296  1.00 66.37  ? 138 SER A CA  1 
ATOM 917  C C   . SER A 1 122 ? 13.382  13.970  -0.586  1.00 66.64  ? 138 SER A C   1 
ATOM 918  O O   . SER A 1 122 ? 14.019  13.715  0.442   1.00 67.57  ? 138 SER A O   1 
ATOM 919  C CB  . SER A 1 122 ? 14.813  15.279  -2.157  1.00 67.13  ? 138 SER A CB  1 
ATOM 920  O OG  . SER A 1 122 ? 14.726  14.259  -3.145  1.00 68.36  ? 138 SER A OG  1 
ATOM 921  N N   . ASN A 1 123 ? 12.521  13.115  -1.117  1.00 65.87  ? 139 ASN A N   1 
ATOM 922  C CA  . ASN A 1 123 ? 12.318  11.824  -0.488  1.00 65.00  ? 139 ASN A CA  1 
ATOM 923  C C   . ASN A 1 123 ? 11.621  10.866  -1.429  1.00 65.14  ? 139 ASN A C   1 
ATOM 924  O O   . ASN A 1 123 ? 10.819  11.270  -2.274  1.00 65.21  ? 139 ASN A O   1 
ATOM 925  C CB  . ASN A 1 123 ? 11.489  11.988  0.789   1.00 63.29  ? 139 ASN A CB  1 
ATOM 926  C CG  . ASN A 1 123 ? 10.046  12.347  0.500   1.00 61.68  ? 139 ASN A CG  1 
ATOM 927  O OD1 . ASN A 1 123 ? 9.277   11.526  0.006   1.00 60.16  ? 139 ASN A OD1 1 
ATOM 928  N ND2 . ASN A 1 123 ? 9.675   13.584  0.795   1.00 61.00  ? 139 ASN A ND2 1 
ATOM 929  N N   . THR A 1 124 ? 11.953  9.590   -1.287  1.00 65.69  ? 140 THR A N   1 
ATOM 930  C CA  . THR A 1 124 ? 11.342  8.546   -2.093  1.00 65.97  ? 140 THR A CA  1 
ATOM 931  C C   . THR A 1 124 ? 10.940  7.403   -1.178  1.00 64.92  ? 140 THR A C   1 
ATOM 932  O O   . THR A 1 124 ? 11.546  7.169   -0.127  1.00 64.89  ? 140 THR A O   1 
ATOM 933  C CB  . THR A 1 124 ? 12.293  7.998   -3.179  1.00 67.42  ? 140 THR A CB  1 
ATOM 934  O OG1 . THR A 1 124 ? 12.720  9.067   -4.034  1.00 69.21  ? 140 THR A OG1 1 
ATOM 935  C CG2 . THR A 1 124 ? 11.573  6.939   -4.026  1.00 66.75  ? 140 THR A CG2 1 
ATOM 936  N N   . VAL A 1 125 ? 9.908   6.689   -1.598  1.00 63.13  ? 141 VAL A N   1 
ATOM 937  C CA  . VAL A 1 125 ? 9.379   5.579   -0.841  1.00 60.83  ? 141 VAL A CA  1 
ATOM 938  C C   . VAL A 1 125 ? 9.022   4.467   -1.821  1.00 61.00  ? 141 VAL A C   1 
ATOM 939  O O   . VAL A 1 125 ? 8.312   4.711   -2.799  1.00 61.77  ? 141 VAL A O   1 
ATOM 940  C CB  . VAL A 1 125 ? 8.135   6.059   -0.051  1.00 58.51  ? 141 VAL A CB  1 
ATOM 941  C CG1 . VAL A 1 125 ? 7.136   4.951   0.112   1.00 58.32  ? 141 VAL A CG1 1 
ATOM 942  C CG2 . VAL A 1 125 ? 8.568   6.573   1.301   1.00 57.34  ? 141 VAL A CG2 1 
ATOM 943  N N   . ILE A 1 126 ? 9.541   3.260   -1.592  1.00 59.59  ? 142 ILE A N   1 
ATOM 944  C CA  . ILE A 1 126 ? 9.207   2.138   -2.466  1.00 57.78  ? 142 ILE A CA  1 
ATOM 945  C C   . ILE A 1 126 ? 8.262   1.217   -1.705  1.00 57.28  ? 142 ILE A C   1 
ATOM 946  O O   . ILE A 1 126 ? 8.592   0.723   -0.623  1.00 57.14  ? 142 ILE A O   1 
ATOM 947  C CB  . ILE A 1 126 ? 10.439  1.333   -2.901  1.00 56.21  ? 142 ILE A CB  1 
ATOM 948  C CG1 . ILE A 1 126 ? 11.476  2.249   -3.561  1.00 55.08  ? 142 ILE A CG1 1 
ATOM 949  C CG2 . ILE A 1 126 ? 10.002  0.270   -3.884  1.00 54.83  ? 142 ILE A CG2 1 
ATOM 950  C CD1 . ILE A 1 126 ? 12.721  1.527   -4.085  1.00 53.08  ? 142 ILE A CD1 1 
ATOM 951  N N   . VAL A 1 127 ? 7.081   0.997   -2.270  1.00 56.40  ? 143 VAL A N   1 
ATOM 952  C CA  . VAL A 1 127 ? 6.086   0.164   -1.613  1.00 56.73  ? 143 VAL A CA  1 
ATOM 953  C C   . VAL A 1 127 ? 5.828   -1.139  -2.337  1.00 57.38  ? 143 VAL A C   1 
ATOM 954  O O   . VAL A 1 127 ? 5.417   -1.131  -3.492  1.00 58.33  ? 143 VAL A O   1 
ATOM 955  C CB  . VAL A 1 127 ? 4.744   0.905   -1.489  1.00 55.25  ? 143 VAL A CB  1 
ATOM 956  C CG1 . VAL A 1 127 ? 3.669   -0.023  -0.931  1.00 53.99  ? 143 VAL A CG1 1 
ATOM 957  C CG2 . VAL A 1 127 ? 4.916   2.099   -0.596  1.00 55.21  ? 143 VAL A CG2 1 
ATOM 958  N N   . THR A 1 128 ? 6.054   -2.261  -1.656  1.00 57.22  ? 144 THR A N   1 
ATOM 959  C CA  . THR A 1 128 ? 5.815   -3.555  -2.279  1.00 56.36  ? 144 THR A CA  1 
ATOM 960  C C   . THR A 1 128 ? 4.778   -4.374  -1.553  1.00 56.45  ? 144 THR A C   1 
ATOM 961  O O   . THR A 1 128 ? 4.912   -4.666  -0.361  1.00 56.23  ? 144 THR A O   1 
ATOM 962  C CB  . THR A 1 128 ? 7.073   -4.402  -2.361  1.00 55.57  ? 144 THR A CB  1 
ATOM 963  O OG1 . THR A 1 128 ? 8.078   -3.688  -3.076  1.00 55.79  ? 144 THR A OG1 1 
ATOM 964  C CG2 . THR A 1 128 ? 6.774   -5.695  -3.103  1.00 54.20  ? 144 THR A CG2 1 
ATOM 965  N N   . GLY A 1 129 ? 3.749   -4.761  -2.293  1.00 56.15  ? 145 GLY A N   1 
ATOM 966  C CA  . GLY A 1 129 ? 2.700   -5.555  -1.705  1.00 56.02  ? 145 GLY A CA  1 
ATOM 967  C C   . GLY A 1 129 ? 2.818   -7.017  -2.065  1.00 56.80  ? 145 GLY A C   1 
ATOM 968  O O   . GLY A 1 129 ? 3.342   -7.382  -3.120  1.00 56.41  ? 145 GLY A O   1 
ATOM 969  N N   . CYS A 1 130 ? 2.344   -7.858  -1.157  1.00 57.31  ? 146 CYS A N   1 
ATOM 970  C CA  . CYS A 1 130 ? 2.340   -9.289  -1.374  1.00 57.33  ? 146 CYS A CA  1 
ATOM 971  C C   . CYS A 1 130 ? 0.864   -9.675  -1.316  1.00 57.13  ? 146 CYS A C   1 
ATOM 972  O O   . CYS A 1 130 ? 0.225   -9.511  -0.276  1.00 56.46  ? 146 CYS A O   1 
ATOM 973  C CB  . CYS A 1 130 ? 3.122   -9.983  -0.279  1.00 57.37  ? 146 CYS A CB  1 
ATOM 974  S SG  . CYS A 1 130 ? 3.378   -11.687 -0.704  1.00 60.09  ? 146 CYS A SG  1 
ATOM 975  N N   . PHE A 1 131 ? 0.321   -10.177 -2.423  1.00 57.24  ? 147 PHE A N   1 
ATOM 976  C CA  . PHE A 1 131 ? -1.103  -10.507 -2.472  1.00 58.66  ? 147 PHE A CA  1 
ATOM 977  C C   . PHE A 1 131 ? -1.438  -11.926 -2.899  1.00 59.96  ? 147 PHE A C   1 
ATOM 978  O O   . PHE A 1 131 ? -0.753  -12.502 -3.740  1.00 60.30  ? 147 PHE A O   1 
ATOM 979  C CB  . PHE A 1 131 ? -1.821  -9.579  -3.457  1.00 58.62  ? 147 PHE A CB  1 
ATOM 980  C CG  . PHE A 1 131 ? -1.412  -8.137  -3.363  1.00 58.43  ? 147 PHE A CG  1 
ATOM 981  C CD1 . PHE A 1 131 ? -2.071  -7.262  -2.500  1.00 58.10  ? 147 PHE A CD1 1 
ATOM 982  C CD2 . PHE A 1 131 ? -0.370  -7.643  -4.152  1.00 57.50  ? 147 PHE A CD2 1 
ATOM 983  C CE1 . PHE A 1 131 ? -1.699  -5.914  -2.426  1.00 56.72  ? 147 PHE A CE1 1 
ATOM 984  C CE2 . PHE A 1 131 ? 0.010   -6.298  -4.085  1.00 56.45  ? 147 PHE A CE2 1 
ATOM 985  C CZ  . PHE A 1 131 ? -0.657  -5.434  -3.221  1.00 56.28  ? 147 PHE A CZ  1 
ATOM 986  N N   . ARG A 1 132 ? -2.512  -12.471 -2.334  1.00 61.23  ? 148 ARG A N   1 
ATOM 987  C CA  . ARG A 1 132 ? -2.981  -13.798 -2.717  1.00 63.13  ? 148 ARG A CA  1 
ATOM 988  C C   . ARG A 1 132 ? -4.063  -13.558 -3.739  1.00 63.67  ? 148 ARG A C   1 
ATOM 989  O O   . ARG A 1 132 ? -4.764  -12.549 -3.666  1.00 64.16  ? 148 ARG A O   1 
ATOM 990  C CB  . ARG A 1 132 ? -3.600  -14.545 -1.553  1.00 64.72  ? 148 ARG A CB  1 
ATOM 991  C CG  . ARG A 1 132 ? -2.605  -15.239 -0.702  1.00 69.23  ? 148 ARG A CG  1 
ATOM 992  C CD  . ARG A 1 132 ? -3.245  -16.388 0.027   1.00 73.04  ? 148 ARG A CD  1 
ATOM 993  N NE  . ARG A 1 132 ? -2.536  -16.646 1.275   1.00 77.96  ? 148 ARG A NE  1 
ATOM 994  C CZ  . ARG A 1 132 ? -2.461  -15.772 2.279   1.00 80.48  ? 148 ARG A CZ  1 
ATOM 995  N NH1 . ARG A 1 132 ? -3.053  -14.585 2.180   1.00 82.46  ? 148 ARG A NH1 1 
ATOM 996  N NH2 . ARG A 1 132 ? -1.794  -16.084 3.383   1.00 81.23  ? 148 ARG A NH2 1 
ATOM 997  N N   . LEU A 1 133 ? -4.217  -14.480 -4.682  1.00 63.81  ? 149 LEU A N   1 
ATOM 998  C CA  . LEU A 1 133 ? -5.232  -14.322 -5.715  1.00 63.57  ? 149 LEU A CA  1 
ATOM 999  C C   . LEU A 1 133 ? -6.111  -15.547 -5.831  1.00 64.65  ? 149 LEU A C   1 
ATOM 1000 O O   . LEU A 1 133 ? -5.612  -16.665 -5.966  1.00 65.91  ? 149 LEU A O   1 
ATOM 1001 C CB  . LEU A 1 133 ? -4.582  -14.079 -7.074  1.00 61.27  ? 149 LEU A CB  1 
ATOM 1002 C CG  . LEU A 1 133 ? -3.413  -13.107 -7.147  1.00 59.38  ? 149 LEU A CG  1 
ATOM 1003 C CD1 . LEU A 1 133 ? -2.888  -13.095 -8.567  1.00 57.76  ? 149 LEU A CD1 1 
ATOM 1004 C CD2 . LEU A 1 133 ? -3.846  -11.721 -6.702  1.00 58.47  ? 149 LEU A CD2 1 
ATOM 1005 N N   . ALA A 1 134 ? -7.421  -15.337 -5.785  1.00 65.02  ? 150 ALA A N   1 
ATOM 1006 C CA  . ALA A 1 134 ? -8.359  -16.438 -5.936  1.00 65.79  ? 150 ALA A CA  1 
ATOM 1007 C C   . ALA A 1 134 ? -8.463  -16.695 -7.447  1.00 66.42  ? 150 ALA A C   1 
ATOM 1008 O O   . ALA A 1 134 ? -7.931  -15.922 -8.250  1.00 66.20  ? 150 ALA A O   1 
ATOM 1009 C CB  . ALA A 1 134 ? -9.718  -16.051 -5.358  1.00 65.22  ? 150 ALA A CB  1 
ATOM 1010 N N   . PRO A 1 135 ? -9.125  -17.794 -7.854  1.00 67.00  ? 151 PRO A N   1 
ATOM 1011 C CA  . PRO A 1 135 ? -9.265  -18.097 -9.283  1.00 67.78  ? 151 PRO A CA  1 
ATOM 1012 C C   . PRO A 1 135 ? -9.943  -16.964 -10.067 1.00 69.43  ? 151 PRO A C   1 
ATOM 1013 O O   . PRO A 1 135 ? -10.744 -16.193 -9.511  1.00 70.18  ? 151 PRO A O   1 
ATOM 1014 C CB  . PRO A 1 135 ? -10.104 -19.373 -9.279  1.00 66.59  ? 151 PRO A CB  1 
ATOM 1015 C CG  . PRO A 1 135 ? -9.676  -20.044 -8.033  1.00 65.96  ? 151 PRO A CG  1 
ATOM 1016 C CD  . PRO A 1 135 ? -9.650  -18.903 -7.039  1.00 66.65  ? 151 PRO A CD  1 
ATOM 1017 N N   . SER A 1 136 ? -9.616  -16.868 -11.357 1.00 70.23  ? 152 SER A N   1 
ATOM 1018 C CA  . SER A 1 136 ? -10.200 -15.848 -12.228 1.00 70.03  ? 152 SER A CA  1 
ATOM 1019 C C   . SER A 1 136 ? -11.702 -16.149 -12.391 1.00 70.00  ? 152 SER A C   1 
ATOM 1020 O O   . SER A 1 136 ? -12.109 -17.316 -12.455 1.00 69.58  ? 152 SER A O   1 
ATOM 1021 C CB  . SER A 1 136 ? -9.516  -15.858 -13.614 1.00 69.97  ? 152 SER A CB  1 
ATOM 1022 O OG  . SER A 1 136 ? -8.102  -15.731 -13.544 1.00 70.02  ? 152 SER A OG  1 
ATOM 1023 N N   . GLU A 1 137 ? -12.517 -15.099 -12.434 1.00 69.86  ? 153 GLU A N   1 
ATOM 1024 C CA  . GLU A 1 137 ? -13.966 -15.228 -12.610 1.00 69.70  ? 153 GLU A CA  1 
ATOM 1025 C C   . GLU A 1 137 ? -14.228 -14.949 -14.083 1.00 69.34  ? 153 GLU A C   1 
ATOM 1026 O O   . GLU A 1 137 ? -14.629 -13.847 -14.451 1.00 69.39  ? 153 GLU A O   1 
ATOM 1027 C CB  . GLU A 1 137 ? -14.684 -14.191 -11.756 1.00 70.51  ? 153 GLU A CB  1 
ATOM 1028 C CG  . GLU A 1 137 ? -16.187 -14.279 -11.784 1.00 72.81  ? 153 GLU A CG  1 
ATOM 1029 C CD  . GLU A 1 137 ? -16.826 -13.133 -11.021 1.00 75.55  ? 153 GLU A CD  1 
ATOM 1030 O OE1 . GLU A 1 137 ? -16.495 -12.941 -9.827  1.00 77.67  ? 153 GLU A OE1 1 
ATOM 1031 O OE2 . GLU A 1 137 ? -17.659 -12.418 -11.614 1.00 77.08  ? 153 GLU A OE2 1 
ATOM 1032 N N   . LEU A 1 138 ? -13.994 -15.961 -14.914 1.00 69.06  ? 154 LEU A N   1 
ATOM 1033 C CA  . LEU A 1 138 ? -14.129 -15.863 -16.367 1.00 68.83  ? 154 LEU A CA  1 
ATOM 1034 C C   . LEU A 1 138 ? -15.534 -15.709 -16.927 1.00 70.67  ? 154 LEU A C   1 
ATOM 1035 O O   . LEU A 1 138 ? -16.523 -15.989 -16.245 1.00 70.79  ? 154 LEU A O   1 
ATOM 1036 C CB  . LEU A 1 138 ? -13.477 -17.076 -17.032 1.00 65.70  ? 154 LEU A CB  1 
ATOM 1037 C CG  . LEU A 1 138 ? -12.095 -17.506 -16.540 1.00 63.75  ? 154 LEU A CG  1 
ATOM 1038 C CD1 . LEU A 1 138 ? -11.635 -18.680 -17.374 1.00 63.01  ? 154 LEU A CD1 1 
ATOM 1039 C CD2 . LEU A 1 138 ? -11.103 -16.364 -16.627 1.00 61.86  ? 154 LEU A CD2 1 
ATOM 1040 N N   . GLN A 1 139 ? -15.589 -15.276 -18.190 1.00 72.58  ? 155 GLN A N   1 
ATOM 1041 C CA  . GLN A 1 139 ? -16.831 -15.062 -18.932 1.00 74.06  ? 155 GLN A CA  1 
ATOM 1042 C C   . GLN A 1 139 ? -17.133 -16.227 -19.862 1.00 72.82  ? 155 GLN A C   1 
ATOM 1043 O O   . GLN A 1 139 ? -16.222 -16.887 -20.358 1.00 72.49  ? 155 GLN A O   1 
ATOM 1044 C CB  . GLN A 1 139 ? -16.743 -13.775 -19.764 1.00 77.78  ? 155 GLN A CB  1 
ATOM 1045 C CG  . GLN A 1 139 ? -16.751 -12.514 -18.933 1.00 84.02  ? 155 GLN A CG  1 
ATOM 1046 C CD  . GLN A 1 139 ? -17.955 -12.452 -18.001 1.00 89.00  ? 155 GLN A CD  1 
ATOM 1047 O OE1 . GLN A 1 139 ? -17.942 -11.727 -16.999 1.00 92.11  ? 155 GLN A OE1 1 
ATOM 1048 N NE2 . GLN A 1 139 ? -19.008 -13.212 -18.327 1.00 90.86  ? 155 GLN A NE2 1 
ATOM 1049 N N   . SER A 1 140 ? -18.415 -16.477 -20.102 1.00 71.86  ? 156 SER A N   1 
ATOM 1050 C CA  . SER A 1 140 ? -18.811 -17.562 -20.988 1.00 71.03  ? 156 SER A CA  1 
ATOM 1051 C C   . SER A 1 140 ? -18.873 -17.050 -22.418 1.00 71.22  ? 156 SER A C   1 
ATOM 1052 O O   . SER A 1 140 ? -18.846 -15.844 -22.650 1.00 71.46  ? 156 SER A O   1 
ATOM 1053 C CB  . SER A 1 140 ? -20.180 -18.105 -20.589 1.00 69.69  ? 156 SER A CB  1 
ATOM 1054 O OG  . SER A 1 140 ? -20.585 -19.118 -21.489 1.00 67.54  ? 156 SER A OG  1 
ATOM 1055 N N   . SER A 1 141 ? -18.942 -17.967 -23.378 1.00 71.41  ? 157 SER A N   1 
ATOM 1056 C CA  . SER A 1 141 ? -19.036 -17.583 -24.785 1.00 71.20  ? 157 SER A CA  1 
ATOM 1057 C C   . SER A 1 141 ? -20.478 -17.754 -25.282 1.00 73.13  ? 157 SER A C   1 
ATOM 1058 O O   . SER A 1 141 ? -21.322 -18.255 -24.497 1.00 73.87  ? 157 SER A O   1 
ATOM 1059 C CB  . SER A 1 141 ? -18.080 -18.423 -25.647 1.00 68.58  ? 157 SER A CB  1 
ATOM 1060 O OG  . SER A 1 141 ? -16.744 -17.976 -25.524 1.00 60.89  ? 157 SER A OG  1 
ATOM 1061 O OXT . SER A 1 141 ? -20.750 -17.380 -26.448 1.00 75.02  ? 157 SER A OXT 1 
# 
loop_
_pdbx_poly_seq_scheme.asym_id 
_pdbx_poly_seq_scheme.entity_id 
_pdbx_poly_seq_scheme.seq_id 
_pdbx_poly_seq_scheme.mon_id 
_pdbx_poly_seq_scheme.ndb_seq_num 
_pdbx_poly_seq_scheme.pdb_seq_num 
_pdbx_poly_seq_scheme.auth_seq_num 
_pdbx_poly_seq_scheme.pdb_mon_id 
_pdbx_poly_seq_scheme.auth_mon_id 
_pdbx_poly_seq_scheme.pdb_strand_id 
_pdbx_poly_seq_scheme.pdb_ins_code 
_pdbx_poly_seq_scheme.hetero 
A 1 1   ALA 1   17  17  ALA ALA A . n 
A 1 2   ALA 2   18  18  ALA ALA A . n 
A 1 3   ALA 3   19  19  ALA ALA A . n 
A 1 4   THR 4   20  20  THR THR A . n 
A 1 5   SER 5   21  21  SER SER A . n 
A 1 6   LEU 6   22  22  LEU LEU A . n 
A 1 7   VAL 7   23  23  VAL VAL A . n 
A 1 8   TYR 8   24  24  TYR TYR A . n 
A 1 9   ASP 9   25  25  ASP ASP A . n 
A 1 10  THR 10  26  26  THR THR A . n 
A 1 11  CYS 11  27  27  CYS CYS A . n 
A 1 12  TYR 12  28  28  TYR TYR A . n 
A 1 13  VAL 13  29  29  VAL VAL A . n 
A 1 14  THR 14  30  30  THR THR A . n 
A 1 15  LEU 15  31  31  LEU LEU A . n 
A 1 16  THR 16  32  32  THR THR A . n 
A 1 17  GLU 17  33  33  GLU GLU A . n 
A 1 18  ARG 18  34  34  ARG ARG A . n 
A 1 19  ALA 19  35  35  ALA ALA A . n 
A 1 20  THR 20  36  36  THR THR A . n 
A 1 21  THR 21  37  37  THR THR A . n 
A 1 22  SER 22  38  38  SER SER A . n 
A 1 23  PHE 23  39  39  PHE PHE A . n 
A 1 24  GLN 24  40  40  GLN GLN A . n 
A 1 25  ARG 25  41  41  ARG ARG A . n 
A 1 26  GLN 26  42  42  GLN GLN A . n 
A 1 27  SER 27  43  43  SER SER A . n 
A 1 28  PHE 28  44  44  PHE PHE A . n 
A 1 29  PRO 29  45  45  PRO PRO A . n 
A 1 30  THR 30  46  46  THR THR A . n 
A 1 31  LEU 31  47  47  LEU LEU A . n 
A 1 32  LYS 32  48  48  LYS LYS A . n 
A 1 33  GLY 33  49  49  GLY GLY A . n 
A 1 34  MET 34  50  50  MET MET A . n 
A 1 35  GLY 35  51  51  GLY GLY A . n 
A 1 36  ASP 36  52  52  ASP ASP A . n 
A 1 37  ARG 37  53  53  ARG ARG A . n 
A 1 38  ALA 38  54  54  ALA ALA A . n 
A 1 39  PHE 39  55  55  PHE PHE A . n 
A 1 40  GLN 40  56  56  GLN GLN A . n 
A 1 41  VAL 41  57  57  VAL VAL A . n 
A 1 42  VAL 42  58  58  VAL VAL A . n 
A 1 43  ALA 43  59  59  ALA ALA A . n 
A 1 44  PHE 44  60  60  PHE PHE A . n 
A 1 45  THR 45  61  61  THR THR A . n 
A 1 46  ILE 46  62  62  ILE ILE A . n 
A 1 47  GLN 47  63  63  GLN GLN A . n 
A 1 48  GLY 48  64  64  GLY GLY A . n 
A 1 49  VAL 49  65  65  VAL VAL A . n 
A 1 50  SER 50  66  66  SER SER A . n 
A 1 51  ALA 51  67  67  ALA ALA A . n 
A 1 52  ALA 52  68  68  ALA ALA A . n 
A 1 53  PRO 53  69  69  PRO PRO A . n 
A 1 54  LEU 54  70  70  LEU LEU A . n 
A 1 55  MET 55  71  71  MET MET A . n 
A 1 56  TYR 56  72  72  TYR TYR A . n 
A 1 57  ASN 57  73  73  ASN ASN A . n 
A 1 58  ALA 58  74  74  ALA ALA A . n 
A 1 59  ARG 59  75  75  ARG ARG A . n 
A 1 60  LEU 60  76  76  LEU LEU A . n 
A 1 61  TYR 61  77  77  TYR TYR A . n 
A 1 62  ASN 62  78  78  ASN ASN A . n 
A 1 63  PRO 63  79  79  PRO PRO A . n 
A 1 64  GLY 64  80  80  GLY GLY A . n 
A 1 65  ASP 65  81  81  ASP ASP A . n 
A 1 66  THR 66  82  82  THR THR A . n 
A 1 67  ASP 67  83  83  ASP ASP A . n 
A 1 68  SER 68  84  84  SER SER A . n 
A 1 69  VAL 69  85  85  VAL VAL A . n 
A 1 70  HIS 70  86  86  HIS HIS A . n 
A 1 71  ALA 71  87  87  ALA ALA A . n 
A 1 72  THR 72  88  88  THR THR A . n 
A 1 73  GLY 73  89  89  GLY GLY A . n 
A 1 74  VAL 74  90  90  VAL VAL A . n 
A 1 75  GLN 75  91  91  GLN GLN A . n 
A 1 76  LEU 76  92  92  LEU LEU A . n 
A 1 77  MET 77  93  93  MET MET A . n 
A 1 78  GLY 78  94  94  GLY GLY A . n 
A 1 79  THR 79  95  95  THR THR A . n 
A 1 80  VAL 80  96  96  VAL VAL A . n 
A 1 81  PRO 81  97  97  PRO PRO A . n 
A 1 82  ARG 82  98  98  ARG ARG A . n 
A 1 83  THR 83  99  99  THR THR A . n 
A 1 84  VAL 84  100 100 VAL VAL A . n 
A 1 85  ARG 85  101 101 ARG ARG A . n 
A 1 86  LEU 86  102 102 LEU LEU A . n 
A 1 87  THR 87  103 103 THR THR A . n 
A 1 88  PRO 88  104 104 PRO PRO A . n 
A 1 89  ARG 89  105 105 ARG ARG A . n 
A 1 90  VAL 90  106 106 VAL VAL A . n 
A 1 91  GLY 91  107 107 GLY GLY A . n 
A 1 92  GLN 92  108 108 GLN GLN A . n 
A 1 93  ASN 93  109 109 ASN ASN A . n 
A 1 94  ASN 94  110 110 ASN ASN A . n 
A 1 95  TRP 95  111 111 TRP TRP A . n 
A 1 96  PHE 96  112 112 PHE PHE A . n 
A 1 97  PHE 97  113 113 PHE PHE A . n 
A 1 98  GLY 98  114 114 GLY GLY A . n 
A 1 99  ASN 99  115 115 ASN ASN A . n 
A 1 100 THR 100 116 116 THR THR A . n 
A 1 101 GLU 101 117 117 GLU GLU A . n 
A 1 102 GLU 102 118 118 GLU GLU A . n 
A 1 103 ALA 103 119 119 ALA ALA A . n 
A 1 104 GLU 104 120 120 GLU GLU A . n 
A 1 105 THR 105 121 121 THR THR A . n 
A 1 106 ILE 106 122 122 ILE ILE A . n 
A 1 107 LEU 107 123 123 LEU LEU A . n 
A 1 108 ALA 108 124 124 ALA ALA A . n 
A 1 109 ILE 109 125 125 ILE ILE A . n 
A 1 110 ASP 110 126 126 ASP ASP A . n 
A 1 111 GLY 111 127 127 GLY GLY A . n 
A 1 112 LEU 112 128 128 LEU LEU A . n 
A 1 113 VAL 113 129 129 VAL VAL A . n 
A 1 114 SER 114 130 130 SER SER A . n 
A 1 115 THR 115 131 131 THR THR A . n 
A 1 116 LYS 116 132 132 LYS LYS A . n 
A 1 117 GLY 117 133 133 GLY GLY A . n 
A 1 118 ALA 118 134 134 ALA ALA A . n 
A 1 119 ASN 119 135 135 ASN ASN A . n 
A 1 120 ALA 120 136 136 ALA ALA A . n 
A 1 121 PRO 121 137 137 PRO PRO A . n 
A 1 122 SER 122 138 138 SER SER A . n 
A 1 123 ASN 123 139 139 ASN ASN A . n 
A 1 124 THR 124 140 140 THR THR A . n 
A 1 125 VAL 125 141 141 VAL VAL A . n 
A 1 126 ILE 126 142 142 ILE ILE A . n 
A 1 127 VAL 127 143 143 VAL VAL A . n 
A 1 128 THR 128 144 144 THR THR A . n 
A 1 129 GLY 129 145 145 GLY GLY A . n 
A 1 130 CYS 130 146 146 CYS CYS A . n 
A 1 131 PHE 131 147 147 PHE PHE A . n 
A 1 132 ARG 132 148 148 ARG ARG A . n 
A 1 133 LEU 133 149 149 LEU LEU A . n 
A 1 134 ALA 134 150 150 ALA ALA A . n 
A 1 135 PRO 135 151 151 PRO PRO A . n 
A 1 136 SER 136 152 152 SER SER A . n 
A 1 137 GLU 137 153 153 GLU GLU A . n 
A 1 138 LEU 138 154 154 LEU LEU A . n 
A 1 139 GLN 139 155 155 GLN GLN A . n 
A 1 140 SER 140 156 156 SER SER A . n 
A 1 141 SER 141 157 157 SER SER A . n 
# 
loop_
_pdbx_struct_assembly.id 
_pdbx_struct_assembly.details 
_pdbx_struct_assembly.method_details 
_pdbx_struct_assembly.oligomeric_details 
_pdbx_struct_assembly.oligomeric_count 
1 'complete icosahedral assembly'                ? 60-meric    60 
2 'icosahedral asymmetric unit'                  ? monomeric   1  
3 'icosahedral pentamer'                         ? pentameric  5  
4 'icosahedral 23 hexamer'                       ? hexameric   6  
5 'icosahedral asymmetric unit, std point frame' ? monomeric   1  
6 'crystal asymmetric unit, crystal frame'       ? eicosameric 20 
# 
loop_
_pdbx_struct_assembly_gen.assembly_id 
_pdbx_struct_assembly_gen.oper_expression 
_pdbx_struct_assembly_gen.asym_id_list 
1 '(1-60)'                A 
2 1                       A 
3 '(1-5)'                 A 
4 '(1,2,6,10,23,24)'      A 
5 P                       A 
6 '(X0)(1-5,11-15,26-35)' A 
# 
loop_
_pdbx_struct_oper_list.id 
_pdbx_struct_oper_list.type 
_pdbx_struct_oper_list.name 
_pdbx_struct_oper_list.symmetry_operation 
_pdbx_struct_oper_list.matrix[1][1] 
_pdbx_struct_oper_list.matrix[1][2] 
_pdbx_struct_oper_list.matrix[1][3] 
_pdbx_struct_oper_list.vector[1] 
_pdbx_struct_oper_list.matrix[2][1] 
_pdbx_struct_oper_list.matrix[2][2] 
_pdbx_struct_oper_list.matrix[2][3] 
_pdbx_struct_oper_list.vector[2] 
_pdbx_struct_oper_list.matrix[3][1] 
_pdbx_struct_oper_list.matrix[3][2] 
_pdbx_struct_oper_list.matrix[3][3] 
_pdbx_struct_oper_list.vector[3] 
P  'transform to point frame' ?     ?     -0.68862163 0.25789627  0.67770920  10.47287  0.61118827  0.70935469  0.35109089  12.47807   -0.39019116 0.65597670  -0.64610017 65.63225  
X0 'identity operation'       1_555 x,y,z 1.00000000  0.00000000  0.00000000  0.00000   0.00000000  1.00000000  0.00000000  0.00000    0.00000000  0.00000000  1.00000000  0.00000   
1  'identity operation'       1_555 x,y,z 1.00000000  0.00000000  0.00000000  0.00000   0.00000000  1.00000000  0.00000000  0.00000    0.00000000  0.00000000  1.00000000  0.00000   
2  'point symmetry operation' ?     ?     0.30910595  0.34037958  0.88802933  8.54321   -0.35485763 0.90759928  -0.22436234 10.84282   -0.88234347 -0.24577240 0.40133077  27.34773  
3  'point symmetry operation' ?     ?     -0.80878675 0.19588686  0.55452014  39.16019  -0.23379319 0.75809446  -0.60879672 11.51653   -0.53963368 -0.62202953 -0.56733971 28.12021  
4  'point symmetry operation' ?     ?     -0.80878845 -0.23379267 -0.53963212 49.53930  0.19588562  0.75809452  -0.62203004 1.08998    0.55451783  -0.60879741 -0.56734107 1.24990   
5  'point symmetry operation' ?     ?     0.30910419  -0.35485674 -0.88234418 25.33706  0.34037815  0.90760037  -0.24577285 -6.02767   0.88803012  -0.22436126 0.40132844  -16.12928 
6  'point symmetry operation' ?     ?     -0.69487183 -0.51266236 0.50431217  -0.86966  -0.51208737 -0.13961442 -0.84751128 -23.12418  0.50489610  -0.84716227 -0.16551375 -22.95430 
7  'point symmetry operation' ?     ?     -0.47784196 -0.82575804 -0.29965029 1.42683   0.63905011  -0.09272087 -0.76355634 -52.19029  0.60272862  -0.55635071 0.57200682  -32.35306 
8  'point symmetry operation' ?     ?     0.40971854  -0.83845975 -0.35932797 -19.80391 0.90415467  0.32102691  0.28186221  -68.61755  -0.12097529 -0.44037209 0.88962755  -17.59321 
9  'point symmetry operation' ?     ?     0.74123029  -0.53321345 0.40775118  -35.22166 -0.08314005 0.52984416  0.84400985  -49.70410  -0.66608225 -0.65950609 0.34840555  0.92758   
10 'point symmetry operation' ?     ?     0.05855578  -0.33185841 0.94151007  -23.51969 -0.95842500 0.24515346  0.14601815  -21.58751  -0.27927181 -0.91091700 -0.30370624 -2.38577  
11 'point symmetry operation' ?     ?     -0.25437763 0.86703715  0.42841451  65.74756  0.86703599  0.00822150  0.49817750  -91.46408  0.42841563  0.49817595  -0.75384388 70.67854  
12 'point symmetry operation' ?     ?     -0.76431343 0.59504384  -0.24848962 84.69165  -0.17447559 0.18014456  0.96804312  -70.34375  0.62079231  0.78324317  -0.03386613 59.12434  
13 'point symmetry operation' ?     ?     -0.22815747 0.34097822  -0.91196401 77.81847  -0.97200236 -0.13380767 0.19314829  -43.40729  -0.05616910 0.93049968  0.36196114  71.99444  
14 'point symmetry operation' ?     ?     0.61314352  0.45594680  -0.64511108 54.62637  -0.42339043 -0.49976386 -0.75562954 -47.88002  -0.66693021 0.73644259  -0.11338267 91.50269  
15 'point symmetry operation' ?     ?     0.59693688  0.78107029  0.18328979  47.16613  0.71319897  -0.41198476 -0.56711164 -77.58077  -0.36744103 0.46925150  -0.80298813 90.68939  
16 'point symmetry operation' ?     ?     -0.05090233 -0.35655004 -0.93288921 35.88743  -0.35461778 -0.86677738 0.35063214  -103.89440 -0.93362467 0.34866622  -0.08231828 76.08164  
17 'point symmetry operation' ?     ?     0.93391812  -0.11165175 -0.33960369 6.07413   -0.11140793 -0.99356788 0.02027938  -106.73349 -0.33968312 0.01889537  -0.94035023 69.63493  
18 'point symmetry operation' ?     ?     0.62794538  0.30001648  0.71810443  3.55479   0.30024395  -0.94466704 0.13212376  -117.90383 0.71801011  0.13263998  -0.68327833 41.22143  
19 'point symmetry operation' ?     ?     -0.54597824 0.30954332  0.77851846  31.81103  0.31145149  -0.78765458 0.53159900  -121.96847 0.77775643  0.53271230  0.33363482  30.10770  
20 'point symmetry operation' ?     ?     -0.96552848 -0.09623689 -0.24185267 51.79365  -0.09327609 -0.73951633 0.66664479  -113.31024 -0.24300958 0.66622394  0.70504781  51.65255  
21 'point symmetry operation' ?     ?     -0.38996144 -0.57024654 0.72301341  -18.47210 -0.18869246 0.81799947  0.54338995  -21.99774  -0.90129085 0.07547421  -0.42659003 70.99293  
22 'point symmetry operation' ?     ?     -0.55612915 -0.82798776 0.07180953  -8.21401  -0.82805567 0.54463855  -0.13301360 0.12008    0.07102364  -0.13343468 -0.98850941 52.44519  
23 'point symmetry operation' ?     ?     0.05855497  -0.95842561 -0.27926987 -19.97914 -0.33186117 0.24515144  -0.91091653 -4.68631   0.94150915  0.14601751  -0.30370941 24.57159  
24 'point symmetry operation' ?     ?     0.60461777  -0.78129769 0.15495262  -37.50837 0.61416646  0.33342065  -0.71528368 -29.77476  0.50718568  0.52763945  0.68143957  25.89268  
25 'point symmetry operation' ?     ?     0.32741927  -0.54139127 0.77439791  -36.57703 0.70265018  0.68745919  0.18352713  -40.47382  -0.63172709 0.48404025  0.60549654  54.58262  
26 'point symmetry operation' ?     ?     0.92805895  -0.33257429 0.16763160  -21.54222 -0.01321866 -0.47922883 -0.87759069 -53.32864  0.37219813  0.81224023  -0.44914913 79.82712  
27 'point symmetry operation' ?     ?     0.25697730  -0.02715411 0.96603562  -12.63542 0.94030822  -0.22375901 -0.25642255 -82.63780  0.22312207  0.97426639  -0.03196829 79.53073  
28 'point symmetry operation' ?     ?     -0.76330676 -0.17460166 0.62199414  15.68438  0.59630852  0.17999883  0.78231462  -84.04329  -0.24855140 0.96804669  -0.03327707 91.12649  
29 'point symmetry operation' ?     ?     -0.72279581 -0.57115073 -0.38904146 24.28015  -0.56982157 0.17406522  0.80312109  -55.60267  -0.39098489 0.80217751  -0.45126741 98.58946  
30 'point symmetry operation' ?     ?     0.32252685  -0.66878644 -0.66985162 1.27286   -0.94653147 -0.23335880 -0.22275881 -36.62007  -0.00733785 0.70588165  -0.70829205 91.60603  
31 'point symmetry operation' ?     ?     -0.08614266 0.01616564  -0.99615127 59.09616  0.98986747  0.11467548  -0.08373802 -70.74074  0.11288100  -0.99327144 -0.02587982 -25.37098 
32 'point symmetry operation' ?     ?     0.84658583  0.23017681  -0.47990728 31.29307  0.33916304  0.46159149  0.81969635  -63.33074  0.41019577  -0.85670985 0.31270968  -35.88430 
33 'point symmetry operation' ?     ?     0.60344736  0.61501736  0.50754866  27.89703  -0.78221541 0.33292486  0.52659224  -33.01144  0.15488795  -0.71478281 0.68197878  -33.11737 
34 'point symmetry operation' ?     ?     -0.47954784 0.63884864  0.60158646  53.60131  -0.82456295 -0.09351110 -0.55798907 -21.68308  -0.30021541 -0.76362835 0.57161394  -20.89388 
35 'point symmetry operation' ?     ?     -0.90573604 0.26873751  -0.32775281 72.88338  0.27064542  -0.22839637 -0.93519335 -45.00115  -0.32617865 -0.93574317 0.13413441  -16.10645 
36 'point symmetry operation' ?     ?     -0.45151200 0.88591740  0.10623821  81.71901  -0.78883147 -0.45197586 0.41648955  -72.31976  0.41699181  0.10424619  0.90291186  -1.81683  
37 'point symmetry operation' ?     ?     -0.54767807 0.62426164  -0.55708650 90.37296  -0.45092906 -0.78107769 -0.43194951 -72.56967  -0.70477729 0.01463712  0.70927776  27.56850  
38 'point symmetry operation' ?     ?     0.10072741  0.51707827  -0.84999071 77.22790  0.51891507  -0.75623199 -0.39854798 -96.70407  -0.84887012 -0.40092833 -0.34449342 41.10323  
39 'point symmetry operation' ?     ?     0.59762903  0.71249075  -0.36769072 60.44978  0.78041063  -0.41177435 0.47053269  -111.36996 0.18384404  -0.56815307 -0.80212468 20.08293  
40 'point symmetry operation' ?     ?     0.25632558  0.94044564  0.22329157  63.22550  -0.02781956 -0.22373588 0.97425291  -96.29970  0.96618977  -0.25593854 -0.03118670 -6.44320  
41 'point symmetry operation' ?     ?     -0.39004669 -0.18966795 -0.90104945 52.57246  -0.57145532 0.81716513  0.07536122  2.09064    0.72201253  0.54430419  -0.42711944 55.68532  
42 'point symmetry operation' ?     ?     0.74177383  -0.08345254 -0.66543716 22.54210  -0.53311301 0.52862508  -0.66056498 8.13010    0.40689318  0.84474314  0.34763109  56.07474  
43 'point symmetry operation' ?     ?     0.84604359  0.34029099  0.41038090  9.77615   0.23046961  0.46066839  -0.85712809 -8.75752   -0.48072183 0.81974803  0.31131901  78.21732  
44 'point symmetry operation' ?     ?     -0.22133616 0.49596340  0.83966123  31.91685  0.66404900  0.70720822  -0.24268289 -25.23394  -0.71417677 0.50386196  -0.48587506 91.51274  
45 'point symmetry operation' ?     ?     -0.98528234 0.16843143  0.02915454  58.36632  0.16843159  0.92753549  0.33362882  -18.52943  0.02915133  0.33362960  -0.94225315 77.58721  
46 'point symmetry operation' ?     ?     -0.08693222 0.98994773  0.11156419  78.04352  0.01680610  0.11343021  -0.99340354 -18.12349  -0.99607263 -0.08448373 -0.02649800 52.26490  
47 'point symmetry operation' ?     ?     -0.47660003 0.84146682  -0.25452907 91.08573  0.84146644  0.35282207  -0.40920671 -43.91726  -0.25452995 -0.40920641 -0.87622203 42.11453  
48 'point symmetry operation' ?     ?     -0.22133803 0.66404865  -0.71417688 89.17720  0.49596112  0.70721012  0.50386185  -44.09362  0.83966162  -0.24268055 -0.48587409 11.54038  
49 'point symmetry operation' ?     ?     0.32609317  0.70287602  -0.63216194 74.95547  -0.54223469 0.68684432  0.48396918  -18.40891  0.77436685  0.18496138  0.60509951  2.79504   
50 'point symmetry operation' ?     ?     0.40915723  0.90429503  -0.12182491 68.07449  -0.83836796 0.31986455  -0.44139049 -2.35847   -0.36017929 0.28273183  0.88900722  27.96411  
51 'point symmetry operation' ?     ?     -0.44995208 -0.78947941 0.41745088  -19.48235 0.88680184  -0.45019216 0.10444668  -104.82483 0.10547440  0.41719218  0.90267724  23.14388  
52 'point symmetry operation' ?     ?     -0.22726334 -0.97228410 -0.05490633 -20.47036 0.34171333  -0.13241587 0.93042875  -99.27375  -0.91191209 0.19269046  0.36233521  53.25458  
53 'point symmetry operation' ?     ?     0.32322019  -0.94630634 -0.00570656 -34.45583 -0.66834616 -0.23254146 0.70656773  -72.34512  -0.66995658 -0.22456317 -0.70762273 57.46230  
54 'point symmetry operation' ?     ?     0.44074959  -0.74744702 0.49705384  -42.11137 -0.74750544 -0.61220146 -0.25777036 -61.25337  0.49696616  -0.25793818 -0.82854813 29.95203  
55 'point symmetry operation' ?     ?     -0.03709577 -0.65052293 0.75858023  -32.85717 0.21362942  -0.74671650 -0.62990260 -81.32696  0.97620994  0.13868868  0.16667127  8.74199   
56 'point symmetry operation' ?     ?     0.92811426  -0.01263667 0.37208051  -10.39000 -0.33239514 -0.47826408 0.81288190  -97.53164  0.16768011  -0.87812545 -0.44808418 -7.39864  
57 'point symmetry operation' ?     ?     -0.03693292 0.21299525  0.97635524  7.57750   -0.65026793 -0.74699922 0.13836262  -83.32678  0.75880642  -0.62978196 0.16609314  -27.74164 
58 'point symmetry operation' ?     ?     -0.94847937 -0.05921890 0.31125579  36.27244  -0.05800634 -0.93331904 -0.35433137 -93.19785  0.31148434  -0.35413151 0.88179840  -23.54545 
59 'point symmetry operation' ?     ?     -0.54679900 -0.45308733 -0.70407575 36.03939  0.62590786  -0.77973880 0.01568452  -113.50339 -0.55610167 -0.43210992 0.70995180  -0.60905  
60 'point symmetry operation' ?     ?     0.61299907  -0.42429772 -0.66648540 7.20032   0.45632809  -0.49850159 0.73706216  -116.18182 -0.64497784 -0.75595518 -0.11196248 9.37022  
# 
_pdbx_point_symmetry.entry_id             5CVZ 
_pdbx_point_symmetry.Schoenflies_symbol   I 
_pdbx_point_symmetry.circular_symmetry    ? 
_pdbx_point_symmetry.H-M_notation         ? 
# 
loop_
_pdbx_audit_revision_history.ordinal 
_pdbx_audit_revision_history.data_content_type 
_pdbx_audit_revision_history.major_revision 
_pdbx_audit_revision_history.minor_revision 
_pdbx_audit_revision_history.revision_date 
1 'Structure model' 1 0 2017-10-11 
2 'Structure model' 1 1 2017-10-18 
3 'Structure model' 1 2 2018-03-21 
4 'Structure model' 1 3 2019-12-25 
5 'Structure model' 1 4 2023-09-27 
# 
_pdbx_audit_revision_details.ordinal             1 
_pdbx_audit_revision_details.revision_ordinal    1 
_pdbx_audit_revision_details.data_content_type   'Structure model' 
_pdbx_audit_revision_details.provider            repository 
_pdbx_audit_revision_details.type                'Initial release' 
_pdbx_audit_revision_details.description         ? 
_pdbx_audit_revision_details.details             ? 
# 
loop_
_pdbx_audit_revision_group.ordinal 
_pdbx_audit_revision_group.revision_ordinal 
_pdbx_audit_revision_group.data_content_type 
_pdbx_audit_revision_group.group 
1 2 'Structure model' 'Author supporting evidence' 
2 3 'Structure model' 'Data collection'            
3 4 'Structure model' 'Author supporting evidence' 
4 5 'Structure model' 'Data collection'            
5 5 'Structure model' 'Database references'        
6 5 'Structure model' 'Derived calculations'       
7 5 'Structure model' 'Refinement description'     
# 
loop_
_pdbx_audit_revision_category.ordinal 
_pdbx_audit_revision_category.revision_ordinal 
_pdbx_audit_revision_category.data_content_type 
_pdbx_audit_revision_category.category 
1 2 'Structure model' pdbx_audit_support            
2 3 'Structure model' diffrn_detector               
3 4 'Structure model' pdbx_audit_support            
4 5 'Structure model' chem_comp_atom                
5 5 'Structure model' chem_comp_bond                
6 5 'Structure model' database_2                    
7 5 'Structure model' pdbx_initial_refinement_model 
8 5 'Structure model' pdbx_struct_oper_list         
# 
loop_
_pdbx_audit_revision_item.ordinal 
_pdbx_audit_revision_item.revision_ordinal 
_pdbx_audit_revision_item.data_content_type 
_pdbx_audit_revision_item.item 
1 2 'Structure model' '_pdbx_audit_support.funding_organization'  
2 3 'Structure model' '_diffrn_detector.pdbx_collection_date'     
3 4 'Structure model' '_pdbx_audit_support.funding_organization'  
4 5 'Structure model' '_database_2.pdbx_DOI'                      
5 5 'Structure model' '_database_2.pdbx_database_accession'       
6 5 'Structure model' '_pdbx_struct_oper_list.name'               
7 5 'Structure model' '_pdbx_struct_oper_list.symmetry_operation' 
8 5 'Structure model' '_pdbx_struct_oper_list.type'               
# 
loop_
_software.citation_id 
_software.classification 
_software.compiler_name 
_software.compiler_version 
_software.contact_author 
_software.contact_author_email 
_software.date 
_software.description 
_software.dependencies 
_software.hardware 
_software.language 
_software.location 
_software.mods 
_software.name 
_software.os 
_software.os_version 
_software.type 
_software.version 
_software.pdbx_ordinal 
? refinement        ? ? ? ? ? ? ? ? ? ? ? CNS      ? ? ? . 1 
? 'data processing' ? ? ? ? ? ? ? ? ? ? ? HKL-2000 ? ? ? . 2 
? phasing           ? ? ? ? ? ? ? ? ? ? ? X-PLOR   ? ? ? . 3 
? 'model building'  ? ? ? ? ? ? ? ? ? ? ? O        ? ? ? . 4 
# 
_pdbx_validate_rmsd_angle.id                         1 
_pdbx_validate_rmsd_angle.PDB_model_num              1 
_pdbx_validate_rmsd_angle.auth_atom_id_1             C 
_pdbx_validate_rmsd_angle.auth_asym_id_1             A 
_pdbx_validate_rmsd_angle.auth_comp_id_1             PHE 
_pdbx_validate_rmsd_angle.auth_seq_id_1              44 
_pdbx_validate_rmsd_angle.PDB_ins_code_1             ? 
_pdbx_validate_rmsd_angle.label_alt_id_1             ? 
_pdbx_validate_rmsd_angle.auth_atom_id_2             N 
_pdbx_validate_rmsd_angle.auth_asym_id_2             A 
_pdbx_validate_rmsd_angle.auth_comp_id_2             PRO 
_pdbx_validate_rmsd_angle.auth_seq_id_2              45 
_pdbx_validate_rmsd_angle.PDB_ins_code_2             ? 
_pdbx_validate_rmsd_angle.label_alt_id_2             ? 
_pdbx_validate_rmsd_angle.auth_atom_id_3             CA 
_pdbx_validate_rmsd_angle.auth_asym_id_3             A 
_pdbx_validate_rmsd_angle.auth_comp_id_3             PRO 
_pdbx_validate_rmsd_angle.auth_seq_id_3              45 
_pdbx_validate_rmsd_angle.PDB_ins_code_3             ? 
_pdbx_validate_rmsd_angle.label_alt_id_3             ? 
_pdbx_validate_rmsd_angle.angle_value                128.52 
_pdbx_validate_rmsd_angle.angle_target_value         119.30 
_pdbx_validate_rmsd_angle.angle_deviation            9.22 
_pdbx_validate_rmsd_angle.angle_standard_deviation   1.50 
_pdbx_validate_rmsd_angle.linker_flag                Y 
# 
loop_
_pdbx_validate_torsion.id 
_pdbx_validate_torsion.PDB_model_num 
_pdbx_validate_torsion.auth_comp_id 
_pdbx_validate_torsion.auth_asym_id 
_pdbx_validate_torsion.auth_seq_id 
_pdbx_validate_torsion.PDB_ins_code 
_pdbx_validate_torsion.label_alt_id 
_pdbx_validate_torsion.phi 
_pdbx_validate_torsion.psi 
1 1 VAL A 29 ? ? 176.42  169.23 
2 1 LEU A 70 ? ? -173.28 142.58 
# 
loop_
_chem_comp_atom.comp_id 
_chem_comp_atom.atom_id 
_chem_comp_atom.type_symbol 
_chem_comp_atom.pdbx_aromatic_flag 
_chem_comp_atom.pdbx_stereo_config 
_chem_comp_atom.pdbx_ordinal 
ALA N    N N N 1   
ALA CA   C N S 2   
ALA C    C N N 3   
ALA O    O N N 4   
ALA CB   C N N 5   
ALA OXT  O N N 6   
ALA H    H N N 7   
ALA H2   H N N 8   
ALA HA   H N N 9   
ALA HB1  H N N 10  
ALA HB2  H N N 11  
ALA HB3  H N N 12  
ALA HXT  H N N 13  
ARG N    N N N 14  
ARG CA   C N S 15  
ARG C    C N N 16  
ARG O    O N N 17  
ARG CB   C N N 18  
ARG CG   C N N 19  
ARG CD   C N N 20  
ARG NE   N N N 21  
ARG CZ   C N N 22  
ARG NH1  N N N 23  
ARG NH2  N N N 24  
ARG OXT  O N N 25  
ARG H    H N N 26  
ARG H2   H N N 27  
ARG HA   H N N 28  
ARG HB2  H N N 29  
ARG HB3  H N N 30  
ARG HG2  H N N 31  
ARG HG3  H N N 32  
ARG HD2  H N N 33  
ARG HD3  H N N 34  
ARG HE   H N N 35  
ARG HH11 H N N 36  
ARG HH12 H N N 37  
ARG HH21 H N N 38  
ARG HH22 H N N 39  
ARG HXT  H N N 40  
ASN N    N N N 41  
ASN CA   C N S 42  
ASN C    C N N 43  
ASN O    O N N 44  
ASN CB   C N N 45  
ASN CG   C N N 46  
ASN OD1  O N N 47  
ASN ND2  N N N 48  
ASN OXT  O N N 49  
ASN H    H N N 50  
ASN H2   H N N 51  
ASN HA   H N N 52  
ASN HB2  H N N 53  
ASN HB3  H N N 54  
ASN HD21 H N N 55  
ASN HD22 H N N 56  
ASN HXT  H N N 57  
ASP N    N N N 58  
ASP CA   C N S 59  
ASP C    C N N 60  
ASP O    O N N 61  
ASP CB   C N N 62  
ASP CG   C N N 63  
ASP OD1  O N N 64  
ASP OD2  O N N 65  
ASP OXT  O N N 66  
ASP H    H N N 67  
ASP H2   H N N 68  
ASP HA   H N N 69  
ASP HB2  H N N 70  
ASP HB3  H N N 71  
ASP HD2  H N N 72  
ASP HXT  H N N 73  
CYS N    N N N 74  
CYS CA   C N R 75  
CYS C    C N N 76  
CYS O    O N N 77  
CYS CB   C N N 78  
CYS SG   S N N 79  
CYS OXT  O N N 80  
CYS H    H N N 81  
CYS H2   H N N 82  
CYS HA   H N N 83  
CYS HB2  H N N 84  
CYS HB3  H N N 85  
CYS HG   H N N 86  
CYS HXT  H N N 87  
GLN N    N N N 88  
GLN CA   C N S 89  
GLN C    C N N 90  
GLN O    O N N 91  
GLN CB   C N N 92  
GLN CG   C N N 93  
GLN CD   C N N 94  
GLN OE1  O N N 95  
GLN NE2  N N N 96  
GLN OXT  O N N 97  
GLN H    H N N 98  
GLN H2   H N N 99  
GLN HA   H N N 100 
GLN HB2  H N N 101 
GLN HB3  H N N 102 
GLN HG2  H N N 103 
GLN HG3  H N N 104 
GLN HE21 H N N 105 
GLN HE22 H N N 106 
GLN HXT  H N N 107 
GLU N    N N N 108 
GLU CA   C N S 109 
GLU C    C N N 110 
GLU O    O N N 111 
GLU CB   C N N 112 
GLU CG   C N N 113 
GLU CD   C N N 114 
GLU OE1  O N N 115 
GLU OE2  O N N 116 
GLU OXT  O N N 117 
GLU H    H N N 118 
GLU H2   H N N 119 
GLU HA   H N N 120 
GLU HB2  H N N 121 
GLU HB3  H N N 122 
GLU HG2  H N N 123 
GLU HG3  H N N 124 
GLU HE2  H N N 125 
GLU HXT  H N N 126 
GLY N    N N N 127 
GLY CA   C N N 128 
GLY C    C N N 129 
GLY O    O N N 130 
GLY OXT  O N N 131 
GLY H    H N N 132 
GLY H2   H N N 133 
GLY HA2  H N N 134 
GLY HA3  H N N 135 
GLY HXT  H N N 136 
HIS N    N N N 137 
HIS CA   C N S 138 
HIS C    C N N 139 
HIS O    O N N 140 
HIS CB   C N N 141 
HIS CG   C Y N 142 
HIS ND1  N Y N 143 
HIS CD2  C Y N 144 
HIS CE1  C Y N 145 
HIS NE2  N Y N 146 
HIS OXT  O N N 147 
HIS H    H N N 148 
HIS H2   H N N 149 
HIS HA   H N N 150 
HIS HB2  H N N 151 
HIS HB3  H N N 152 
HIS HD1  H N N 153 
HIS HD2  H N N 154 
HIS HE1  H N N 155 
HIS HE2  H N N 156 
HIS HXT  H N N 157 
ILE N    N N N 158 
ILE CA   C N S 159 
ILE C    C N N 160 
ILE O    O N N 161 
ILE CB   C N S 162 
ILE CG1  C N N 163 
ILE CG2  C N N 164 
ILE CD1  C N N 165 
ILE OXT  O N N 166 
ILE H    H N N 167 
ILE H2   H N N 168 
ILE HA   H N N 169 
ILE HB   H N N 170 
ILE HG12 H N N 171 
ILE HG13 H N N 172 
ILE HG21 H N N 173 
ILE HG22 H N N 174 
ILE HG23 H N N 175 
ILE HD11 H N N 176 
ILE HD12 H N N 177 
ILE HD13 H N N 178 
ILE HXT  H N N 179 
LEU N    N N N 180 
LEU CA   C N S 181 
LEU C    C N N 182 
LEU O    O N N 183 
LEU CB   C N N 184 
LEU CG   C N N 185 
LEU CD1  C N N 186 
LEU CD2  C N N 187 
LEU OXT  O N N 188 
LEU H    H N N 189 
LEU H2   H N N 190 
LEU HA   H N N 191 
LEU HB2  H N N 192 
LEU HB3  H N N 193 
LEU HG   H N N 194 
LEU HD11 H N N 195 
LEU HD12 H N N 196 
LEU HD13 H N N 197 
LEU HD21 H N N 198 
LEU HD22 H N N 199 
LEU HD23 H N N 200 
LEU HXT  H N N 201 
LYS N    N N N 202 
LYS CA   C N S 203 
LYS C    C N N 204 
LYS O    O N N 205 
LYS CB   C N N 206 
LYS CG   C N N 207 
LYS CD   C N N 208 
LYS CE   C N N 209 
LYS NZ   N N N 210 
LYS OXT  O N N 211 
LYS H    H N N 212 
LYS H2   H N N 213 
LYS HA   H N N 214 
LYS HB2  H N N 215 
LYS HB3  H N N 216 
LYS HG2  H N N 217 
LYS HG3  H N N 218 
LYS HD2  H N N 219 
LYS HD3  H N N 220 
LYS HE2  H N N 221 
LYS HE3  H N N 222 
LYS HZ1  H N N 223 
LYS HZ2  H N N 224 
LYS HZ3  H N N 225 
LYS HXT  H N N 226 
MET N    N N N 227 
MET CA   C N S 228 
MET C    C N N 229 
MET O    O N N 230 
MET CB   C N N 231 
MET CG   C N N 232 
MET SD   S N N 233 
MET CE   C N N 234 
MET OXT  O N N 235 
MET H    H N N 236 
MET H2   H N N 237 
MET HA   H N N 238 
MET HB2  H N N 239 
MET HB3  H N N 240 
MET HG2  H N N 241 
MET HG3  H N N 242 
MET HE1  H N N 243 
MET HE2  H N N 244 
MET HE3  H N N 245 
MET HXT  H N N 246 
PHE N    N N N 247 
PHE CA   C N S 248 
PHE C    C N N 249 
PHE O    O N N 250 
PHE CB   C N N 251 
PHE CG   C Y N 252 
PHE CD1  C Y N 253 
PHE CD2  C Y N 254 
PHE CE1  C Y N 255 
PHE CE2  C Y N 256 
PHE CZ   C Y N 257 
PHE OXT  O N N 258 
PHE H    H N N 259 
PHE H2   H N N 260 
PHE HA   H N N 261 
PHE HB2  H N N 262 
PHE HB3  H N N 263 
PHE HD1  H N N 264 
PHE HD2  H N N 265 
PHE HE1  H N N 266 
PHE HE2  H N N 267 
PHE HZ   H N N 268 
PHE HXT  H N N 269 
PRO N    N N N 270 
PRO CA   C N S 271 
PRO C    C N N 272 
PRO O    O N N 273 
PRO CB   C N N 274 
PRO CG   C N N 275 
PRO CD   C N N 276 
PRO OXT  O N N 277 
PRO H    H N N 278 
PRO HA   H N N 279 
PRO HB2  H N N 280 
PRO HB3  H N N 281 
PRO HG2  H N N 282 
PRO HG3  H N N 283 
PRO HD2  H N N 284 
PRO HD3  H N N 285 
PRO HXT  H N N 286 
SER N    N N N 287 
SER CA   C N S 288 
SER C    C N N 289 
SER O    O N N 290 
SER CB   C N N 291 
SER OG   O N N 292 
SER OXT  O N N 293 
SER H    H N N 294 
SER H2   H N N 295 
SER HA   H N N 296 
SER HB2  H N N 297 
SER HB3  H N N 298 
SER HG   H N N 299 
SER HXT  H N N 300 
THR N    N N N 301 
THR CA   C N S 302 
THR C    C N N 303 
THR O    O N N 304 
THR CB   C N R 305 
THR OG1  O N N 306 
THR CG2  C N N 307 
THR OXT  O N N 308 
THR H    H N N 309 
THR H2   H N N 310 
THR HA   H N N 311 
THR HB   H N N 312 
THR HG1  H N N 313 
THR HG21 H N N 314 
THR HG22 H N N 315 
THR HG23 H N N 316 
THR HXT  H N N 317 
TRP N    N N N 318 
TRP CA   C N S 319 
TRP C    C N N 320 
TRP O    O N N 321 
TRP CB   C N N 322 
TRP CG   C Y N 323 
TRP CD1  C Y N 324 
TRP CD2  C Y N 325 
TRP NE1  N Y N 326 
TRP CE2  C Y N 327 
TRP CE3  C Y N 328 
TRP CZ2  C Y N 329 
TRP CZ3  C Y N 330 
TRP CH2  C Y N 331 
TRP OXT  O N N 332 
TRP H    H N N 333 
TRP H2   H N N 334 
TRP HA   H N N 335 
TRP HB2  H N N 336 
TRP HB3  H N N 337 
TRP HD1  H N N 338 
TRP HE1  H N N 339 
TRP HE3  H N N 340 
TRP HZ2  H N N 341 
TRP HZ3  H N N 342 
TRP HH2  H N N 343 
TRP HXT  H N N 344 
TYR N    N N N 345 
TYR CA   C N S 346 
TYR C    C N N 347 
TYR O    O N N 348 
TYR CB   C N N 349 
TYR CG   C Y N 350 
TYR CD1  C Y N 351 
TYR CD2  C Y N 352 
TYR CE1  C Y N 353 
TYR CE2  C Y N 354 
TYR CZ   C Y N 355 
TYR OH   O N N 356 
TYR OXT  O N N 357 
TYR H    H N N 358 
TYR H2   H N N 359 
TYR HA   H N N 360 
TYR HB2  H N N 361 
TYR HB3  H N N 362 
TYR HD1  H N N 363 
TYR HD2  H N N 364 
TYR HE1  H N N 365 
TYR HE2  H N N 366 
TYR HH   H N N 367 
TYR HXT  H N N 368 
VAL N    N N N 369 
VAL CA   C N S 370 
VAL C    C N N 371 
VAL O    O N N 372 
VAL CB   C N N 373 
VAL CG1  C N N 374 
VAL CG2  C N N 375 
VAL OXT  O N N 376 
VAL H    H N N 377 
VAL H2   H N N 378 
VAL HA   H N N 379 
VAL HB   H N N 380 
VAL HG11 H N N 381 
VAL HG12 H N N 382 
VAL HG13 H N N 383 
VAL HG21 H N N 384 
VAL HG22 H N N 385 
VAL HG23 H N N 386 
VAL HXT  H N N 387 
# 
loop_
_chem_comp_bond.comp_id 
_chem_comp_bond.atom_id_1 
_chem_comp_bond.atom_id_2 
_chem_comp_bond.value_order 
_chem_comp_bond.pdbx_aromatic_flag 
_chem_comp_bond.pdbx_stereo_config 
_chem_comp_bond.pdbx_ordinal 
ALA N   CA   sing N N 1   
ALA N   H    sing N N 2   
ALA N   H2   sing N N 3   
ALA CA  C    sing N N 4   
ALA CA  CB   sing N N 5   
ALA CA  HA   sing N N 6   
ALA C   O    doub N N 7   
ALA C   OXT  sing N N 8   
ALA CB  HB1  sing N N 9   
ALA CB  HB2  sing N N 10  
ALA CB  HB3  sing N N 11  
ALA OXT HXT  sing N N 12  
ARG N   CA   sing N N 13  
ARG N   H    sing N N 14  
ARG N   H2   sing N N 15  
ARG CA  C    sing N N 16  
ARG CA  CB   sing N N 17  
ARG CA  HA   sing N N 18  
ARG C   O    doub N N 19  
ARG C   OXT  sing N N 20  
ARG CB  CG   sing N N 21  
ARG CB  HB2  sing N N 22  
ARG CB  HB3  sing N N 23  
ARG CG  CD   sing N N 24  
ARG CG  HG2  sing N N 25  
ARG CG  HG3  sing N N 26  
ARG CD  NE   sing N N 27  
ARG CD  HD2  sing N N 28  
ARG CD  HD3  sing N N 29  
ARG NE  CZ   sing N N 30  
ARG NE  HE   sing N N 31  
ARG CZ  NH1  sing N N 32  
ARG CZ  NH2  doub N N 33  
ARG NH1 HH11 sing N N 34  
ARG NH1 HH12 sing N N 35  
ARG NH2 HH21 sing N N 36  
ARG NH2 HH22 sing N N 37  
ARG OXT HXT  sing N N 38  
ASN N   CA   sing N N 39  
ASN N   H    sing N N 40  
ASN N   H2   sing N N 41  
ASN CA  C    sing N N 42  
ASN CA  CB   sing N N 43  
ASN CA  HA   sing N N 44  
ASN C   O    doub N N 45  
ASN C   OXT  sing N N 46  
ASN CB  CG   sing N N 47  
ASN CB  HB2  sing N N 48  
ASN CB  HB3  sing N N 49  
ASN CG  OD1  doub N N 50  
ASN CG  ND2  sing N N 51  
ASN ND2 HD21 sing N N 52  
ASN ND2 HD22 sing N N 53  
ASN OXT HXT  sing N N 54  
ASP N   CA   sing N N 55  
ASP N   H    sing N N 56  
ASP N   H2   sing N N 57  
ASP CA  C    sing N N 58  
ASP CA  CB   sing N N 59  
ASP CA  HA   sing N N 60  
ASP C   O    doub N N 61  
ASP C   OXT  sing N N 62  
ASP CB  CG   sing N N 63  
ASP CB  HB2  sing N N 64  
ASP CB  HB3  sing N N 65  
ASP CG  OD1  doub N N 66  
ASP CG  OD2  sing N N 67  
ASP OD2 HD2  sing N N 68  
ASP OXT HXT  sing N N 69  
CYS N   CA   sing N N 70  
CYS N   H    sing N N 71  
CYS N   H2   sing N N 72  
CYS CA  C    sing N N 73  
CYS CA  CB   sing N N 74  
CYS CA  HA   sing N N 75  
CYS C   O    doub N N 76  
CYS C   OXT  sing N N 77  
CYS CB  SG   sing N N 78  
CYS CB  HB2  sing N N 79  
CYS CB  HB3  sing N N 80  
CYS SG  HG   sing N N 81  
CYS OXT HXT  sing N N 82  
GLN N   CA   sing N N 83  
GLN N   H    sing N N 84  
GLN N   H2   sing N N 85  
GLN CA  C    sing N N 86  
GLN CA  CB   sing N N 87  
GLN CA  HA   sing N N 88  
GLN C   O    doub N N 89  
GLN C   OXT  sing N N 90  
GLN CB  CG   sing N N 91  
GLN CB  HB2  sing N N 92  
GLN CB  HB3  sing N N 93  
GLN CG  CD   sing N N 94  
GLN CG  HG2  sing N N 95  
GLN CG  HG3  sing N N 96  
GLN CD  OE1  doub N N 97  
GLN CD  NE2  sing N N 98  
GLN NE2 HE21 sing N N 99  
GLN NE2 HE22 sing N N 100 
GLN OXT HXT  sing N N 101 
GLU N   CA   sing N N 102 
GLU N   H    sing N N 103 
GLU N   H2   sing N N 104 
GLU CA  C    sing N N 105 
GLU CA  CB   sing N N 106 
GLU CA  HA   sing N N 107 
GLU C   O    doub N N 108 
GLU C   OXT  sing N N 109 
GLU CB  CG   sing N N 110 
GLU CB  HB2  sing N N 111 
GLU CB  HB3  sing N N 112 
GLU CG  CD   sing N N 113 
GLU CG  HG2  sing N N 114 
GLU CG  HG3  sing N N 115 
GLU CD  OE1  doub N N 116 
GLU CD  OE2  sing N N 117 
GLU OE2 HE2  sing N N 118 
GLU OXT HXT  sing N N 119 
GLY N   CA   sing N N 120 
GLY N   H    sing N N 121 
GLY N   H2   sing N N 122 
GLY CA  C    sing N N 123 
GLY CA  HA2  sing N N 124 
GLY CA  HA3  sing N N 125 
GLY C   O    doub N N 126 
GLY C   OXT  sing N N 127 
GLY OXT HXT  sing N N 128 
HIS N   CA   sing N N 129 
HIS N   H    sing N N 130 
HIS N   H2   sing N N 131 
HIS CA  C    sing N N 132 
HIS CA  CB   sing N N 133 
HIS CA  HA   sing N N 134 
HIS C   O    doub N N 135 
HIS C   OXT  sing N N 136 
HIS CB  CG   sing N N 137 
HIS CB  HB2  sing N N 138 
HIS CB  HB3  sing N N 139 
HIS CG  ND1  sing Y N 140 
HIS CG  CD2  doub Y N 141 
HIS ND1 CE1  doub Y N 142 
HIS ND1 HD1  sing N N 143 
HIS CD2 NE2  sing Y N 144 
HIS CD2 HD2  sing N N 145 
HIS CE1 NE2  sing Y N 146 
HIS CE1 HE1  sing N N 147 
HIS NE2 HE2  sing N N 148 
HIS OXT HXT  sing N N 149 
ILE N   CA   sing N N 150 
ILE N   H    sing N N 151 
ILE N   H2   sing N N 152 
ILE CA  C    sing N N 153 
ILE CA  CB   sing N N 154 
ILE CA  HA   sing N N 155 
ILE C   O    doub N N 156 
ILE C   OXT  sing N N 157 
ILE CB  CG1  sing N N 158 
ILE CB  CG2  sing N N 159 
ILE CB  HB   sing N N 160 
ILE CG1 CD1  sing N N 161 
ILE CG1 HG12 sing N N 162 
ILE CG1 HG13 sing N N 163 
ILE CG2 HG21 sing N N 164 
ILE CG2 HG22 sing N N 165 
ILE CG2 HG23 sing N N 166 
ILE CD1 HD11 sing N N 167 
ILE CD1 HD12 sing N N 168 
ILE CD1 HD13 sing N N 169 
ILE OXT HXT  sing N N 170 
LEU N   CA   sing N N 171 
LEU N   H    sing N N 172 
LEU N   H2   sing N N 173 
LEU CA  C    sing N N 174 
LEU CA  CB   sing N N 175 
LEU CA  HA   sing N N 176 
LEU C   O    doub N N 177 
LEU C   OXT  sing N N 178 
LEU CB  CG   sing N N 179 
LEU CB  HB2  sing N N 180 
LEU CB  HB3  sing N N 181 
LEU CG  CD1  sing N N 182 
LEU CG  CD2  sing N N 183 
LEU CG  HG   sing N N 184 
LEU CD1 HD11 sing N N 185 
LEU CD1 HD12 sing N N 186 
LEU CD1 HD13 sing N N 187 
LEU CD2 HD21 sing N N 188 
LEU CD2 HD22 sing N N 189 
LEU CD2 HD23 sing N N 190 
LEU OXT HXT  sing N N 191 
LYS N   CA   sing N N 192 
LYS N   H    sing N N 193 
LYS N   H2   sing N N 194 
LYS CA  C    sing N N 195 
LYS CA  CB   sing N N 196 
LYS CA  HA   sing N N 197 
LYS C   O    doub N N 198 
LYS C   OXT  sing N N 199 
LYS CB  CG   sing N N 200 
LYS CB  HB2  sing N N 201 
LYS CB  HB3  sing N N 202 
LYS CG  CD   sing N N 203 
LYS CG  HG2  sing N N 204 
LYS CG  HG3  sing N N 205 
LYS CD  CE   sing N N 206 
LYS CD  HD2  sing N N 207 
LYS CD  HD3  sing N N 208 
LYS CE  NZ   sing N N 209 
LYS CE  HE2  sing N N 210 
LYS CE  HE3  sing N N 211 
LYS NZ  HZ1  sing N N 212 
LYS NZ  HZ2  sing N N 213 
LYS NZ  HZ3  sing N N 214 
LYS OXT HXT  sing N N 215 
MET N   CA   sing N N 216 
MET N   H    sing N N 217 
MET N   H2   sing N N 218 
MET CA  C    sing N N 219 
MET CA  CB   sing N N 220 
MET CA  HA   sing N N 221 
MET C   O    doub N N 222 
MET C   OXT  sing N N 223 
MET CB  CG   sing N N 224 
MET CB  HB2  sing N N 225 
MET CB  HB3  sing N N 226 
MET CG  SD   sing N N 227 
MET CG  HG2  sing N N 228 
MET CG  HG3  sing N N 229 
MET SD  CE   sing N N 230 
MET CE  HE1  sing N N 231 
MET CE  HE2  sing N N 232 
MET CE  HE3  sing N N 233 
MET OXT HXT  sing N N 234 
PHE N   CA   sing N N 235 
PHE N   H    sing N N 236 
PHE N   H2   sing N N 237 
PHE CA  C    sing N N 238 
PHE CA  CB   sing N N 239 
PHE CA  HA   sing N N 240 
PHE C   O    doub N N 241 
PHE C   OXT  sing N N 242 
PHE CB  CG   sing N N 243 
PHE CB  HB2  sing N N 244 
PHE CB  HB3  sing N N 245 
PHE CG  CD1  doub Y N 246 
PHE CG  CD2  sing Y N 247 
PHE CD1 CE1  sing Y N 248 
PHE CD1 HD1  sing N N 249 
PHE CD2 CE2  doub Y N 250 
PHE CD2 HD2  sing N N 251 
PHE CE1 CZ   doub Y N 252 
PHE CE1 HE1  sing N N 253 
PHE CE2 CZ   sing Y N 254 
PHE CE2 HE2  sing N N 255 
PHE CZ  HZ   sing N N 256 
PHE OXT HXT  sing N N 257 
PRO N   CA   sing N N 258 
PRO N   CD   sing N N 259 
PRO N   H    sing N N 260 
PRO CA  C    sing N N 261 
PRO CA  CB   sing N N 262 
PRO CA  HA   sing N N 263 
PRO C   O    doub N N 264 
PRO C   OXT  sing N N 265 
PRO CB  CG   sing N N 266 
PRO CB  HB2  sing N N 267 
PRO CB  HB3  sing N N 268 
PRO CG  CD   sing N N 269 
PRO CG  HG2  sing N N 270 
PRO CG  HG3  sing N N 271 
PRO CD  HD2  sing N N 272 
PRO CD  HD3  sing N N 273 
PRO OXT HXT  sing N N 274 
SER N   CA   sing N N 275 
SER N   H    sing N N 276 
SER N   H2   sing N N 277 
SER CA  C    sing N N 278 
SER CA  CB   sing N N 279 
SER CA  HA   sing N N 280 
SER C   O    doub N N 281 
SER C   OXT  sing N N 282 
SER CB  OG   sing N N 283 
SER CB  HB2  sing N N 284 
SER CB  HB3  sing N N 285 
SER OG  HG   sing N N 286 
SER OXT HXT  sing N N 287 
THR N   CA   sing N N 288 
THR N   H    sing N N 289 
THR N   H2   sing N N 290 
THR CA  C    sing N N 291 
THR CA  CB   sing N N 292 
THR CA  HA   sing N N 293 
THR C   O    doub N N 294 
THR C   OXT  sing N N 295 
THR CB  OG1  sing N N 296 
THR CB  CG2  sing N N 297 
THR CB  HB   sing N N 298 
THR OG1 HG1  sing N N 299 
THR CG2 HG21 sing N N 300 
THR CG2 HG22 sing N N 301 
THR CG2 HG23 sing N N 302 
THR OXT HXT  sing N N 303 
TRP N   CA   sing N N 304 
TRP N   H    sing N N 305 
TRP N   H2   sing N N 306 
TRP CA  C    sing N N 307 
TRP CA  CB   sing N N 308 
TRP CA  HA   sing N N 309 
TRP C   O    doub N N 310 
TRP C   OXT  sing N N 311 
TRP CB  CG   sing N N 312 
TRP CB  HB2  sing N N 313 
TRP CB  HB3  sing N N 314 
TRP CG  CD1  doub Y N 315 
TRP CG  CD2  sing Y N 316 
TRP CD1 NE1  sing Y N 317 
TRP CD1 HD1  sing N N 318 
TRP CD2 CE2  doub Y N 319 
TRP CD2 CE3  sing Y N 320 
TRP NE1 CE2  sing Y N 321 
TRP NE1 HE1  sing N N 322 
TRP CE2 CZ2  sing Y N 323 
TRP CE3 CZ3  doub Y N 324 
TRP CE3 HE3  sing N N 325 
TRP CZ2 CH2  doub Y N 326 
TRP CZ2 HZ2  sing N N 327 
TRP CZ3 CH2  sing Y N 328 
TRP CZ3 HZ3  sing N N 329 
TRP CH2 HH2  sing N N 330 
TRP OXT HXT  sing N N 331 
TYR N   CA   sing N N 332 
TYR N   H    sing N N 333 
TYR N   H2   sing N N 334 
TYR CA  C    sing N N 335 
TYR CA  CB   sing N N 336 
TYR CA  HA   sing N N 337 
TYR C   O    doub N N 338 
TYR C   OXT  sing N N 339 
TYR CB  CG   sing N N 340 
TYR CB  HB2  sing N N 341 
TYR CB  HB3  sing N N 342 
TYR CG  CD1  doub Y N 343 
TYR CG  CD2  sing Y N 344 
TYR CD1 CE1  sing Y N 345 
TYR CD1 HD1  sing N N 346 
TYR CD2 CE2  doub Y N 347 
TYR CD2 HD2  sing N N 348 
TYR CE1 CZ   doub Y N 349 
TYR CE1 HE1  sing N N 350 
TYR CE2 CZ   sing Y N 351 
TYR CE2 HE2  sing N N 352 
TYR CZ  OH   sing N N 353 
TYR OH  HH   sing N N 354 
TYR OXT HXT  sing N N 355 
VAL N   CA   sing N N 356 
VAL N   H    sing N N 357 
VAL N   H2   sing N N 358 
VAL CA  C    sing N N 359 
VAL CA  CB   sing N N 360 
VAL CA  HA   sing N N 361 
VAL C   O    doub N N 362 
VAL C   OXT  sing N N 363 
VAL CB  CG1  sing N N 364 
VAL CB  CG2  sing N N 365 
VAL CB  HB   sing N N 366 
VAL CG1 HG11 sing N N 367 
VAL CG1 HG12 sing N N 368 
VAL CG1 HG13 sing N N 369 
VAL CG2 HG21 sing N N 370 
VAL CG2 HG22 sing N N 371 
VAL CG2 HG23 sing N N 372 
VAL OXT HXT  sing N N 373 
# 
loop_
_pdbx_audit_support.funding_organization 
_pdbx_audit_support.country 
_pdbx_audit_support.grant_number 
_pdbx_audit_support.ordinal 
'National Institutes of Health/National Institute of General Medical Sciences (NIH/NIGMS)' 'United States' GM58868-02 1 
'CNPq - Conselho Nacional de Desenvolvimento Cientifico e Tecnologico'                     Brazil          ?          2 
# 
_pdbx_initial_refinement_model.id               1 
_pdbx_initial_refinement_model.entity_id_list   ? 
_pdbx_initial_refinement_model.type             'experimental model' 
_pdbx_initial_refinement_model.source_name      PDB 
_pdbx_initial_refinement_model.accession_code   1STM 
_pdbx_initial_refinement_model.details          ? 
# 
